data_7N0I
#
_entry.id   7N0I
#
_cell.length_a   75.846
_cell.length_b   131.557
_cell.length_c   140.048
_cell.angle_alpha   90.000
_cell.angle_beta   90.000
_cell.angle_gamma   90.000
#
_symmetry.space_group_name_H-M   'P 21 21 21'
#
loop_
_entity.id
_entity.type
_entity.pdbx_description
1 polymer Nucleoprotein
2 polymer 'Single-domain antibody E2'
3 non-polymer 'ACETATE ION'
4 non-polymer 'MAGNESIUM ION'
5 water water
#
loop_
_entity_poly.entity_id
_entity_poly.type
_entity_poly.pdbx_seq_one_letter_code
_entity_poly.pdbx_strand_id
1 'polypeptide(L)'
;NVTQAFGRRGPEQTQGNFGDQELIRQGTDYKHWPQIAQFAPSASAFFGMSRIGMEVTPSGTWLTYTGAIKLDDKDPNFKD
QVILLNKHIDAYKTFP
;
A,B,C,D,E,F,H,G
2 'polypeptide(L)'
;MAEVQLQASGGGLVQAGGSLRLSCAASGRTDSTQHMAWFRQAPGKEREFVTAIQWRGGGTSYTDSVKGRFTISRDNAKNT
VYLEMNSLKPEDTAVYYCATNTRWTYFSPTVPDRYDYWGQGTQVTVSSAAALEHHHHHH
;
I,J,K,L
#
# COMPACT_ATOMS: atom_id res chain seq x y z
N ASN A 1 6.18 -6.64 36.48
CA ASN A 1 5.13 -5.68 36.10
C ASN A 1 4.26 -6.29 35.00
N VAL A 2 4.91 -6.85 33.98
CA VAL A 2 4.17 -7.48 32.89
C VAL A 2 3.38 -8.65 33.44
N THR A 3 4.00 -9.43 34.34
CA THR A 3 3.28 -10.52 35.00
C THR A 3 2.11 -9.97 35.82
N GLN A 4 2.31 -8.86 36.53
CA GLN A 4 1.25 -8.31 37.38
C GLN A 4 0.07 -7.81 36.56
N ALA A 5 0.33 -7.26 35.37
CA ALA A 5 -0.76 -6.66 34.60
C ALA A 5 -1.52 -7.70 33.80
N PHE A 6 -0.81 -8.62 33.14
CA PHE A 6 -1.43 -9.56 32.23
C PHE A 6 -1.37 -11.02 32.66
N GLY A 7 -0.44 -11.38 33.54
CA GLY A 7 -0.32 -12.73 34.05
C GLY A 7 0.97 -13.40 33.63
N ARG A 8 1.18 -14.59 34.16
CA ARG A 8 2.39 -15.34 33.83
C ARG A 8 2.36 -15.84 32.39
N ARG A 9 3.53 -15.86 31.77
CA ARG A 9 3.66 -16.39 30.42
C ARG A 9 3.51 -17.90 30.40
N GLY A 10 2.72 -18.41 29.46
CA GLY A 10 2.43 -19.82 29.39
C GLY A 10 1.85 -20.25 28.06
N PRO A 11 1.52 -21.54 27.95
CA PRO A 11 1.01 -22.10 26.70
C PRO A 11 -0.51 -22.12 26.57
N GLU A 12 -1.24 -21.68 27.59
CA GLU A 12 -2.68 -21.80 27.57
C GLU A 12 -3.32 -20.63 26.81
N GLN A 13 -4.56 -20.86 26.34
CA GLN A 13 -5.29 -19.84 25.61
C GLN A 13 -5.61 -18.63 26.47
N THR A 14 -5.63 -18.79 27.80
CA THR A 14 -5.91 -17.69 28.71
C THR A 14 -4.65 -16.92 29.10
N GLN A 15 -3.52 -17.17 28.45
CA GLN A 15 -2.25 -16.57 28.84
C GLN A 15 -1.51 -16.06 27.62
N GLY A 16 -0.67 -15.03 27.84
CA GLY A 16 0.26 -14.59 26.83
C GLY A 16 1.57 -15.37 26.87
N ASN A 17 2.34 -15.29 25.78
CA ASN A 17 3.58 -16.05 25.66
C ASN A 17 4.79 -15.18 25.33
N PHE A 18 4.65 -13.86 25.35
CA PHE A 18 5.71 -12.94 24.91
C PHE A 18 6.39 -12.31 26.11
N GLY A 19 7.73 -12.34 26.11
CA GLY A 19 8.50 -11.63 27.12
C GLY A 19 9.47 -12.49 27.91
N ASP A 20 10.75 -12.12 27.95
CA ASP A 20 11.69 -12.79 28.84
C ASP A 20 11.61 -12.14 30.22
N GLN A 21 12.36 -12.66 31.20
CA GLN A 21 12.25 -12.14 32.56
C GLN A 21 12.61 -10.67 32.64
N GLU A 22 13.56 -10.21 31.82
CA GLU A 22 13.94 -8.80 31.85
C GLU A 22 12.77 -7.91 31.42
N LEU A 23 12.15 -8.24 30.27
CA LEU A 23 10.99 -7.49 29.80
C LEU A 23 9.82 -7.65 30.77
N ILE A 24 9.65 -8.85 31.32
CA ILE A 24 8.58 -9.09 32.29
C ILE A 24 8.73 -8.18 33.49
N ARG A 25 9.93 -8.09 34.04
CA ARG A 25 10.12 -7.29 35.25
C ARG A 25 10.08 -5.80 34.97
N GLN A 26 10.71 -5.36 33.88
CA GLN A 26 10.82 -3.93 33.64
C GLN A 26 9.59 -3.39 32.89
N GLY A 27 9.12 -4.09 31.86
CA GLY A 27 7.90 -3.65 31.16
C GLY A 27 8.19 -2.55 30.17
N THR A 28 7.47 -1.44 30.32
CA THR A 28 7.69 -0.29 29.46
C THR A 28 9.04 0.35 29.73
N ASP A 29 9.61 0.13 30.92
CA ASP A 29 10.93 0.64 31.26
C ASP A 29 12.04 -0.21 30.66
N TYR A 30 11.70 -1.32 30.02
CA TYR A 30 12.68 -2.12 29.30
C TYR A 30 13.38 -1.25 28.26
N LYS A 31 14.70 -1.41 28.17
CA LYS A 31 15.52 -0.55 27.31
C LYS A 31 15.09 -0.60 25.86
N HIS A 32 14.64 -1.77 25.39
CA HIS A 32 14.34 -1.97 23.99
C HIS A 32 12.84 -1.98 23.71
N TRP A 33 12.04 -1.47 24.64
CA TRP A 33 10.59 -1.46 24.46
C TRP A 33 10.11 -0.63 23.28
N PRO A 34 10.57 0.61 23.04
CA PRO A 34 10.11 1.34 21.86
C PRO A 34 10.31 0.58 20.56
N GLN A 35 11.43 -0.16 20.46
CA GLN A 35 11.69 -0.94 19.25
C GLN A 35 10.71 -2.08 19.08
N ILE A 36 10.17 -2.60 20.19
CA ILE A 36 9.13 -3.61 20.10
C ILE A 36 7.76 -2.97 19.87
N ALA A 37 7.47 -1.88 20.60
CA ALA A 37 6.15 -1.25 20.54
C ALA A 37 5.82 -0.69 19.17
N GLN A 38 6.83 -0.42 18.33
CA GLN A 38 6.55 0.11 16.99
C GLN A 38 5.76 -0.87 16.15
N PHE A 39 5.86 -2.17 16.44
CA PHE A 39 5.10 -3.16 15.70
C PHE A 39 3.68 -3.33 16.25
N ALA A 40 3.42 -2.84 17.46
CA ALA A 40 2.06 -2.89 17.99
C ALA A 40 1.14 -2.02 17.13
N PRO A 41 -0.01 -2.54 16.71
CA PRO A 41 -0.87 -1.79 15.79
C PRO A 41 -1.64 -0.68 16.50
N SER A 42 -1.90 0.39 15.75
CA SER A 42 -2.79 1.43 16.23
C SER A 42 -4.23 0.91 16.25
N ALA A 43 -5.11 1.69 16.88
CA ALA A 43 -6.52 1.29 16.97
C ALA A 43 -7.13 1.08 15.59
N SER A 44 -6.95 2.04 14.70
CA SER A 44 -7.50 1.91 13.34
C SER A 44 -6.86 0.75 12.59
N ALA A 45 -5.55 0.56 12.73
CA ALA A 45 -4.88 -0.56 12.08
C ALA A 45 -5.33 -1.89 12.68
N PHE A 46 -5.48 -1.95 14.01
CA PHE A 46 -5.89 -3.19 14.67
C PHE A 46 -7.24 -3.68 14.14
N PHE A 47 -8.23 -2.79 14.10
CA PHE A 47 -9.56 -3.16 13.62
C PHE A 47 -9.64 -3.25 12.11
N GLY A 48 -8.63 -2.77 11.39
CA GLY A 48 -8.65 -2.76 9.95
C GLY A 48 -8.04 -4.00 9.31
N MET A 49 -6.98 -4.55 9.93
CA MET A 49 -6.25 -5.66 9.33
C MET A 49 -6.49 -7.00 10.03
N SER A 50 -7.16 -7.02 11.17
CA SER A 50 -7.29 -8.25 11.95
C SER A 50 -8.63 -8.93 11.69
N ARG A 51 -8.66 -10.23 11.99
CA ARG A 51 -9.91 -10.99 12.00
C ARG A 51 -10.51 -10.89 13.40
N ILE A 52 -11.66 -10.26 13.49
CA ILE A 52 -12.28 -9.95 14.78
C ILE A 52 -13.41 -10.92 15.02
N GLY A 53 -13.64 -11.25 16.29
CA GLY A 53 -14.73 -12.13 16.66
C GLY A 53 -15.30 -11.73 18.00
N MET A 54 -16.54 -12.16 18.23
CA MET A 54 -17.23 -11.96 19.49
C MET A 54 -17.56 -13.33 20.04
N GLU A 55 -16.94 -13.70 21.16
CA GLU A 55 -17.03 -15.05 21.68
C GLU A 55 -17.55 -15.01 23.11
N VAL A 56 -18.69 -15.65 23.34
CA VAL A 56 -19.29 -15.75 24.68
C VAL A 56 -18.98 -17.12 25.23
N THR A 57 -18.23 -17.17 26.31
CA THR A 57 -17.79 -18.40 26.97
C THR A 57 -18.19 -18.35 28.43
N PRO A 58 -18.04 -19.45 29.16
CA PRO A 58 -18.28 -19.41 30.61
C PRO A 58 -17.52 -18.29 31.33
N SER A 59 -16.34 -17.92 30.84
CA SER A 59 -15.60 -16.84 31.47
C SER A 59 -16.20 -15.46 31.17
N GLY A 60 -16.93 -15.31 30.07
CA GLY A 60 -17.60 -14.07 29.77
C GLY A 60 -17.65 -13.83 28.27
N THR A 61 -17.91 -12.58 27.91
CA THR A 61 -17.94 -12.14 26.52
C THR A 61 -16.59 -11.52 26.16
N TRP A 62 -16.02 -11.95 25.03
CA TRP A 62 -14.65 -11.59 24.66
C TRP A 62 -14.60 -11.07 23.23
N LEU A 63 -13.82 -10.00 23.02
CA LEU A 63 -13.49 -9.51 21.69
C LEU A 63 -12.17 -10.15 21.28
N THR A 64 -12.23 -11.07 20.31
CA THR A 64 -11.08 -11.87 19.92
C THR A 64 -10.50 -11.36 18.60
N TYR A 65 -9.24 -11.72 18.35
CA TYR A 65 -8.54 -11.24 17.17
C TYR A 65 -7.44 -12.21 16.77
N THR A 66 -7.11 -12.19 15.48
CA THR A 66 -5.96 -12.91 14.93
C THR A 66 -5.46 -12.14 13.71
N GLY A 67 -4.14 -12.16 13.51
CA GLY A 67 -3.56 -11.41 12.41
C GLY A 67 -2.07 -11.62 12.31
N ALA A 68 -1.47 -10.92 11.37
CA ALA A 68 -0.03 -11.02 11.11
C ALA A 68 0.47 -9.69 10.57
N ILE A 69 1.65 -9.27 11.03
CA ILE A 69 2.25 -8.00 10.64
C ILE A 69 3.50 -8.32 9.82
N LYS A 70 3.49 -7.89 8.57
CA LYS A 70 4.64 -8.10 7.69
C LYS A 70 5.75 -7.12 8.07
N LEU A 71 6.94 -7.65 8.33
CA LEU A 71 8.10 -6.84 8.66
C LEU A 71 8.81 -6.42 7.38
N ASP A 72 9.14 -5.12 7.28
CA ASP A 72 9.75 -4.55 6.08
C ASP A 72 11.15 -5.10 5.89
N ASP A 73 11.37 -5.89 4.83
CA ASP A 73 12.69 -6.42 4.54
C ASP A 73 13.67 -5.36 4.08
N LYS A 74 13.16 -4.20 3.64
CA LYS A 74 14.03 -3.11 3.22
C LYS A 74 14.36 -2.17 4.37
N ASP A 75 13.85 -2.46 5.57
CA ASP A 75 14.20 -1.68 6.75
C ASP A 75 15.64 -1.98 7.13
N PRO A 76 16.46 -0.95 7.40
CA PRO A 76 17.87 -1.19 7.76
C PRO A 76 18.06 -2.04 9.01
N ASN A 77 17.13 -1.99 9.96
CA ASN A 77 17.26 -2.74 11.21
C ASN A 77 16.42 -4.01 11.20
N PHE A 78 16.06 -4.51 10.01
CA PHE A 78 15.21 -5.69 9.91
C PHE A 78 15.79 -6.89 10.66
N LYS A 79 17.10 -7.12 10.53
CA LYS A 79 17.69 -8.30 11.16
C LYS A 79 17.69 -8.18 12.67
N ASP A 80 18.00 -7.00 13.21
CA ASP A 80 17.97 -6.81 14.65
C ASP A 80 16.55 -6.92 15.20
N GLN A 81 15.56 -6.44 14.44
CA GLN A 81 14.18 -6.53 14.88
C GLN A 81 13.76 -7.98 15.06
N VAL A 82 14.11 -8.84 14.10
CA VAL A 82 13.76 -10.25 14.19
C VAL A 82 14.39 -10.88 15.43
N ILE A 83 15.67 -10.57 15.67
CA ILE A 83 16.36 -11.13 16.82
C ILE A 83 15.68 -10.72 18.13
N LEU A 84 15.34 -9.43 18.25
CA LEU A 84 14.71 -8.93 19.46
C LEU A 84 13.34 -9.56 19.67
N LEU A 85 12.54 -9.65 18.61
CA LEU A 85 11.23 -10.27 18.75
C LEU A 85 11.36 -11.75 19.10
N ASN A 86 12.25 -12.46 18.40
CA ASN A 86 12.47 -13.87 18.70
C ASN A 86 13.07 -14.05 20.09
N LYS A 87 13.73 -13.01 20.60
CA LYS A 87 14.35 -13.03 21.92
C LYS A 87 13.29 -13.17 23.01
N HIS A 88 12.07 -12.69 22.75
CA HIS A 88 10.99 -12.71 23.73
C HIS A 88 9.89 -13.72 23.41
N ILE A 89 9.76 -14.17 22.15
CA ILE A 89 8.72 -15.12 21.79
C ILE A 89 9.00 -16.46 22.44
N ASP A 90 8.05 -16.94 23.24
CA ASP A 90 8.13 -18.24 23.90
C ASP A 90 9.41 -18.37 24.74
N ALA A 91 9.86 -17.26 25.31
CA ALA A 91 11.05 -17.29 26.15
C ALA A 91 10.77 -17.95 27.49
N TYR A 92 9.51 -18.00 27.93
CA TYR A 92 9.17 -18.63 29.21
C TYR A 92 9.56 -20.10 29.24
N LYS A 93 9.69 -20.74 28.06
CA LYS A 93 10.09 -22.14 28.01
C LYS A 93 11.53 -22.30 28.49
N THR A 94 12.32 -21.24 28.39
CA THR A 94 13.72 -21.25 28.81
C THR A 94 13.89 -20.69 30.21
N PHE A 95 12.79 -20.32 30.88
CA PHE A 95 12.90 -19.79 32.22
C PHE A 95 13.34 -20.89 33.18
N PRO A 96 14.23 -20.58 34.13
CA PRO A 96 14.64 -21.60 35.10
C PRO A 96 13.62 -21.69 36.23
N ASN B 1 -10.65 5.52 3.75
CA ASN B 1 -11.26 4.28 3.29
C ASN B 1 -10.49 3.04 3.77
N VAL B 2 -11.21 2.16 4.48
CA VAL B 2 -10.59 0.97 5.05
C VAL B 2 -10.04 0.06 3.94
N THR B 3 -10.78 -0.09 2.84
CA THR B 3 -10.35 -0.99 1.78
C THR B 3 -9.01 -0.56 1.16
N GLN B 4 -8.81 0.74 0.96
CA GLN B 4 -7.54 1.17 0.37
C GLN B 4 -6.37 0.91 1.30
N ALA B 5 -6.56 1.17 2.61
CA ALA B 5 -5.46 1.03 3.55
C ALA B 5 -5.19 -0.42 3.93
N PHE B 6 -6.24 -1.18 4.27
CA PHE B 6 -6.08 -2.51 4.84
C PHE B 6 -6.68 -3.63 3.99
N GLY B 7 -7.11 -3.34 2.76
CA GLY B 7 -7.60 -4.36 1.86
C GLY B 7 -9.09 -4.61 2.00
N ARG B 8 -9.59 -5.50 1.15
CA ARG B 8 -11.00 -5.87 1.20
C ARG B 8 -11.29 -6.76 2.40
N ARG B 9 -12.54 -6.68 2.87
CA ARG B 9 -12.99 -7.58 3.91
C ARG B 9 -13.28 -8.95 3.30
N GLY B 10 -12.89 -10.01 4.00
CA GLY B 10 -13.03 -11.33 3.46
C GLY B 10 -12.86 -12.44 4.46
N PRO B 11 -13.09 -13.68 4.02
CA PRO B 11 -13.06 -14.83 4.93
C PRO B 11 -11.69 -15.42 5.18
N GLU B 12 -10.65 -14.91 4.55
CA GLU B 12 -9.31 -15.46 4.71
C GLU B 12 -8.64 -14.93 5.97
N GLN B 13 -7.68 -15.71 6.48
CA GLN B 13 -6.89 -15.20 7.60
C GLN B 13 -6.03 -14.03 7.18
N THR B 14 -5.60 -14.02 5.91
CA THR B 14 -4.79 -12.92 5.43
C THR B 14 -5.60 -11.62 5.36
N GLN B 15 -6.93 -11.74 5.32
CA GLN B 15 -7.86 -10.63 5.17
C GLN B 15 -8.47 -10.22 6.50
N GLY B 16 -8.63 -8.91 6.69
CA GLY B 16 -9.46 -8.43 7.79
C GLY B 16 -10.93 -8.69 7.50
N ASN B 17 -11.73 -8.80 8.56
CA ASN B 17 -13.17 -9.09 8.41
C ASN B 17 -14.07 -8.06 9.07
N PHE B 18 -13.52 -6.96 9.59
CA PHE B 18 -14.27 -6.00 10.40
C PHE B 18 -14.66 -4.79 9.56
N GLY B 19 -15.94 -4.44 9.58
CA GLY B 19 -16.38 -3.21 8.95
C GLY B 19 -17.54 -3.36 7.99
N ASP B 20 -18.64 -2.65 8.25
CA ASP B 20 -19.73 -2.59 7.28
C ASP B 20 -19.42 -1.51 6.24
N GLN B 21 -20.35 -1.33 5.30
CA GLN B 21 -20.11 -0.38 4.20
C GLN B 21 -19.89 1.04 4.71
N GLU B 22 -20.61 1.44 5.77
CA GLU B 22 -20.44 2.80 6.28
C GLU B 22 -19.04 2.99 6.86
N LEU B 23 -18.60 2.06 7.70
CA LEU B 23 -17.30 2.19 8.35
C LEU B 23 -16.17 2.08 7.33
N ILE B 24 -16.33 1.22 6.33
CA ILE B 24 -15.32 1.11 5.28
C ILE B 24 -15.17 2.44 4.55
N ARG B 25 -16.29 3.07 4.20
CA ARG B 25 -16.28 4.28 3.38
C ARG B 25 -15.87 5.52 4.18
N GLN B 26 -16.32 5.60 5.43
CA GLN B 26 -16.05 6.76 6.28
C GLN B 26 -14.76 6.59 7.07
N GLY B 27 -14.47 5.37 7.52
CA GLY B 27 -13.27 5.09 8.29
C GLY B 27 -13.35 5.67 9.69
N THR B 28 -12.36 6.50 10.06
CA THR B 28 -12.35 7.09 11.38
C THR B 28 -13.42 8.16 11.54
N ASP B 29 -13.95 8.70 10.45
CA ASP B 29 -15.05 9.65 10.49
C ASP B 29 -16.40 9.00 10.77
N TYR B 30 -16.45 7.67 10.81
CA TYR B 30 -17.66 6.98 11.24
C TYR B 30 -18.08 7.50 12.62
N LYS B 31 -19.39 7.66 12.81
CA LYS B 31 -19.88 8.35 14.00
C LYS B 31 -19.45 7.66 15.29
N HIS B 32 -19.53 6.34 15.32
CA HIS B 32 -19.24 5.58 16.54
C HIS B 32 -17.87 4.94 16.53
N TRP B 33 -16.94 5.43 15.69
CA TRP B 33 -15.59 4.91 15.70
C TRP B 33 -14.88 5.02 17.04
N PRO B 34 -14.94 6.15 17.76
CA PRO B 34 -14.30 6.18 19.10
C PRO B 34 -14.83 5.10 20.04
N GLN B 35 -16.12 4.77 19.97
CA GLN B 35 -16.67 3.70 20.79
C GLN B 35 -16.09 2.33 20.41
N ILE B 36 -15.58 2.19 19.19
CA ILE B 36 -14.90 0.97 18.77
C ILE B 36 -13.42 1.02 19.12
N ALA B 37 -12.78 2.17 18.92
CA ALA B 37 -11.34 2.28 19.12
C ALA B 37 -10.95 2.04 20.58
N GLN B 38 -11.84 2.32 21.52
CA GLN B 38 -11.54 2.11 22.94
C GLN B 38 -11.18 0.66 23.25
N PHE B 39 -11.65 -0.29 22.44
CA PHE B 39 -11.38 -1.69 22.70
C PHE B 39 -10.06 -2.16 22.10
N ALA B 40 -9.43 -1.33 21.26
CA ALA B 40 -8.14 -1.69 20.69
C ALA B 40 -7.07 -1.70 21.78
N PRO B 41 -6.18 -2.69 21.77
CA PRO B 41 -5.19 -2.79 22.85
C PRO B 41 -4.09 -1.76 22.72
N SER B 42 -3.52 -1.38 23.86
CA SER B 42 -2.33 -0.57 23.88
C SER B 42 -1.12 -1.40 23.48
N ALA B 43 0.01 -0.73 23.25
CA ALA B 43 1.24 -1.43 22.91
C ALA B 43 1.61 -2.47 23.97
N SER B 44 1.55 -2.07 25.24
CA SER B 44 1.86 -3.00 26.33
C SER B 44 0.85 -4.15 26.38
N ALA B 45 -0.44 -3.83 26.27
CA ALA B 45 -1.46 -4.88 26.28
C ALA B 45 -1.31 -5.80 25.09
N PHE B 46 -1.05 -5.25 23.90
CA PHE B 46 -0.91 -6.06 22.71
C PHE B 46 0.17 -7.13 22.89
N PHE B 47 1.38 -6.72 23.28
CA PHE B 47 2.46 -7.67 23.44
C PHE B 47 2.41 -8.41 24.77
N GLY B 48 1.59 -7.94 25.71
CA GLY B 48 1.47 -8.59 27.01
C GLY B 48 0.41 -9.66 27.07
N MET B 49 -0.71 -9.45 26.39
CA MET B 49 -1.84 -10.36 26.43
C MET B 49 -1.95 -11.27 25.22
N SER B 50 -1.39 -10.87 24.08
CA SER B 50 -1.56 -11.66 22.87
C SER B 50 -0.57 -12.81 22.85
N ARG B 51 -0.93 -13.85 22.09
CA ARG B 51 -0.05 -14.98 21.82
C ARG B 51 0.68 -14.70 20.51
N ILE B 52 2.00 -14.45 20.60
CA ILE B 52 2.80 -13.95 19.49
C ILE B 52 3.63 -15.08 18.87
N GLY B 53 3.84 -14.99 17.55
CA GLY B 53 4.64 -15.95 16.83
C GLY B 53 5.38 -15.32 15.67
N MET B 54 6.23 -16.11 15.02
CA MET B 54 7.03 -15.65 13.89
C MET B 54 7.08 -16.71 12.78
N GLU B 55 6.79 -16.30 11.55
CA GLU B 55 6.81 -17.18 10.39
C GLU B 55 7.57 -16.56 9.23
N VAL B 56 8.49 -17.34 8.63
CA VAL B 56 9.24 -16.93 7.45
C VAL B 56 8.64 -17.66 6.24
N THR B 57 7.91 -16.91 5.39
CA THR B 57 7.23 -17.44 4.21
C THR B 57 7.82 -16.86 2.93
N PRO B 58 7.47 -17.39 1.74
CA PRO B 58 7.91 -16.74 0.50
C PRO B 58 7.49 -15.27 0.40
N SER B 59 6.36 -14.90 1.00
CA SER B 59 5.92 -13.52 0.97
C SER B 59 6.73 -12.64 1.92
N GLY B 60 7.36 -13.23 2.93
CA GLY B 60 8.23 -12.48 3.83
C GLY B 60 8.20 -13.09 5.22
N THR B 61 8.73 -12.33 6.17
CA THR B 61 8.73 -12.70 7.58
C THR B 61 7.57 -11.96 8.25
N TRP B 62 6.73 -12.72 8.95
CA TRP B 62 5.48 -12.20 9.51
C TRP B 62 5.47 -12.37 11.02
N LEU B 63 5.06 -11.31 11.73
CA LEU B 63 4.83 -11.37 13.17
C LEU B 63 3.35 -11.72 13.37
N THR B 64 3.09 -12.97 13.73
CA THR B 64 1.71 -13.40 13.93
C THR B 64 1.25 -13.07 15.35
N TYR B 65 -0.04 -12.79 15.49
CA TYR B 65 -0.61 -12.42 16.77
C TYR B 65 -2.06 -12.87 16.85
N THR B 66 -2.49 -13.19 18.07
CA THR B 66 -3.88 -13.54 18.34
C THR B 66 -4.12 -13.36 19.83
N GLY B 67 -5.35 -13.03 20.18
CA GLY B 67 -5.65 -12.77 21.59
C GLY B 67 -7.13 -12.56 21.80
N ALA B 68 -7.47 -12.30 23.06
CA ALA B 68 -8.87 -12.11 23.45
C ALA B 68 -8.93 -11.00 24.49
N ILE B 69 -9.75 -9.99 24.21
CA ILE B 69 -9.94 -8.86 25.12
C ILE B 69 -11.29 -9.04 25.80
N LYS B 70 -11.27 -9.15 27.12
CA LYS B 70 -12.53 -9.33 27.85
C LYS B 70 -13.32 -8.04 27.84
N LEU B 71 -14.58 -8.13 27.43
CA LEU B 71 -15.49 -7.00 27.51
C LEU B 71 -16.14 -7.02 28.89
N ASP B 72 -16.36 -5.83 29.44
CA ASP B 72 -16.92 -5.71 30.79
C ASP B 72 -18.44 -5.66 30.68
N ASP B 73 -19.12 -6.72 31.13
CA ASP B 73 -20.58 -6.69 31.12
C ASP B 73 -21.10 -5.66 32.09
N LYS B 74 -20.21 -5.17 32.95
CA LYS B 74 -20.50 -4.17 33.95
C LYS B 74 -20.63 -2.77 33.36
N ASP B 75 -20.01 -2.52 32.22
CA ASP B 75 -20.11 -1.20 31.59
C ASP B 75 -21.57 -0.91 31.28
N PRO B 76 -22.06 0.29 31.55
CA PRO B 76 -23.48 0.59 31.28
C PRO B 76 -23.86 0.45 29.82
N ASN B 77 -22.91 0.61 28.90
CA ASN B 77 -23.15 0.54 27.46
C ASN B 77 -22.80 -0.82 26.88
N PHE B 78 -22.60 -1.83 27.72
CA PHE B 78 -22.18 -3.16 27.27
C PHE B 78 -23.03 -3.67 26.12
N LYS B 79 -24.37 -3.61 26.28
CA LYS B 79 -25.27 -4.11 25.25
C LYS B 79 -25.07 -3.35 23.94
N ASP B 80 -24.99 -2.01 24.01
CA ASP B 80 -24.76 -1.22 22.81
C ASP B 80 -23.39 -1.51 22.19
N GLN B 81 -22.37 -1.68 23.04
CA GLN B 81 -21.04 -1.99 22.54
C GLN B 81 -21.03 -3.33 21.80
N VAL B 82 -21.69 -4.34 22.36
CA VAL B 82 -21.77 -5.65 21.70
C VAL B 82 -22.52 -5.53 20.37
N ILE B 83 -23.64 -4.80 20.37
CA ILE B 83 -24.39 -4.60 19.13
C ILE B 83 -23.52 -3.91 18.08
N LEU B 84 -22.82 -2.85 18.48
CA LEU B 84 -21.98 -2.11 17.54
C LEU B 84 -20.89 -3.01 16.96
N LEU B 85 -20.20 -3.76 17.82
CA LEU B 85 -19.13 -4.64 17.35
C LEU B 85 -19.68 -5.74 16.44
N ASN B 86 -20.82 -6.33 16.81
CA ASN B 86 -21.42 -7.36 15.96
C ASN B 86 -21.88 -6.81 14.62
N LYS B 87 -22.25 -5.52 14.58
CA LYS B 87 -22.66 -4.91 13.32
C LYS B 87 -21.56 -4.97 12.27
N HIS B 88 -20.31 -4.85 12.69
CA HIS B 88 -19.20 -4.78 11.75
C HIS B 88 -18.44 -6.09 11.61
N ILE B 89 -18.53 -6.98 12.58
CA ILE B 89 -17.88 -8.28 12.47
C ILE B 89 -18.56 -9.09 11.37
N ASP B 90 -17.78 -9.50 10.38
CA ASP B 90 -18.26 -10.32 9.26
C ASP B 90 -19.43 -9.69 8.52
N ALA B 91 -19.42 -8.36 8.42
CA ALA B 91 -20.49 -7.68 7.71
C ALA B 91 -20.37 -7.86 6.19
N TYR B 92 -19.17 -8.20 5.71
CA TYR B 92 -18.95 -8.32 4.27
C TYR B 92 -19.84 -9.39 3.63
N LYS B 93 -20.28 -10.37 4.42
CA LYS B 93 -21.08 -11.46 3.85
C LYS B 93 -22.39 -10.96 3.27
N THR B 94 -22.90 -9.83 3.74
CA THR B 94 -24.16 -9.27 3.28
C THR B 94 -23.97 -8.11 2.32
N PHE B 95 -22.77 -7.97 1.72
CA PHE B 95 -22.48 -6.86 0.82
C PHE B 95 -22.99 -7.19 -0.57
N PRO B 96 -23.44 -6.19 -1.34
CA PRO B 96 -23.91 -6.48 -2.69
C PRO B 96 -22.79 -7.01 -3.58
N ASN C 1 17.51 -8.62 1.68
CA ASN C 1 18.25 -8.98 0.48
C ASN C 1 17.62 -10.10 -0.33
N VAL C 2 18.45 -10.90 -1.02
CA VAL C 2 17.90 -11.91 -1.91
C VAL C 2 17.20 -13.01 -1.13
N THR C 3 17.87 -13.57 -0.12
CA THR C 3 17.24 -14.61 0.69
C THR C 3 16.06 -14.07 1.48
N GLN C 4 16.21 -12.89 2.10
CA GLN C 4 15.14 -12.34 2.92
C GLN C 4 13.94 -11.91 2.08
N ALA C 5 14.18 -11.33 0.90
CA ALA C 5 13.08 -10.83 0.08
C ALA C 5 12.53 -11.88 -0.89
N PHE C 6 13.41 -12.61 -1.57
CA PHE C 6 12.99 -13.51 -2.64
C PHE C 6 13.11 -14.99 -2.30
N GLY C 7 13.92 -15.35 -1.32
CA GLY C 7 13.97 -16.71 -0.84
C GLY C 7 15.31 -17.38 -1.16
N ARG C 8 15.45 -18.59 -0.62
CA ARG C 8 16.64 -19.37 -0.87
C ARG C 8 16.62 -19.88 -2.31
N ARG C 9 17.80 -19.95 -2.92
CA ARG C 9 17.91 -20.49 -4.27
C ARG C 9 17.71 -22.00 -4.26
N GLY C 10 16.95 -22.49 -5.22
CA GLY C 10 16.65 -23.90 -5.29
C GLY C 10 16.08 -24.32 -6.62
N PRO C 11 15.73 -25.60 -6.75
CA PRO C 11 15.22 -26.15 -8.00
C PRO C 11 13.70 -26.16 -8.13
N GLU C 12 12.97 -25.74 -7.09
CA GLU C 12 11.53 -25.86 -7.11
C GLU C 12 10.89 -24.67 -7.82
N GLN C 13 9.64 -24.88 -8.26
CA GLN C 13 8.91 -23.84 -8.97
C GLN C 13 8.61 -22.63 -8.09
N THR C 14 8.63 -22.79 -6.77
CA THR C 14 8.41 -21.71 -5.83
C THR C 14 9.69 -20.94 -5.51
N GLN C 15 10.78 -21.21 -6.22
CA GLN C 15 12.09 -20.67 -5.90
C GLN C 15 12.78 -20.12 -7.13
N GLY C 16 13.61 -19.10 -6.92
CA GLY C 16 14.51 -18.65 -7.95
C GLY C 16 15.82 -19.42 -7.91
N ASN C 17 16.58 -19.35 -9.00
CA ASN C 17 17.82 -20.12 -9.10
C ASN C 17 19.04 -19.24 -9.43
N PHE C 18 18.89 -17.93 -9.41
CA PHE C 18 19.95 -17.01 -9.85
C PHE C 18 20.65 -16.39 -8.65
N GLY C 19 21.98 -16.41 -8.66
CA GLY C 19 22.72 -15.69 -7.63
C GLY C 19 23.72 -16.54 -6.87
N ASP C 20 24.97 -16.08 -6.81
CA ASP C 20 25.94 -16.75 -5.95
C ASP C 20 25.82 -16.20 -4.53
N GLN C 21 26.67 -16.72 -3.63
CA GLN C 21 26.62 -16.32 -2.23
C GLN C 21 26.84 -14.83 -2.05
N GLU C 22 27.73 -14.25 -2.86
CA GLU C 22 28.03 -12.82 -2.76
C GLU C 22 26.82 -11.98 -3.16
N LEU C 23 26.23 -12.27 -4.33
CA LEU C 23 25.06 -11.54 -4.77
C LEU C 23 23.90 -11.73 -3.81
N ILE C 24 23.74 -12.95 -3.30
CA ILE C 24 22.67 -13.21 -2.33
C ILE C 24 22.84 -12.31 -1.10
N ARG C 25 24.07 -12.22 -0.56
CA ARG C 25 24.32 -11.45 0.65
C ARG C 25 24.18 -9.95 0.43
N GLN C 26 24.73 -9.44 -0.69
CA GLN C 26 24.78 -8.01 -0.93
C GLN C 26 23.54 -7.48 -1.65
N GLY C 27 23.08 -8.18 -2.69
CA GLY C 27 21.87 -7.75 -3.40
C GLY C 27 22.14 -6.69 -4.44
N THR C 28 21.40 -5.58 -4.38
CA THR C 28 21.63 -4.50 -5.34
C THR C 28 22.95 -3.79 -5.09
N ASP C 29 23.50 -3.89 -3.88
CA ASP C 29 24.79 -3.32 -3.56
C ASP C 29 25.96 -4.17 -4.06
N TYR C 30 25.68 -5.32 -4.68
CA TYR C 30 26.71 -6.14 -5.30
C TYR C 30 27.52 -5.33 -6.29
N LYS C 31 28.84 -5.57 -6.32
CA LYS C 31 29.75 -4.76 -7.12
C LYS C 31 29.38 -4.78 -8.60
N HIS C 32 28.89 -5.92 -9.10
CA HIS C 32 28.59 -6.08 -10.51
C HIS C 32 27.09 -6.06 -10.81
N TRP C 33 26.27 -5.54 -9.90
CA TRP C 33 24.83 -5.51 -10.13
C TRP C 33 24.41 -4.72 -11.35
N PRO C 34 24.93 -3.51 -11.62
CA PRO C 34 24.52 -2.80 -12.84
C PRO C 34 24.76 -3.61 -14.12
N GLN C 35 25.84 -4.38 -14.17
CA GLN C 35 26.14 -5.17 -15.35
C GLN C 35 25.11 -6.28 -15.56
N ILE C 36 24.52 -6.77 -14.48
CA ILE C 36 23.45 -7.76 -14.61
C ILE C 36 22.12 -7.08 -14.90
N ALA C 37 21.82 -5.98 -14.19
CA ALA C 37 20.52 -5.32 -14.27
C ALA C 37 20.20 -4.81 -15.67
N GLN C 38 21.21 -4.58 -16.51
CA GLN C 38 20.95 -4.09 -17.86
C GLN C 38 20.14 -5.10 -18.67
N PHE C 39 20.24 -6.39 -18.32
CA PHE C 39 19.51 -7.42 -19.05
C PHE C 39 18.07 -7.59 -18.56
N ALA C 40 17.74 -7.07 -17.39
CA ALA C 40 16.35 -7.13 -16.93
C ALA C 40 15.47 -6.28 -17.85
N PRO C 41 14.37 -6.81 -18.35
CA PRO C 41 13.54 -6.05 -19.29
C PRO C 41 12.72 -4.97 -18.60
N SER C 42 12.47 -3.89 -19.33
CA SER C 42 11.55 -2.87 -18.87
C SER C 42 10.12 -3.40 -18.92
N ALA C 43 9.20 -2.65 -18.32
CA ALA C 43 7.79 -3.03 -18.29
C ALA C 43 7.26 -3.23 -19.71
N SER C 44 7.54 -2.29 -20.60
CA SER C 44 7.08 -2.40 -21.97
C SER C 44 7.70 -3.63 -22.66
N ALA C 45 8.98 -3.87 -22.43
CA ALA C 45 9.60 -5.08 -22.98
C ALA C 45 9.06 -6.34 -22.31
N PHE C 46 8.88 -6.31 -20.98
CA PHE C 46 8.43 -7.50 -20.26
C PHE C 46 7.07 -7.98 -20.78
N PHE C 47 6.09 -7.08 -20.85
CA PHE C 47 4.76 -7.47 -21.33
C PHE C 47 4.70 -7.57 -22.85
N GLY C 48 5.72 -7.09 -23.55
CA GLY C 48 5.74 -7.09 -25.00
C GLY C 48 6.39 -8.33 -25.59
N MET C 49 7.42 -8.86 -24.92
CA MET C 49 8.20 -9.97 -25.45
C MET C 49 7.90 -11.32 -24.80
N SER C 50 7.20 -11.35 -23.68
CA SER C 50 7.05 -12.56 -22.90
C SER C 50 5.71 -13.26 -23.17
N ARG C 51 5.68 -14.54 -22.84
CA ARG C 51 4.45 -15.32 -22.86
C ARG C 51 3.84 -15.18 -21.47
N ILE C 52 2.69 -14.53 -21.40
CA ILE C 52 2.06 -14.18 -20.13
C ILE C 52 0.91 -15.14 -19.85
N GLY C 53 0.68 -15.43 -18.58
CA GLY C 53 -0.41 -16.30 -18.17
C GLY C 53 -0.97 -15.87 -16.84
N MET C 54 -2.20 -16.30 -16.57
CA MET C 54 -2.90 -16.06 -15.31
C MET C 54 -3.24 -17.43 -14.71
N GLU C 55 -2.64 -17.75 -13.57
CA GLU C 55 -2.75 -19.09 -13.01
C GLU C 55 -3.26 -19.03 -11.56
N VAL C 56 -4.37 -19.73 -11.31
CA VAL C 56 -4.98 -19.80 -9.99
C VAL C 56 -4.61 -21.13 -9.35
N THR C 57 -3.90 -21.08 -8.22
CA THR C 57 -3.42 -22.24 -7.50
C THR C 57 -3.89 -22.16 -6.05
N PRO C 58 -3.72 -23.24 -5.28
CA PRO C 58 -4.01 -23.16 -3.84
C PRO C 58 -3.28 -22.03 -3.13
N SER C 59 -2.06 -21.69 -3.57
CA SER C 59 -1.31 -20.60 -2.95
C SER C 59 -1.86 -19.24 -3.33
N GLY C 60 -2.56 -19.12 -4.45
CA GLY C 60 -3.19 -17.88 -4.83
C GLY C 60 -3.24 -17.72 -6.35
N THR C 61 -3.50 -16.48 -6.77
CA THR C 61 -3.54 -16.11 -8.17
C THR C 61 -2.22 -15.49 -8.59
N TRP C 62 -1.68 -15.94 -9.71
CA TRP C 62 -0.33 -15.58 -10.13
C TRP C 62 -0.32 -15.06 -11.55
N LEU C 63 0.43 -13.98 -11.77
CA LEU C 63 0.73 -13.50 -13.11
C LEU C 63 2.03 -14.16 -13.52
N THR C 64 1.94 -15.12 -14.44
CA THR C 64 3.09 -15.94 -14.83
C THR C 64 3.65 -15.48 -16.16
N TYR C 65 4.91 -15.83 -16.40
CA TYR C 65 5.60 -15.37 -17.59
C TYR C 65 6.72 -16.35 -17.94
N THR C 66 7.06 -16.39 -19.23
CA THR C 66 8.22 -17.11 -19.73
C THR C 66 8.70 -16.39 -20.98
N GLY C 67 10.02 -16.41 -21.21
CA GLY C 67 10.57 -15.68 -22.34
C GLY C 67 12.06 -15.91 -22.46
N ALA C 68 12.66 -15.19 -23.40
CA ALA C 68 14.10 -15.31 -23.65
C ALA C 68 14.62 -13.98 -24.18
N ILE C 69 15.81 -13.60 -23.70
CA ILE C 69 16.44 -12.33 -24.07
C ILE C 69 17.68 -12.63 -24.91
N LYS C 70 17.70 -12.14 -26.13
CA LYS C 70 18.88 -12.30 -26.98
C LYS C 70 19.98 -11.35 -26.50
N LEU C 71 21.16 -11.90 -26.22
CA LEU C 71 22.31 -11.10 -25.85
C LEU C 71 23.01 -10.63 -27.12
N ASP C 72 23.33 -9.34 -27.17
CA ASP C 72 23.95 -8.76 -28.35
C ASP C 72 25.37 -9.29 -28.49
N ASP C 73 25.60 -10.13 -29.50
CA ASP C 73 26.93 -10.66 -29.78
C ASP C 73 27.86 -9.59 -30.30
N LYS C 74 27.33 -8.43 -30.69
CA LYS C 74 28.11 -7.31 -31.21
C LYS C 74 28.55 -6.38 -30.09
N ASP C 75 28.14 -6.65 -28.86
CA ASP C 75 28.54 -5.84 -27.72
C ASP C 75 30.01 -6.07 -27.41
N PRO C 76 30.80 -5.02 -27.19
CA PRO C 76 32.22 -5.21 -26.86
C PRO C 76 32.44 -6.03 -25.61
N ASN C 77 31.53 -5.97 -24.64
CA ASN C 77 31.67 -6.72 -23.39
C ASN C 77 30.81 -7.98 -23.39
N PHE C 78 30.45 -8.48 -24.57
CA PHE C 78 29.59 -9.66 -24.67
C PHE C 78 30.17 -10.86 -23.93
N LYS C 79 31.48 -11.10 -24.09
CA LYS C 79 32.13 -12.25 -23.49
C LYS C 79 32.14 -12.17 -21.96
N ASP C 80 32.46 -11.00 -21.41
CA ASP C 80 32.45 -10.83 -19.97
C ASP C 80 31.04 -10.92 -19.40
N GLN C 81 30.06 -10.39 -20.12
CA GLN C 81 28.66 -10.45 -19.68
C GLN C 81 28.19 -11.89 -19.55
N VAL C 82 28.50 -12.73 -20.54
CA VAL C 82 28.09 -14.13 -20.50
C VAL C 82 28.71 -14.82 -19.29
N ILE C 83 30.00 -14.57 -19.03
CA ILE C 83 30.70 -15.19 -17.91
C ILE C 83 30.04 -14.80 -16.58
N LEU C 84 29.71 -13.52 -16.43
CA LEU C 84 29.09 -13.05 -15.18
C LEU C 84 27.73 -13.70 -14.95
N LEU C 85 26.90 -13.78 -16.00
CA LEU C 85 25.58 -14.40 -15.84
C LEU C 85 25.71 -15.89 -15.53
N ASN C 86 26.59 -16.60 -16.23
CA ASN C 86 26.80 -18.01 -15.94
C ASN C 86 27.39 -18.22 -14.55
N LYS C 87 28.09 -17.22 -14.00
CA LYS C 87 28.58 -17.33 -12.64
C LYS C 87 27.43 -17.43 -11.64
N HIS C 88 26.28 -16.85 -11.96
CA HIS C 88 25.18 -16.81 -11.01
C HIS C 88 24.05 -17.77 -11.34
N ILE C 89 23.95 -18.24 -12.59
CA ILE C 89 22.88 -19.17 -12.96
C ILE C 89 23.12 -20.51 -12.28
N ASP C 90 22.17 -20.95 -11.48
CA ASP C 90 22.21 -22.26 -10.80
C ASP C 90 23.48 -22.41 -9.95
N ALA C 91 23.94 -21.31 -9.36
CA ALA C 91 25.14 -21.34 -8.54
C ALA C 91 24.90 -22.02 -7.19
N TYR C 92 23.64 -22.08 -6.74
CA TYR C 92 23.34 -22.71 -5.46
C TYR C 92 23.74 -24.18 -5.42
N LYS C 93 23.90 -24.80 -6.59
CA LYS C 93 24.31 -26.20 -6.64
C LYS C 93 25.71 -26.38 -6.07
N THR C 94 26.50 -25.31 -6.04
CA THR C 94 27.87 -25.35 -5.53
C THR C 94 27.96 -24.87 -4.08
N PHE C 95 26.84 -24.51 -3.47
CA PHE C 95 26.87 -24.01 -2.10
C PHE C 95 27.14 -25.16 -1.12
N PRO C 96 27.95 -24.93 -0.07
CA PRO C 96 28.33 -25.91 0.97
C PRO C 96 27.24 -26.07 2.03
N ASN D 1 5.43 0.88 -32.30
CA ASN D 1 4.27 0.18 -31.73
C ASN D 1 4.70 -1.21 -31.30
N VAL D 2 3.79 -1.91 -30.65
CA VAL D 2 4.11 -3.22 -30.10
C VAL D 2 4.53 -4.20 -31.19
N THR D 3 3.82 -4.23 -32.33
CA THR D 3 4.17 -5.17 -33.39
C THR D 3 5.55 -4.89 -33.97
N GLN D 4 5.87 -3.62 -34.21
CA GLN D 4 7.18 -3.28 -34.74
C GLN D 4 8.28 -3.54 -33.70
N ALA D 5 8.00 -3.25 -32.43
CA ALA D 5 9.00 -3.41 -31.39
C ALA D 5 9.19 -4.87 -30.99
N PHE D 6 8.10 -5.59 -30.75
CA PHE D 6 8.18 -6.93 -30.17
C PHE D 6 7.56 -8.03 -31.03
N GLY D 7 7.15 -7.71 -32.26
CA GLY D 7 6.63 -8.74 -33.15
C GLY D 7 5.13 -8.96 -33.01
N ARG D 8 4.61 -9.84 -33.85
CA ARG D 8 3.21 -10.19 -33.81
C ARG D 8 2.92 -11.09 -32.60
N ARG D 9 1.71 -10.98 -32.06
CA ARG D 9 1.29 -11.83 -30.95
C ARG D 9 0.92 -13.20 -31.48
N GLY D 10 1.32 -14.25 -30.76
CA GLY D 10 1.12 -15.59 -31.25
C GLY D 10 1.33 -16.67 -30.20
N PRO D 11 1.09 -17.92 -30.60
CA PRO D 11 1.18 -19.07 -29.67
C PRO D 11 2.56 -19.67 -29.48
N GLU D 12 3.58 -19.18 -30.17
CA GLU D 12 4.88 -19.80 -30.07
C GLU D 12 5.67 -19.32 -28.85
N GLN D 13 6.66 -20.14 -28.45
CA GLN D 13 7.49 -19.81 -27.29
C GLN D 13 8.31 -18.54 -27.53
N THR D 14 8.81 -18.33 -28.74
CA THR D 14 9.58 -17.13 -29.01
C THR D 14 8.70 -15.88 -29.09
N GLN D 15 7.39 -16.06 -29.26
CA GLN D 15 6.45 -14.97 -29.45
C GLN D 15 5.80 -14.53 -28.15
N GLY D 16 5.64 -13.22 -28.00
CA GLY D 16 4.77 -12.72 -26.96
C GLY D 16 3.32 -12.99 -27.30
N ASN D 17 2.50 -13.10 -26.25
CA ASN D 17 1.08 -13.40 -26.42
C ASN D 17 0.18 -12.34 -25.79
N PHE D 18 0.76 -11.24 -25.31
CA PHE D 18 0.03 -10.25 -24.52
C PHE D 18 -0.33 -9.04 -25.37
N GLY D 19 -1.61 -8.68 -25.37
CA GLY D 19 -2.03 -7.45 -26.01
C GLY D 19 -3.20 -7.63 -26.96
N ASP D 20 -4.30 -6.92 -26.73
CA ASP D 20 -5.37 -6.89 -27.70
C ASP D 20 -5.07 -5.84 -28.77
N GLN D 21 -5.97 -5.69 -29.73
CA GLN D 21 -5.72 -4.76 -30.84
C GLN D 21 -5.51 -3.33 -30.36
N GLU D 22 -6.23 -2.91 -29.32
CA GLU D 22 -6.04 -1.54 -28.83
C GLU D 22 -4.63 -1.36 -28.25
N LEU D 23 -4.19 -2.29 -27.40
CA LEU D 23 -2.87 -2.16 -26.80
C LEU D 23 -1.77 -2.32 -27.84
N ILE D 24 -1.97 -3.21 -28.81
CA ILE D 24 -1.01 -3.40 -29.88
C ILE D 24 -0.80 -2.11 -30.67
N ARG D 25 -1.90 -1.44 -31.04
CA ARG D 25 -1.80 -0.25 -31.87
C ARG D 25 -1.33 0.96 -31.07
N GLN D 26 -1.80 1.11 -29.83
CA GLN D 26 -1.50 2.28 -29.01
C GLN D 26 -0.21 2.14 -28.21
N GLY D 27 0.08 0.93 -27.72
CA GLY D 27 1.29 0.70 -26.94
C GLY D 27 1.20 1.32 -25.56
N THR D 28 2.18 2.15 -25.21
CA THR D 28 2.18 2.78 -23.89
C THR D 28 1.10 3.86 -23.78
N ASP D 29 0.60 4.36 -24.90
CA ASP D 29 -0.49 5.33 -24.90
C ASP D 29 -1.84 4.68 -24.63
N TYR D 30 -1.90 3.34 -24.55
CA TYR D 30 -3.11 2.66 -24.13
C TYR D 30 -3.57 3.20 -22.78
N LYS D 31 -4.88 3.35 -22.62
CA LYS D 31 -5.40 4.06 -21.46
C LYS D 31 -4.97 3.41 -20.15
N HIS D 32 -5.02 2.08 -20.07
CA HIS D 32 -4.73 1.37 -18.83
C HIS D 32 -3.33 0.78 -18.79
N TRP D 33 -2.42 1.29 -19.62
CA TRP D 33 -1.04 0.82 -19.57
C TRP D 33 -0.39 0.96 -18.20
N PRO D 34 -0.48 2.09 -17.50
CA PRO D 34 0.12 2.14 -16.15
C PRO D 34 -0.40 1.07 -15.21
N GLN D 35 -1.71 0.75 -15.28
CA GLN D 35 -2.27 -0.31 -14.46
C GLN D 35 -1.71 -1.69 -14.83
N ILE D 36 -1.21 -1.86 -16.05
CA ILE D 36 -0.56 -3.11 -16.43
C ILE D 36 0.92 -3.08 -16.04
N ALA D 37 1.59 -1.94 -16.27
CA ALA D 37 3.03 -1.85 -16.03
C ALA D 37 3.39 -2.05 -14.57
N GLN D 38 2.46 -1.73 -13.65
CA GLN D 38 2.75 -1.88 -12.22
C GLN D 38 3.12 -3.30 -11.84
N PHE D 39 2.66 -4.30 -12.61
CA PHE D 39 2.94 -5.70 -12.31
C PHE D 39 4.25 -6.18 -12.90
N ALA D 40 4.90 -5.39 -13.74
CA ALA D 40 6.19 -5.78 -14.29
C ALA D 40 7.24 -5.79 -13.18
N PRO D 41 8.10 -6.81 -13.13
CA PRO D 41 9.08 -6.90 -12.05
C PRO D 41 10.21 -5.91 -12.23
N SER D 42 10.77 -5.49 -11.10
CA SER D 42 11.98 -4.70 -11.11
C SER D 42 13.18 -5.59 -11.46
N ALA D 43 14.32 -4.96 -11.72
CA ALA D 43 15.54 -5.70 -12.04
C ALA D 43 15.88 -6.68 -10.93
N SER D 44 15.84 -6.23 -9.67
CA SER D 44 16.11 -7.11 -8.54
C SER D 44 15.07 -8.22 -8.44
N ALA D 45 13.79 -7.86 -8.58
CA ALA D 45 12.74 -8.88 -8.56
C ALA D 45 12.91 -9.86 -9.72
N PHE D 46 13.20 -9.33 -10.91
CA PHE D 46 13.36 -10.19 -12.09
C PHE D 46 14.42 -11.25 -11.84
N PHE D 47 15.62 -10.84 -11.44
CA PHE D 47 16.71 -11.79 -11.24
C PHE D 47 16.65 -12.52 -9.91
N GLY D 48 15.84 -12.04 -8.97
CA GLY D 48 15.74 -12.68 -7.67
C GLY D 48 14.69 -13.77 -7.62
N MET D 49 13.58 -13.58 -8.34
CA MET D 49 12.46 -14.51 -8.28
C MET D 49 12.33 -15.41 -9.50
N SER D 50 12.90 -15.03 -10.64
CA SER D 50 12.70 -15.83 -11.85
C SER D 50 13.65 -17.01 -11.87
N ARG D 51 13.27 -18.03 -12.63
CA ARG D 51 14.15 -19.16 -12.91
C ARG D 51 14.90 -18.82 -14.19
N ILE D 52 16.21 -18.57 -14.06
CA ILE D 52 17.03 -18.04 -15.14
C ILE D 52 17.88 -19.15 -15.74
N GLY D 53 18.11 -19.06 -17.06
CA GLY D 53 18.94 -20.02 -17.75
C GLY D 53 19.68 -19.38 -18.91
N MET D 54 20.55 -20.16 -19.53
CA MET D 54 21.32 -19.70 -20.68
C MET D 54 21.33 -20.79 -21.74
N GLU D 55 20.96 -20.41 -22.97
CA GLU D 55 20.88 -21.34 -24.09
C GLU D 55 21.65 -20.77 -25.26
N VAL D 56 22.55 -21.56 -25.84
CA VAL D 56 23.34 -21.15 -26.99
C VAL D 56 22.76 -21.83 -28.23
N THR D 57 22.10 -21.06 -29.08
CA THR D 57 21.48 -21.51 -30.31
C THR D 57 22.19 -20.94 -31.53
N PRO D 58 21.91 -21.47 -32.73
CA PRO D 58 22.47 -20.84 -33.94
C PRO D 58 22.08 -19.39 -34.09
N SER D 59 20.90 -19.00 -33.61
CA SER D 59 20.48 -17.61 -33.70
C SER D 59 21.25 -16.72 -32.73
N GLY D 60 21.84 -17.29 -31.70
CA GLY D 60 22.66 -16.54 -30.77
C GLY D 60 22.62 -17.14 -29.39
N THR D 61 23.10 -16.37 -28.42
CA THR D 61 23.06 -16.73 -27.01
C THR D 61 21.86 -16.04 -26.37
N TRP D 62 21.01 -16.83 -25.73
CA TRP D 62 19.74 -16.35 -25.20
C TRP D 62 19.70 -16.53 -23.69
N LEU D 63 19.27 -15.49 -22.98
CA LEU D 63 19.04 -15.54 -21.54
C LEU D 63 17.57 -15.89 -21.30
N THR D 64 17.30 -17.12 -20.90
CA THR D 64 15.93 -17.56 -20.68
C THR D 64 15.45 -17.16 -19.29
N TYR D 65 14.15 -16.91 -19.17
CA TYR D 65 13.56 -16.53 -17.90
C TYR D 65 12.11 -17.00 -17.84
N THR D 66 11.67 -17.33 -16.63
CA THR D 66 10.28 -17.69 -16.36
C THR D 66 10.04 -17.50 -14.86
N GLY D 67 8.81 -17.16 -14.51
CA GLY D 67 8.51 -16.87 -13.12
C GLY D 67 7.03 -16.65 -12.88
N ALA D 68 6.69 -16.38 -11.63
CA ALA D 68 5.31 -16.18 -11.23
C ALA D 68 5.25 -15.04 -10.22
N ILE D 69 4.42 -14.04 -10.50
CA ILE D 69 4.22 -12.89 -9.64
C ILE D 69 2.86 -13.03 -8.96
N LYS D 70 2.87 -13.10 -7.62
CA LYS D 70 1.62 -13.24 -6.88
C LYS D 70 0.84 -11.93 -6.86
N LEU D 71 -0.44 -12.01 -7.21
CA LEU D 71 -1.34 -10.87 -7.14
C LEU D 71 -1.99 -10.83 -5.76
N ASP D 72 -2.25 -9.61 -5.28
CA ASP D 72 -2.85 -9.41 -3.97
C ASP D 72 -4.37 -9.45 -4.11
N ASP D 73 -4.99 -10.54 -3.66
CA ASP D 73 -6.44 -10.66 -3.74
C ASP D 73 -7.16 -9.73 -2.77
N LYS D 74 -6.46 -9.20 -1.76
CA LYS D 74 -7.08 -8.22 -0.87
C LYS D 74 -7.13 -6.83 -1.48
N ASP D 75 -6.33 -6.58 -2.52
CA ASP D 75 -6.30 -5.28 -3.17
C ASP D 75 -7.70 -4.89 -3.64
N PRO D 76 -8.12 -3.64 -3.41
CA PRO D 76 -9.48 -3.24 -3.83
C PRO D 76 -9.76 -3.39 -5.31
N ASN D 77 -8.74 -3.29 -6.17
CA ASN D 77 -8.93 -3.39 -7.61
C ASN D 77 -8.56 -4.77 -8.15
N PHE D 78 -8.38 -5.76 -7.27
CA PHE D 78 -7.95 -7.10 -7.68
C PHE D 78 -8.79 -7.64 -8.83
N LYS D 79 -10.11 -7.60 -8.69
CA LYS D 79 -11.00 -8.14 -9.71
C LYS D 79 -10.80 -7.44 -11.05
N ASP D 80 -10.72 -6.12 -11.04
CA ASP D 80 -10.51 -5.36 -12.27
C ASP D 80 -9.14 -5.66 -12.87
N GLN D 81 -8.11 -5.81 -12.02
CA GLN D 81 -6.77 -6.13 -12.52
C GLN D 81 -6.74 -7.47 -13.24
N VAL D 82 -7.40 -8.49 -12.68
CA VAL D 82 -7.46 -9.79 -13.33
C VAL D 82 -8.18 -9.70 -14.66
N ILE D 83 -9.32 -8.99 -14.69
CA ILE D 83 -10.05 -8.81 -15.94
C ILE D 83 -9.17 -8.12 -16.98
N LEU D 84 -8.49 -7.04 -16.56
CA LEU D 84 -7.64 -6.30 -17.49
C LEU D 84 -6.54 -7.19 -18.05
N LEU D 85 -5.85 -7.94 -17.19
CA LEU D 85 -4.77 -8.81 -17.64
C LEU D 85 -5.31 -9.93 -18.53
N ASN D 86 -6.45 -10.53 -18.16
CA ASN D 86 -7.02 -11.58 -18.99
C ASN D 86 -7.48 -11.05 -20.35
N LYS D 87 -7.86 -9.78 -20.41
CA LYS D 87 -8.28 -9.18 -21.69
C LYS D 87 -7.17 -9.24 -22.73
N HIS D 88 -5.92 -9.14 -22.30
CA HIS D 88 -4.80 -9.07 -23.24
C HIS D 88 -4.06 -10.39 -23.39
N ILE D 89 -4.17 -11.29 -22.41
CA ILE D 89 -3.55 -12.61 -22.51
C ILE D 89 -4.23 -13.40 -23.61
N ASP D 90 -3.45 -13.83 -24.61
CA ASP D 90 -3.93 -14.64 -25.73
C ASP D 90 -5.07 -13.98 -26.48
N ALA D 91 -5.03 -12.65 -26.60
CA ALA D 91 -6.08 -11.94 -27.32
C ALA D 91 -5.94 -12.12 -28.82
N TYR D 92 -4.74 -12.46 -29.31
CA TYR D 92 -4.51 -12.56 -30.75
C TYR D 92 -5.38 -13.63 -31.40
N LYS D 93 -5.80 -14.66 -30.63
CA LYS D 93 -6.58 -15.73 -31.21
C LYS D 93 -7.92 -15.24 -31.75
N THR D 94 -8.42 -14.12 -31.22
CA THR D 94 -9.70 -13.57 -31.63
C THR D 94 -9.54 -12.38 -32.56
N PHE D 95 -8.35 -12.23 -33.17
CA PHE D 95 -7.98 -11.15 -34.07
C PHE D 95 -8.42 -11.48 -35.49
N PRO D 96 -8.77 -10.47 -36.30
CA PRO D 96 -9.18 -10.76 -37.67
C PRO D 96 -8.05 -11.38 -38.48
N ASN E 1 -14.76 45.06 25.42
CA ASN E 1 -13.86 44.87 24.31
C ASN E 1 -13.69 43.37 23.99
N VAL E 2 -12.94 43.05 22.94
CA VAL E 2 -12.84 41.66 22.48
C VAL E 2 -12.20 40.76 23.54
N THR E 3 -11.12 41.23 24.17
CA THR E 3 -10.44 40.42 25.18
C THR E 3 -11.38 40.02 26.31
N GLN E 4 -12.20 40.96 26.79
CA GLN E 4 -13.11 40.66 27.89
C GLN E 4 -14.21 39.68 27.46
N ALA E 5 -14.74 39.83 26.25
CA ALA E 5 -15.87 39.05 25.79
C ALA E 5 -15.48 37.71 25.16
N PHE E 6 -14.48 37.71 24.28
CA PHE E 6 -14.10 36.52 23.53
C PHE E 6 -12.77 35.92 23.96
N GLY E 7 -11.94 36.67 24.67
CA GLY E 7 -10.71 36.19 25.25
C GLY E 7 -9.49 36.85 24.63
N ARG E 8 -8.33 36.55 25.21
CA ARG E 8 -7.10 37.06 24.64
C ARG E 8 -6.83 36.33 23.33
N ARG E 9 -6.32 37.05 22.35
CA ARG E 9 -5.98 36.42 21.08
C ARG E 9 -4.74 35.55 21.27
N GLY E 10 -4.79 34.34 20.73
CA GLY E 10 -3.71 33.39 20.92
C GLY E 10 -3.74 32.24 19.94
N PRO E 11 -2.80 31.31 20.10
CA PRO E 11 -2.68 30.17 19.18
C PRO E 11 -3.42 28.91 19.62
N GLU E 12 -4.04 28.91 20.80
CA GLU E 12 -4.64 27.69 21.30
C GLU E 12 -6.04 27.48 20.74
N GLN E 13 -6.49 26.22 20.80
CA GLN E 13 -7.82 25.86 20.33
C GLN E 13 -8.91 26.51 21.17
N THR E 14 -8.59 26.92 22.40
CA THR E 14 -9.54 27.60 23.26
C THR E 14 -9.56 29.11 23.05
N GLN E 15 -8.88 29.59 22.01
CA GLN E 15 -8.72 31.02 21.78
C GLN E 15 -8.95 31.34 20.30
N GLY E 16 -9.42 32.57 20.04
CA GLY E 16 -9.47 33.10 18.70
C GLY E 16 -8.16 33.78 18.34
N ASN E 17 -7.95 34.01 17.03
CA ASN E 17 -6.71 34.58 16.54
C ASN E 17 -6.92 35.83 15.71
N PHE E 18 -8.14 36.35 15.60
CA PHE E 18 -8.45 37.44 14.70
C PHE E 18 -8.57 38.73 15.49
N GLY E 19 -7.91 39.78 15.03
CA GLY E 19 -8.08 41.10 15.61
C GLY E 19 -6.78 41.72 16.07
N ASP E 20 -6.48 42.91 15.56
CA ASP E 20 -5.33 43.67 16.04
C ASP E 20 -5.74 44.51 17.25
N GLN E 21 -4.77 45.28 17.77
CA GLN E 21 -5.00 46.05 18.99
C GLN E 21 -6.15 47.04 18.84
N GLU E 22 -6.29 47.65 17.65
CA GLU E 22 -7.39 48.59 17.42
C GLU E 22 -8.74 47.89 17.44
N LEU E 23 -8.86 46.79 16.69
CA LEU E 23 -10.13 46.08 16.64
C LEU E 23 -10.51 45.58 18.03
N ILE E 24 -9.54 45.09 18.79
CA ILE E 24 -9.80 44.57 20.12
C ILE E 24 -10.36 45.65 21.04
N ARG E 25 -9.73 46.83 21.06
CA ARG E 25 -10.12 47.90 21.98
C ARG E 25 -11.46 48.51 21.60
N GLN E 26 -11.68 48.74 20.32
CA GLN E 26 -12.90 49.42 19.91
C GLN E 26 -14.05 48.44 19.75
N GLY E 27 -13.79 47.28 19.16
CA GLY E 27 -14.81 46.26 19.00
C GLY E 27 -15.66 46.51 17.78
N THR E 28 -16.98 46.58 18.00
CA THR E 28 -17.87 46.89 16.89
C THR E 28 -17.72 48.32 16.42
N ASP E 29 -17.20 49.20 17.27
CA ASP E 29 -16.97 50.60 16.92
C ASP E 29 -15.74 50.80 16.05
N TYR E 30 -15.00 49.73 15.76
CA TYR E 30 -13.86 49.81 14.85
C TYR E 30 -14.31 50.38 13.51
N LYS E 31 -13.47 51.25 12.94
CA LYS E 31 -13.87 51.99 11.74
C LYS E 31 -14.21 51.05 10.59
N HIS E 32 -13.45 49.96 10.44
CA HIS E 32 -13.62 49.04 9.33
C HIS E 32 -14.37 47.77 9.73
N TRP E 33 -15.07 47.82 10.86
CA TRP E 33 -15.85 46.66 11.30
C TRP E 33 -16.94 46.28 10.30
N PRO E 34 -17.73 47.21 9.72
CA PRO E 34 -18.70 46.79 8.70
C PRO E 34 -18.08 46.00 7.56
N GLN E 35 -16.86 46.36 7.16
CA GLN E 35 -16.17 45.64 6.09
C GLN E 35 -15.78 44.24 6.55
N ILE E 36 -15.54 44.06 7.85
CA ILE E 36 -15.23 42.74 8.38
C ILE E 36 -16.51 41.95 8.58
N ALA E 37 -17.54 42.59 9.14
CA ALA E 37 -18.78 41.90 9.46
C ALA E 37 -19.50 41.35 8.23
N GLN E 38 -19.20 41.89 7.03
CA GLN E 38 -19.93 41.44 5.83
C GLN E 38 -19.66 39.97 5.52
N PHE E 39 -18.51 39.44 5.93
CA PHE E 39 -18.17 38.05 5.65
C PHE E 39 -18.74 37.08 6.67
N ALA E 40 -19.18 37.56 7.82
CA ALA E 40 -19.76 36.69 8.83
C ALA E 40 -21.02 36.03 8.27
N PRO E 41 -21.15 34.71 8.38
CA PRO E 41 -22.30 34.03 7.78
C PRO E 41 -23.56 34.22 8.59
N SER E 42 -24.69 34.24 7.88
CA SER E 42 -25.98 34.23 8.53
C SER E 42 -26.25 32.87 9.16
N ALA E 43 -27.32 32.81 9.96
CA ALA E 43 -27.69 31.55 10.60
C ALA E 43 -27.89 30.45 9.57
N SER E 44 -28.64 30.74 8.50
CA SER E 44 -28.87 29.74 7.46
C SER E 44 -27.57 29.34 6.78
N ALA E 45 -26.70 30.30 6.48
CA ALA E 45 -25.44 29.98 5.83
C ALA E 45 -24.52 29.23 6.78
N PHE E 46 -24.45 29.64 8.05
CA PHE E 46 -23.56 28.97 9.00
C PHE E 46 -23.90 27.50 9.12
N PHE E 47 -25.17 27.18 9.31
CA PHE E 47 -25.58 25.78 9.41
C PHE E 47 -25.68 25.11 8.05
N GLY E 48 -25.66 25.87 6.97
CA GLY E 48 -25.82 25.32 5.64
C GLY E 48 -24.54 24.97 4.92
N MET E 49 -23.49 25.77 5.10
CA MET E 49 -22.25 25.58 4.35
C MET E 49 -21.11 25.02 5.18
N SER E 50 -21.27 24.90 6.50
CA SER E 50 -20.18 24.46 7.36
C SER E 50 -20.29 22.97 7.66
N ARG E 51 -19.16 22.40 8.05
CA ARG E 51 -19.12 21.03 8.55
C ARG E 51 -19.33 21.10 10.05
N ILE E 52 -20.47 20.59 10.52
CA ILE E 52 -20.89 20.75 11.91
C ILE E 52 -20.63 19.47 12.68
N GLY E 53 -20.29 19.62 13.96
CA GLY E 53 -20.02 18.48 14.82
C GLY E 53 -20.44 18.74 16.25
N MET E 54 -20.60 17.65 17.00
CA MET E 54 -20.93 17.68 18.42
C MET E 54 -19.78 17.01 19.15
N GLU E 55 -19.06 17.78 19.98
CA GLU E 55 -17.87 17.29 20.66
C GLU E 55 -18.01 17.51 22.16
N VAL E 56 -17.96 16.43 22.92
CA VAL E 56 -18.06 16.46 24.37
C VAL E 56 -16.66 16.32 24.95
N THR E 57 -16.22 17.34 25.67
CA THR E 57 -14.88 17.39 26.27
C THR E 57 -15.00 17.66 27.75
N PRO E 58 -13.91 17.51 28.51
CA PRO E 58 -13.92 17.91 29.93
C PRO E 58 -14.38 19.34 30.16
N SER E 59 -14.11 20.24 29.22
CA SER E 59 -14.53 21.62 29.36
C SER E 59 -16.04 21.78 29.17
N GLY E 60 -16.69 20.85 28.49
CA GLY E 60 -18.13 20.86 28.35
C GLY E 60 -18.56 20.27 27.03
N THR E 61 -19.80 20.54 26.67
CA THR E 61 -20.36 20.10 25.39
C THR E 61 -20.29 21.26 24.41
N TRP E 62 -19.78 20.98 23.20
CA TRP E 62 -19.47 22.03 22.23
C TRP E 62 -20.07 21.71 20.87
N LEU E 63 -20.65 22.72 20.24
CA LEU E 63 -21.07 22.64 18.84
C LEU E 63 -19.92 23.16 17.98
N THR E 64 -19.28 22.27 17.24
CA THR E 64 -18.07 22.61 16.49
C THR E 64 -18.38 22.81 15.01
N TYR E 65 -17.49 23.52 14.34
CA TYR E 65 -17.69 23.85 12.94
C TYR E 65 -16.35 24.10 12.26
N THR E 66 -16.32 23.85 10.95
CA THR E 66 -15.18 24.19 10.11
C THR E 66 -15.70 24.48 8.70
N GLY E 67 -15.06 25.42 8.03
CA GLY E 67 -15.54 25.81 6.71
C GLY E 67 -14.62 26.83 6.07
N ALA E 68 -15.05 27.28 4.89
CA ALA E 68 -14.30 28.26 4.12
C ALA E 68 -15.26 29.09 3.30
N ILE E 69 -15.03 30.40 3.27
CA ILE E 69 -15.87 31.36 2.56
C ILE E 69 -15.05 31.95 1.42
N LYS E 70 -15.50 31.72 0.19
CA LYS E 70 -14.82 32.30 -0.97
C LYS E 70 -15.15 33.78 -1.06
N LEU E 71 -14.11 34.61 -1.12
CA LEU E 71 -14.26 36.05 -1.27
C LEU E 71 -14.42 36.40 -2.75
N ASP E 72 -15.39 37.27 -3.04
CA ASP E 72 -15.64 37.63 -4.43
C ASP E 72 -14.43 38.38 -4.97
N ASP E 73 -13.69 37.73 -5.87
CA ASP E 73 -12.54 38.36 -6.50
C ASP E 73 -12.95 39.48 -7.47
N LYS E 74 -14.22 39.55 -7.83
CA LYS E 74 -14.74 40.65 -8.63
C LYS E 74 -15.33 41.77 -7.80
N ASP E 75 -15.22 41.67 -6.49
CA ASP E 75 -15.68 42.74 -5.63
C ASP E 75 -14.77 43.96 -5.84
N PRO E 76 -15.33 45.16 -5.93
CA PRO E 76 -14.51 46.35 -6.20
C PRO E 76 -13.39 46.57 -5.21
N ASN E 77 -13.58 46.23 -3.93
CA ASN E 77 -12.56 46.38 -2.90
C ASN E 77 -11.91 45.07 -2.52
N PHE E 78 -11.90 44.08 -3.42
CA PHE E 78 -11.42 42.75 -3.08
C PHE E 78 -10.01 42.78 -2.48
N LYS E 79 -9.09 43.54 -3.09
CA LYS E 79 -7.73 43.58 -2.56
C LYS E 79 -7.67 44.32 -1.22
N ASP E 80 -8.42 45.41 -1.05
CA ASP E 80 -8.43 46.08 0.24
C ASP E 80 -9.01 45.16 1.31
N GLN E 81 -10.02 44.38 0.95
CA GLN E 81 -10.60 43.42 1.89
C GLN E 81 -9.57 42.39 2.33
N VAL E 82 -8.83 41.84 1.37
CA VAL E 82 -7.80 40.85 1.68
C VAL E 82 -6.74 41.45 2.60
N ILE E 83 -6.29 42.67 2.28
CA ILE E 83 -5.30 43.35 3.11
C ILE E 83 -5.84 43.56 4.52
N LEU E 84 -7.09 44.01 4.62
CA LEU E 84 -7.69 44.24 5.93
C LEU E 84 -7.79 42.95 6.74
N LEU E 85 -8.23 41.87 6.09
CA LEU E 85 -8.33 40.60 6.80
C LEU E 85 -6.96 40.08 7.22
N ASN E 86 -5.98 40.15 6.33
CA ASN E 86 -4.62 39.73 6.66
C ASN E 86 -4.01 40.59 7.76
N LYS E 87 -4.48 41.82 7.91
CA LYS E 87 -3.99 42.69 8.98
C LYS E 87 -4.42 42.18 10.36
N HIS E 88 -5.55 41.48 10.45
CA HIS E 88 -6.07 41.04 11.74
C HIS E 88 -5.84 39.55 12.00
N ILE E 89 -5.62 38.75 10.96
CA ILE E 89 -5.37 37.33 11.14
C ILE E 89 -4.01 37.16 11.82
N ASP E 90 -4.00 36.51 12.99
CA ASP E 90 -2.76 36.24 13.73
C ASP E 90 -1.98 37.52 14.02
N ALA E 91 -2.70 38.63 14.27
CA ALA E 91 -2.04 39.89 14.53
C ALA E 91 -1.39 39.94 15.90
N TYR E 92 -1.85 39.12 16.84
CA TYR E 92 -1.27 39.10 18.18
C TYR E 92 0.20 38.72 18.17
N LYS E 93 0.67 38.07 17.10
CA LYS E 93 2.07 37.66 17.03
C LYS E 93 3.02 38.84 16.96
N THR E 94 2.54 39.99 16.46
CA THR E 94 3.34 41.19 16.31
C THR E 94 3.13 42.19 17.43
N PHE E 95 2.29 41.87 18.42
CA PHE E 95 2.03 42.79 19.52
C PHE E 95 3.30 42.93 20.35
N PRO E 96 3.61 44.13 20.86
CA PRO E 96 4.86 44.27 21.61
C PRO E 96 4.77 43.75 23.04
N ASN F 1 -34.48 25.26 -1.64
CA ASN F 1 -33.94 24.32 -0.67
C ASN F 1 -32.46 24.57 -0.41
N VAL F 2 -31.95 23.87 0.60
CA VAL F 2 -30.54 23.99 0.98
C VAL F 2 -29.65 23.57 -0.18
N THR F 3 -30.08 22.58 -0.96
CA THR F 3 -29.24 22.11 -2.07
C THR F 3 -28.92 23.25 -3.04
N GLN F 4 -29.88 24.13 -3.32
CA GLN F 4 -29.64 25.24 -4.23
C GLN F 4 -28.70 26.29 -3.62
N ALA F 5 -28.98 26.72 -2.39
CA ALA F 5 -28.19 27.79 -1.78
C ALA F 5 -26.85 27.31 -1.25
N PHE F 6 -26.82 26.19 -0.53
CA PHE F 6 -25.62 25.77 0.17
C PHE F 6 -25.10 24.41 -0.29
N GLY F 7 -25.67 23.86 -1.35
CA GLY F 7 -25.18 22.61 -1.90
C GLY F 7 -25.80 21.39 -1.26
N ARG F 8 -25.39 20.24 -1.82
CA ARG F 8 -25.82 18.93 -1.38
C ARG F 8 -25.16 18.56 -0.05
N ARG F 9 -25.85 17.73 0.74
CA ARG F 9 -25.25 17.25 1.98
C ARG F 9 -24.29 16.12 1.66
N GLY F 10 -23.10 16.18 2.25
CA GLY F 10 -22.05 15.23 1.99
C GLY F 10 -20.83 15.43 2.88
N PRO F 11 -19.85 14.57 2.74
CA PRO F 11 -18.60 14.70 3.53
C PRO F 11 -17.58 15.67 2.93
N GLU F 12 -17.95 16.37 1.87
CA GLU F 12 -17.07 17.28 1.14
C GLU F 12 -16.86 18.59 1.90
N GLN F 13 -15.75 19.26 1.59
CA GLN F 13 -15.41 20.51 2.29
C GLN F 13 -16.38 21.63 1.95
N THR F 14 -16.68 21.82 0.64
CA THR F 14 -17.62 22.86 0.24
C THR F 14 -19.06 22.48 0.52
N GLN F 15 -19.32 21.20 0.73
CA GLN F 15 -20.68 20.73 0.94
C GLN F 15 -20.94 20.70 2.45
N GLY F 16 -22.10 21.20 2.85
CA GLY F 16 -22.52 21.07 4.24
C GLY F 16 -22.88 19.65 4.59
N ASN F 17 -22.83 19.34 5.89
CA ASN F 17 -23.18 18.01 6.38
C ASN F 17 -24.33 18.07 7.37
N PHE F 18 -24.92 19.25 7.59
CA PHE F 18 -25.96 19.46 8.58
C PHE F 18 -27.31 19.55 7.87
N GLY F 19 -28.26 18.72 8.29
CA GLY F 19 -29.61 18.82 7.78
C GLY F 19 -30.20 17.50 7.29
N ASP F 20 -31.32 17.09 7.88
CA ASP F 20 -32.05 15.93 7.38
C ASP F 20 -32.97 16.35 6.23
N GLN F 21 -33.70 15.37 5.68
CA GLN F 21 -34.56 15.64 4.53
C GLN F 21 -35.60 16.69 4.83
N GLU F 22 -36.15 16.65 6.04
CA GLU F 22 -37.18 17.58 6.45
C GLU F 22 -36.63 18.99 6.54
N LEU F 23 -35.47 19.14 7.18
CA LEU F 23 -34.88 20.46 7.34
C LEU F 23 -34.41 21.01 6.00
N ILE F 24 -33.90 20.15 5.11
CA ILE F 24 -33.45 20.62 3.80
C ILE F 24 -34.59 21.21 2.98
N ARG F 25 -35.72 20.51 2.94
CA ARG F 25 -36.81 20.95 2.07
C ARG F 25 -37.59 22.11 2.68
N GLN F 26 -37.77 22.10 4.00
CA GLN F 26 -38.54 23.17 4.64
C GLN F 26 -37.67 24.39 4.89
N GLY F 27 -36.41 24.18 5.25
CA GLY F 27 -35.47 25.25 5.50
C GLY F 27 -35.77 26.05 6.75
N THR F 28 -36.00 27.35 6.59
CA THR F 28 -36.32 28.19 7.75
C THR F 28 -37.72 27.93 8.28
N ASP F 29 -38.60 27.35 7.47
CA ASP F 29 -39.95 26.96 7.90
C ASP F 29 -39.97 25.68 8.72
N TYR F 30 -38.84 24.99 8.85
CA TYR F 30 -38.78 23.81 9.72
C TYR F 30 -39.28 24.16 11.10
N LYS F 31 -40.02 23.22 11.71
CA LYS F 31 -40.65 23.50 12.99
C LYS F 31 -39.62 23.90 14.03
N HIS F 32 -38.46 23.24 14.03
CA HIS F 32 -37.44 23.46 15.05
C HIS F 32 -36.26 24.30 14.55
N TRP F 33 -36.44 25.07 13.47
CA TRP F 33 -35.37 25.95 13.01
C TRP F 33 -34.94 26.98 14.04
N PRO F 34 -35.84 27.71 14.71
CA PRO F 34 -35.37 28.61 15.78
C PRO F 34 -34.60 27.92 16.89
N GLN F 35 -34.96 26.70 17.29
CA GLN F 35 -34.13 26.01 18.29
C GLN F 35 -32.73 25.72 17.76
N ILE F 36 -32.54 25.67 16.45
CA ILE F 36 -31.21 25.48 15.88
C ILE F 36 -30.50 26.81 15.67
N ALA F 37 -31.21 27.81 15.13
CA ALA F 37 -30.58 29.08 14.76
C ALA F 37 -30.01 29.83 15.97
N GLN F 38 -30.57 29.61 17.16
CA GLN F 38 -30.10 30.32 18.35
C GLN F 38 -28.62 30.09 18.59
N PHE F 39 -28.07 28.97 18.13
CA PHE F 39 -26.67 28.64 18.36
C PHE F 39 -25.75 29.20 17.29
N ALA F 40 -26.29 29.75 16.21
CA ALA F 40 -25.46 30.35 15.17
C ALA F 40 -24.79 31.62 15.68
N PRO F 41 -23.50 31.80 15.41
CA PRO F 41 -22.78 32.96 15.91
C PRO F 41 -23.10 34.24 15.15
N SER F 42 -23.06 35.35 15.88
CA SER F 42 -23.15 36.69 15.31
C SER F 42 -21.82 37.08 14.66
N ALA F 43 -21.85 38.20 13.94
CA ALA F 43 -20.63 38.70 13.29
C ALA F 43 -19.51 38.92 14.29
N SER F 44 -19.82 39.54 15.43
CA SER F 44 -18.80 39.76 16.45
C SER F 44 -18.28 38.45 17.00
N ALA F 45 -19.18 37.52 17.31
CA ALA F 45 -18.76 36.21 17.80
C ALA F 45 -17.96 35.44 16.75
N PHE F 46 -18.42 35.45 15.50
CA PHE F 46 -17.75 34.70 14.44
C PHE F 46 -16.28 35.08 14.33
N PHE F 47 -16.00 36.38 14.19
CA PHE F 47 -14.62 36.83 14.05
C PHE F 47 -13.90 36.93 15.38
N GLY F 48 -14.62 36.90 16.50
CA GLY F 48 -14.01 37.03 17.81
C GLY F 48 -13.57 35.73 18.47
N MET F 49 -14.35 34.66 18.33
CA MET F 49 -14.02 33.41 19.01
C MET F 49 -13.47 32.35 18.05
N SER F 50 -13.72 32.47 16.75
CA SER F 50 -13.29 31.45 15.82
C SER F 50 -11.82 31.65 15.44
N ARG F 51 -11.20 30.57 14.96
CA ARG F 51 -9.85 30.63 14.43
C ARG F 51 -9.95 30.88 12.93
N ILE F 52 -9.52 32.07 12.50
CA ILE F 52 -9.69 32.53 11.14
C ILE F 52 -8.38 32.36 10.37
N GLY F 53 -8.50 32.04 9.09
CA GLY F 53 -7.34 31.90 8.23
C GLY F 53 -7.69 32.32 6.81
N MET F 54 -6.67 32.33 5.97
CA MET F 54 -6.82 32.70 4.58
C MET F 54 -6.02 31.71 3.74
N GLU F 55 -6.65 31.17 2.70
CA GLU F 55 -5.98 30.25 1.80
C GLU F 55 -6.14 30.78 0.39
N VAL F 56 -5.02 30.97 -0.29
CA VAL F 56 -4.99 31.43 -1.67
C VAL F 56 -4.67 30.23 -2.55
N THR F 57 -5.65 29.80 -3.33
CA THR F 57 -5.49 28.70 -4.26
C THR F 57 -5.52 29.28 -5.67
N PRO F 58 -5.09 28.51 -6.68
CA PRO F 58 -5.21 29.03 -8.06
C PRO F 58 -6.62 29.40 -8.43
N SER F 59 -7.62 28.70 -7.88
CA SER F 59 -9.02 29.00 -8.16
C SER F 59 -9.53 30.24 -7.44
N GLY F 60 -8.84 30.69 -6.39
CA GLY F 60 -9.21 31.94 -5.73
C GLY F 60 -8.81 31.96 -4.27
N THR F 61 -9.27 33.01 -3.58
CA THR F 61 -8.97 33.25 -2.17
C THR F 61 -10.14 32.84 -1.28
N TRP F 62 -9.85 32.05 -0.24
CA TRP F 62 -10.86 31.51 0.66
C TRP F 62 -10.55 31.97 2.08
N LEU F 63 -11.57 32.45 2.78
CA LEU F 63 -11.46 32.78 4.20
C LEU F 63 -11.86 31.56 5.00
N THR F 64 -10.86 30.84 5.53
CA THR F 64 -11.12 29.62 6.29
C THR F 64 -11.46 29.96 7.74
N TYR F 65 -12.32 29.13 8.34
CA TYR F 65 -12.76 29.35 9.71
C TYR F 65 -13.08 28.03 10.39
N THR F 66 -12.90 28.00 11.70
CA THR F 66 -13.26 26.86 12.54
C THR F 66 -13.40 27.36 13.98
N GLY F 67 -14.28 26.70 14.74
CA GLY F 67 -14.53 27.15 16.10
C GLY F 67 -15.43 26.19 16.85
N ALA F 68 -15.72 26.55 18.09
CA ALA F 68 -16.54 25.73 18.97
C ALA F 68 -17.44 26.62 19.81
N ILE F 69 -18.75 26.34 19.79
CA ILE F 69 -19.74 27.10 20.55
C ILE F 69 -20.15 26.25 21.76
N LYS F 70 -19.90 26.77 22.96
CA LYS F 70 -20.23 26.02 24.18
C LYS F 70 -21.73 26.03 24.45
N LEU F 71 -22.28 24.85 24.70
CA LEU F 71 -23.67 24.69 25.12
C LEU F 71 -23.77 24.74 26.64
N ASP F 72 -24.87 25.29 27.14
CA ASP F 72 -25.10 25.46 28.57
C ASP F 72 -25.75 24.19 29.12
N ASP F 73 -24.99 23.42 29.90
CA ASP F 73 -25.50 22.20 30.51
C ASP F 73 -26.52 22.44 31.61
N LYS F 74 -26.61 23.66 32.17
CA LYS F 74 -27.64 23.95 33.18
C LYS F 74 -28.99 24.27 32.54
N ASP F 75 -29.00 24.56 31.24
CA ASP F 75 -30.20 24.91 30.51
C ASP F 75 -31.27 23.81 30.65
N PRO F 76 -32.55 24.18 30.86
CA PRO F 76 -33.60 23.15 30.98
C PRO F 76 -33.76 22.29 29.73
N ASN F 77 -33.49 22.86 28.55
CA ASN F 77 -33.65 22.18 27.28
C ASN F 77 -32.33 21.68 26.73
N PHE F 78 -31.27 21.65 27.56
CA PHE F 78 -29.96 21.22 27.09
C PHE F 78 -30.05 19.88 26.35
N LYS F 79 -30.67 18.88 26.98
CA LYS F 79 -30.79 17.57 26.36
C LYS F 79 -31.56 17.66 25.04
N ASP F 80 -32.67 18.39 25.02
CA ASP F 80 -33.45 18.53 23.79
C ASP F 80 -32.64 19.21 22.70
N GLN F 81 -31.88 20.25 23.06
CA GLN F 81 -31.05 20.93 22.08
C GLN F 81 -29.99 20.01 21.50
N VAL F 82 -29.35 19.20 22.34
CA VAL F 82 -28.34 18.26 21.86
C VAL F 82 -28.98 17.23 20.94
N ILE F 83 -30.14 16.69 21.33
CA ILE F 83 -30.84 15.71 20.51
C ILE F 83 -31.19 16.30 19.14
N LEU F 84 -31.71 17.52 19.13
CA LEU F 84 -32.08 18.16 17.88
C LEU F 84 -30.89 18.32 16.95
N LEU F 85 -29.77 18.82 17.49
CA LEU F 85 -28.58 19.03 16.67
C LEU F 85 -28.03 17.71 16.13
N ASN F 86 -27.96 16.68 16.98
CA ASN F 86 -27.44 15.39 16.51
C ASN F 86 -28.35 14.76 15.46
N LYS F 87 -29.66 15.05 15.52
CA LYS F 87 -30.56 14.53 14.50
C LYS F 87 -30.19 15.03 13.12
N HIS F 88 -29.65 16.24 13.02
CA HIS F 88 -29.33 16.84 11.74
C HIS F 88 -27.84 16.76 11.39
N ILE F 89 -26.97 16.57 12.38
CA ILE F 89 -25.54 16.42 12.11
C ILE F 89 -25.30 15.13 11.34
N ASP F 90 -24.71 15.25 10.15
CA ASP F 90 -24.41 14.09 9.30
C ASP F 90 -25.66 13.26 9.02
N ALA F 91 -26.78 13.95 8.84
CA ALA F 91 -28.04 13.27 8.59
C ALA F 91 -28.11 12.67 7.19
N TYR F 92 -27.27 13.14 6.26
CA TYR F 92 -27.31 12.64 4.88
C TYR F 92 -27.05 11.15 4.82
N LYS F 93 -26.37 10.59 5.82
CA LYS F 93 -26.06 9.17 5.84
C LYS F 93 -27.31 8.31 5.92
N THR F 94 -28.41 8.85 6.43
CA THR F 94 -29.65 8.11 6.62
C THR F 94 -30.66 8.38 5.52
N PHE F 95 -30.21 8.90 4.37
CA PHE F 95 -31.11 9.22 3.26
C PHE F 95 -31.30 7.97 2.41
N PRO F 96 -32.51 7.73 1.86
CA PRO F 96 -32.75 6.56 1.01
C PRO F 96 -31.94 6.52 -0.26
N ASN G 1 -18.69 19.57 -39.93
CA ASN G 1 -18.97 19.57 -38.50
C ASN G 1 -17.69 19.81 -37.69
N VAL G 2 -17.72 19.50 -36.38
CA VAL G 2 -16.56 19.78 -35.54
C VAL G 2 -15.34 18.96 -35.98
N THR G 3 -15.55 17.67 -36.30
CA THR G 3 -14.44 16.87 -36.79
C THR G 3 -13.93 17.41 -38.13
N GLN G 4 -14.84 17.85 -39.01
CA GLN G 4 -14.37 18.42 -40.28
C GLN G 4 -13.60 19.70 -40.02
N ALA G 5 -13.87 20.36 -38.90
CA ALA G 5 -13.19 21.61 -38.55
C ALA G 5 -11.76 21.35 -38.10
N PHE G 6 -11.58 20.35 -37.24
CA PHE G 6 -10.31 20.10 -36.57
C PHE G 6 -9.70 18.77 -36.97
N GLY G 7 -10.26 18.14 -38.01
CA GLY G 7 -9.74 16.90 -38.54
C GLY G 7 -10.38 15.70 -37.87
N ARG G 8 -10.00 14.53 -38.39
CA ARG G 8 -10.48 13.29 -37.80
C ARG G 8 -9.76 13.05 -36.48
N ARG G 9 -10.42 12.34 -35.58
CA ARG G 9 -9.84 12.01 -34.30
C ARG G 9 -8.85 10.86 -34.43
N GLY G 10 -7.76 10.96 -33.67
CA GLY G 10 -6.72 9.95 -33.67
C GLY G 10 -5.73 10.10 -32.53
N PRO G 11 -4.88 9.10 -32.37
CA PRO G 11 -3.90 9.09 -31.27
C PRO G 11 -2.59 9.80 -31.58
N GLU G 12 -2.44 10.42 -32.74
CA GLU G 12 -1.17 11.07 -33.02
C GLU G 12 -1.11 12.32 -32.16
N GLN G 13 0.11 12.76 -31.86
CA GLN G 13 0.23 13.96 -31.04
C GLN G 13 -0.32 15.18 -31.77
N THR G 14 -0.13 15.24 -33.08
CA THR G 14 -0.64 16.33 -33.91
C THR G 14 -2.14 16.26 -34.16
N GLN G 15 -2.73 15.07 -34.05
CA GLN G 15 -4.15 14.88 -34.35
C GLN G 15 -4.94 15.03 -33.06
N GLY G 16 -6.09 15.70 -33.15
CA GLY G 16 -6.95 15.79 -31.98
C GLY G 16 -7.53 14.43 -31.61
N ASN G 17 -7.73 14.24 -30.31
CA ASN G 17 -8.24 12.99 -29.78
C ASN G 17 -9.47 13.14 -28.88
N PHE G 18 -10.01 14.34 -28.77
CA PHE G 18 -11.07 14.63 -27.82
C PHE G 18 -12.43 14.63 -28.51
N GLY G 19 -13.36 13.84 -27.97
CA GLY G 19 -14.72 13.90 -28.49
C GLY G 19 -15.33 12.57 -28.87
N ASP G 20 -16.49 12.25 -28.28
CA ASP G 20 -17.25 11.10 -28.74
C ASP G 20 -18.09 11.51 -29.94
N GLN G 21 -18.87 10.56 -30.48
CA GLN G 21 -19.68 10.85 -31.65
C GLN G 21 -20.67 11.99 -31.42
N GLU G 22 -21.17 12.12 -30.19
CA GLU G 22 -22.11 13.20 -29.89
C GLU G 22 -21.46 14.56 -30.10
N LEU G 23 -20.25 14.73 -29.55
CA LEU G 23 -19.55 16.01 -29.66
C LEU G 23 -19.08 16.26 -31.09
N ILE G 24 -18.73 15.21 -31.82
CA ILE G 24 -18.20 15.34 -33.18
C ILE G 24 -19.19 16.09 -34.08
N ARG G 25 -20.44 15.65 -34.11
CA ARG G 25 -21.39 16.28 -35.03
C ARG G 25 -21.89 17.61 -34.46
N GLN G 26 -22.06 17.69 -33.14
CA GLN G 26 -22.64 18.88 -32.50
C GLN G 26 -21.59 19.92 -32.13
N GLY G 27 -20.67 19.57 -31.22
CA GLY G 27 -19.68 20.55 -30.82
C GLY G 27 -20.34 21.65 -30.00
N THR G 28 -20.43 22.85 -30.56
CA THR G 28 -21.13 23.90 -29.83
C THR G 28 -22.61 23.59 -29.73
N ASP G 29 -23.13 22.71 -30.58
CA ASP G 29 -24.52 22.28 -30.45
C ASP G 29 -24.67 21.21 -29.37
N TYR G 30 -23.56 20.69 -28.85
CA TYR G 30 -23.56 19.70 -27.77
C TYR G 30 -24.21 20.23 -26.49
N LYS G 31 -24.91 19.34 -25.79
CA LYS G 31 -25.67 19.71 -24.58
C LYS G 31 -24.76 20.22 -23.47
N HIS G 32 -23.66 19.50 -23.20
CA HIS G 32 -22.81 19.75 -22.04
C HIS G 32 -21.55 20.53 -22.38
N TRP G 33 -21.56 21.27 -23.49
CA TRP G 33 -20.39 22.06 -23.87
C TRP G 33 -19.97 23.06 -22.79
N PRO G 34 -20.88 23.79 -22.12
CA PRO G 34 -20.43 24.65 -21.01
C PRO G 34 -19.64 23.92 -19.95
N GLN G 35 -19.98 22.67 -19.65
CA GLN G 35 -19.16 21.90 -18.71
C GLN G 35 -17.77 21.65 -19.25
N ILE G 36 -17.61 21.66 -20.56
CA ILE G 36 -16.30 21.48 -21.19
C ILE G 36 -15.60 22.82 -21.39
N ALA G 37 -16.34 23.82 -21.88
CA ALA G 37 -15.73 25.11 -22.22
C ALA G 37 -15.16 25.82 -21.00
N GLN G 38 -15.72 25.57 -19.81
CA GLN G 38 -15.23 26.25 -18.61
C GLN G 38 -13.75 25.97 -18.37
N PHE G 39 -13.26 24.82 -18.83
CA PHE G 39 -11.86 24.47 -18.62
C PHE G 39 -10.96 24.93 -19.74
N ALA G 40 -11.51 25.36 -20.87
CA ALA G 40 -10.68 25.86 -21.96
C ALA G 40 -10.02 27.16 -21.57
N PRO G 41 -8.73 27.34 -21.83
CA PRO G 41 -8.05 28.56 -21.39
C PRO G 41 -8.38 29.76 -22.26
N SER G 42 -8.41 30.93 -21.62
CA SER G 42 -8.46 32.20 -22.33
C SER G 42 -7.08 32.52 -22.88
N ALA G 43 -7.01 33.55 -23.73
CA ALA G 43 -5.73 33.97 -24.30
C ALA G 43 -4.71 34.29 -23.21
N SER G 44 -5.12 35.02 -22.17
CA SER G 44 -4.20 35.35 -21.09
C SER G 44 -3.69 34.11 -20.38
N ALA G 45 -4.60 33.17 -20.06
CA ALA G 45 -4.20 31.92 -19.42
C ALA G 45 -3.35 31.07 -20.36
N PHE G 46 -3.75 30.96 -21.62
CA PHE G 46 -3.05 30.11 -22.57
C PHE G 46 -1.56 30.45 -22.67
N PHE G 47 -1.24 31.72 -22.93
CA PHE G 47 0.15 32.10 -23.07
C PHE G 47 0.85 32.29 -21.73
N GLY G 48 0.09 32.35 -20.63
CA GLY G 48 0.66 32.51 -19.31
C GLY G 48 1.00 31.20 -18.63
N MET G 49 0.19 30.16 -18.86
CA MET G 49 0.38 28.89 -18.19
C MET G 49 1.02 27.81 -19.06
N SER G 50 0.94 27.92 -20.38
CA SER G 50 1.46 26.87 -21.24
C SER G 50 2.96 27.03 -21.46
N ARG G 51 3.61 25.92 -21.80
CA ARG G 51 5.01 25.92 -22.21
C ARG G 51 5.02 26.06 -23.72
N ILE G 52 5.49 27.20 -24.22
CA ILE G 52 5.38 27.55 -25.64
C ILE G 52 6.71 27.31 -26.32
N GLY G 53 6.65 26.91 -27.60
CA GLY G 53 7.83 26.69 -28.39
C GLY G 53 7.58 27.05 -29.85
N MET G 54 8.65 26.98 -30.64
CA MET G 54 8.56 27.28 -32.06
C MET G 54 9.37 26.25 -32.84
N GLU G 55 8.74 25.66 -33.86
CA GLU G 55 9.34 24.62 -34.67
C GLU G 55 9.19 24.94 -36.15
N VAL G 56 10.28 24.87 -36.90
CA VAL G 56 10.26 25.02 -38.35
C VAL G 56 10.39 23.62 -38.93
N THR G 57 9.29 23.10 -39.45
CA THR G 57 9.18 21.78 -40.04
C THR G 57 8.94 21.89 -41.55
N PRO G 58 9.02 20.78 -42.30
CA PRO G 58 8.70 20.85 -43.72
C PRO G 58 7.33 21.43 -44.04
N SER G 59 6.34 21.23 -43.16
CA SER G 59 5.02 21.78 -43.41
C SER G 59 4.93 23.28 -43.16
N GLY G 60 5.86 23.85 -42.40
CA GLY G 60 5.86 25.26 -42.15
C GLY G 60 6.41 25.55 -40.77
N THR G 61 6.14 26.76 -40.29
CA THR G 61 6.52 27.19 -38.96
C THR G 61 5.35 26.98 -38.01
N TRP G 62 5.60 26.26 -36.92
CA TRP G 62 4.55 25.86 -35.98
C TRP G 62 4.83 26.39 -34.58
N LEU G 63 3.79 26.93 -33.95
CA LEU G 63 3.84 27.34 -32.55
C LEU G 63 3.35 26.18 -31.68
N THR G 64 4.28 25.51 -31.00
CA THR G 64 3.94 24.36 -30.16
C THR G 64 3.48 24.82 -28.79
N TYR G 65 2.59 24.04 -28.17
CA TYR G 65 2.06 24.39 -26.86
C TYR G 65 1.71 23.13 -26.07
N THR G 66 1.85 23.24 -24.75
CA THR G 66 1.47 22.17 -23.84
C THR G 66 1.26 22.78 -22.46
N GLY G 67 0.38 22.15 -21.67
CA GLY G 67 0.08 22.71 -20.36
C GLY G 67 -0.81 21.79 -19.55
N ALA G 68 -1.11 22.24 -18.34
CA ALA G 68 -1.93 21.48 -17.40
C ALA G 68 -2.83 22.43 -16.63
N ILE G 69 -4.13 22.16 -16.64
CA ILE G 69 -5.12 22.96 -15.93
C ILE G 69 -5.55 22.22 -14.67
N LYS G 70 -5.29 22.82 -13.51
CA LYS G 70 -5.67 22.20 -12.25
C LYS G 70 -7.18 22.27 -12.06
N LEU G 71 -7.79 21.13 -11.76
CA LEU G 71 -9.21 21.09 -11.43
C LEU G 71 -9.37 21.33 -9.94
N ASP G 72 -10.47 21.99 -9.57
CA ASP G 72 -10.71 22.33 -8.18
C ASP G 72 -11.41 21.17 -7.48
N ASP G 73 -10.67 20.50 -6.58
CA ASP G 73 -11.26 19.40 -5.83
C ASP G 73 -12.31 19.89 -4.85
N LYS G 74 -12.30 21.18 -4.51
CA LYS G 74 -13.32 21.68 -3.60
C LYS G 74 -14.65 21.96 -4.30
N ASP G 75 -14.63 22.22 -5.61
CA ASP G 75 -15.86 22.45 -6.34
C ASP G 75 -16.78 21.24 -6.27
N PRO G 76 -18.07 21.43 -5.98
CA PRO G 76 -19.00 20.28 -5.95
C PRO G 76 -19.11 19.55 -7.28
N ASN G 77 -18.81 20.22 -8.39
CA ASN G 77 -18.97 19.63 -9.71
C ASN G 77 -17.69 18.97 -10.17
N PHE G 78 -16.68 18.92 -9.30
CA PHE G 78 -15.37 18.37 -9.64
C PHE G 78 -15.46 16.95 -10.19
N LYS G 79 -16.06 16.03 -9.43
CA LYS G 79 -16.08 14.64 -9.86
C LYS G 79 -16.86 14.46 -11.16
N ASP G 80 -18.03 15.09 -11.25
CA ASP G 80 -18.83 14.96 -12.47
C ASP G 80 -18.08 15.54 -13.68
N GLN G 81 -17.39 16.66 -13.48
CA GLN G 81 -16.56 17.21 -14.56
C GLN G 81 -15.48 16.23 -14.96
N VAL G 82 -14.84 15.58 -13.98
CA VAL G 82 -13.84 14.55 -14.27
C VAL G 82 -14.47 13.41 -15.06
N ILE G 83 -15.66 12.97 -14.63
CA ILE G 83 -16.37 11.89 -15.32
C ILE G 83 -16.65 12.29 -16.78
N LEU G 84 -17.17 13.51 -16.97
CA LEU G 84 -17.53 13.98 -18.31
C LEU G 84 -16.31 14.06 -19.22
N LEU G 85 -15.19 14.59 -18.71
CA LEU G 85 -13.98 14.71 -19.54
C LEU G 85 -13.48 13.36 -20.00
N ASN G 86 -13.53 12.35 -19.12
CA ASN G 86 -13.13 11.00 -19.48
C ASN G 86 -14.00 10.41 -20.57
N LYS G 87 -15.26 10.85 -20.65
CA LYS G 87 -16.18 10.34 -21.67
C LYS G 87 -15.66 10.62 -23.07
N HIS G 88 -14.97 11.74 -23.27
CA HIS G 88 -14.54 12.19 -24.58
C HIS G 88 -13.05 11.97 -24.87
N ILE G 89 -12.21 11.83 -23.84
CA ILE G 89 -10.79 11.61 -24.06
C ILE G 89 -10.57 10.27 -24.74
N ASP G 90 -9.95 10.29 -25.92
CA ASP G 90 -9.64 9.07 -26.68
C ASP G 90 -10.91 8.24 -26.92
N ALA G 91 -12.02 8.93 -27.19
CA ALA G 91 -13.31 8.27 -27.36
C ALA G 91 -13.43 7.51 -28.68
N TYR G 92 -12.59 7.81 -29.67
CA TYR G 92 -12.64 7.19 -31.00
C TYR G 92 -12.51 5.66 -30.98
N LYS G 93 -12.09 5.06 -29.88
CA LYS G 93 -11.83 3.62 -29.84
C LYS G 93 -13.08 2.78 -30.13
N THR G 94 -14.26 3.29 -29.79
CA THR G 94 -15.51 2.54 -29.94
C THR G 94 -16.32 3.00 -31.15
N PHE G 95 -15.69 3.71 -32.09
CA PHE G 95 -16.45 4.24 -33.21
C PHE G 95 -16.50 3.24 -34.37
N PRO G 96 -17.65 3.10 -35.05
CA PRO G 96 -17.72 2.21 -36.22
C PRO G 96 -17.37 2.92 -37.52
N ALA H 2 -15.18 -35.32 3.60
CA ALA H 2 -14.12 -35.95 4.39
C ALA H 2 -12.76 -35.39 3.99
N GLU H 3 -12.63 -34.06 4.09
CA GLU H 3 -11.39 -33.40 3.68
C GLU H 3 -10.24 -33.67 4.63
N VAL H 4 -10.52 -33.89 5.91
CA VAL H 4 -9.49 -34.10 6.92
C VAL H 4 -9.70 -35.47 7.57
N GLN H 5 -8.62 -36.23 7.69
CA GLN H 5 -8.63 -37.53 8.34
C GLN H 5 -7.77 -37.49 9.60
N LEU H 6 -8.28 -38.09 10.68
CA LEU H 6 -7.62 -38.10 11.98
C LEU H 6 -7.28 -39.53 12.36
N GLN H 7 -6.02 -39.75 12.77
CA GLN H 7 -5.57 -41.06 13.21
C GLN H 7 -5.19 -40.97 14.67
N ALA H 8 -5.90 -41.70 15.53
CA ALA H 8 -5.70 -41.67 16.97
C ALA H 8 -5.13 -42.99 17.48
N SER H 9 -4.30 -42.91 18.51
CA SER H 9 -3.69 -44.09 19.12
C SER H 9 -3.20 -43.75 20.53
N GLY H 10 -2.63 -44.74 21.20
CA GLY H 10 -2.00 -44.56 22.50
C GLY H 10 -2.76 -45.04 23.72
N GLY H 11 -3.95 -45.60 23.54
CA GLY H 11 -4.70 -46.10 24.69
C GLY H 11 -4.08 -47.37 25.26
N GLY H 12 -4.43 -47.64 26.52
CA GLY H 12 -3.93 -48.85 27.15
C GLY H 12 -4.50 -49.03 28.55
N LEU H 13 -3.95 -50.01 29.26
CA LEU H 13 -4.36 -50.33 30.64
C LEU H 13 -3.16 -50.13 31.56
N VAL H 14 -3.33 -49.24 32.55
CA VAL H 14 -2.28 -48.90 33.51
C VAL H 14 -2.88 -48.87 34.91
N GLN H 15 -2.01 -48.86 35.90
CA GLN H 15 -2.42 -48.75 37.28
C GLN H 15 -2.58 -47.27 37.64
N ALA H 16 -3.29 -47.02 38.74
CA ALA H 16 -3.44 -45.64 39.22
C ALA H 16 -2.07 -45.03 39.45
N GLY H 17 -1.89 -43.79 38.99
CA GLY H 17 -0.61 -43.14 39.05
C GLY H 17 0.26 -43.35 37.83
N GLY H 18 -0.15 -44.25 36.93
CA GLY H 18 0.62 -44.52 35.73
C GLY H 18 0.45 -43.44 34.69
N SER H 19 1.10 -43.64 33.54
CA SER H 19 1.12 -42.66 32.48
C SER H 19 0.80 -43.29 31.14
N LEU H 20 0.23 -42.48 30.25
CA LEU H 20 -0.05 -42.87 28.88
C LEU H 20 0.12 -41.64 27.99
N ARG H 21 0.27 -41.85 26.69
CA ARG H 21 0.34 -40.75 25.73
C ARG H 21 -0.57 -41.03 24.54
N LEU H 22 -1.63 -40.25 24.40
CA LEU H 22 -2.49 -40.34 23.23
C LEU H 22 -1.92 -39.48 22.10
N SER H 23 -2.11 -39.94 20.87
CA SER H 23 -1.66 -39.23 19.69
C SER H 23 -2.78 -39.11 18.68
N CYS H 24 -2.86 -37.96 18.01
CA CYS H 24 -3.86 -37.72 16.97
C CYS H 24 -3.15 -37.06 15.79
N ALA H 25 -2.92 -37.83 14.73
CA ALA H 25 -2.25 -37.34 13.52
C ALA H 25 -3.29 -36.92 12.49
N ALA H 26 -3.18 -35.67 12.02
CA ALA H 26 -4.11 -35.13 11.05
C ALA H 26 -3.54 -35.23 9.65
N SER H 27 -4.39 -35.66 8.70
CA SER H 27 -3.99 -35.79 7.31
C SER H 27 -5.05 -35.17 6.41
N GLY H 28 -4.64 -34.79 5.20
CA GLY H 28 -5.54 -34.18 4.25
C GLY H 28 -5.36 -32.67 4.21
N ARG H 29 -6.48 -31.93 4.18
CA ARG H 29 -6.42 -30.46 4.16
C ARG H 29 -6.28 -29.94 5.60
N THR H 30 -5.10 -30.19 6.17
CA THR H 30 -4.81 -29.75 7.52
C THR H 30 -4.78 -28.22 7.63
N ASP H 31 -4.71 -27.52 6.50
CA ASP H 31 -4.65 -26.06 6.50
C ASP H 31 -5.92 -25.44 7.08
N SER H 32 -7.07 -26.08 6.87
CA SER H 32 -8.32 -25.51 7.37
C SER H 32 -8.54 -25.76 8.85
N THR H 33 -7.73 -26.62 9.46
CA THR H 33 -7.90 -26.93 10.88
C THR H 33 -7.64 -25.70 11.72
N GLN H 34 -8.54 -25.42 12.65
CA GLN H 34 -8.42 -24.30 13.56
C GLN H 34 -8.21 -24.74 15.00
N HIS H 35 -8.87 -25.81 15.43
CA HIS H 35 -8.73 -26.35 16.77
C HIS H 35 -8.76 -27.87 16.71
N MET H 36 -7.95 -28.51 17.54
CA MET H 36 -8.02 -29.95 17.75
C MET H 36 -8.29 -30.21 19.23
N ALA H 37 -9.26 -31.07 19.51
CA ALA H 37 -9.71 -31.33 20.87
C ALA H 37 -9.80 -32.83 21.13
N TRP H 38 -9.79 -33.17 22.42
CA TRP H 38 -10.00 -34.54 22.88
C TRP H 38 -11.25 -34.60 23.76
N PHE H 39 -12.15 -35.52 23.45
CA PHE H 39 -13.32 -35.82 24.26
C PHE H 39 -13.19 -37.23 24.84
N ARG H 40 -13.93 -37.48 25.94
CA ARG H 40 -13.95 -38.80 26.54
C ARG H 40 -15.36 -39.16 27.02
N GLN H 41 -15.67 -40.45 26.98
CA GLN H 41 -16.96 -40.97 27.46
C GLN H 41 -16.75 -42.18 28.36
N ALA H 42 -17.05 -42.02 29.66
CA ALA H 42 -17.00 -43.12 30.60
C ALA H 42 -18.30 -43.93 30.56
N PRO H 43 -18.27 -45.19 31.04
CA PRO H 43 -19.50 -46.01 31.08
C PRO H 43 -20.68 -45.31 31.75
N GLY H 44 -21.81 -45.24 31.04
CA GLY H 44 -23.01 -44.67 31.60
C GLY H 44 -22.97 -43.18 31.83
N LYS H 45 -22.02 -42.48 31.21
CA LYS H 45 -21.86 -41.05 31.39
C LYS H 45 -21.86 -40.35 30.04
N GLU H 46 -22.02 -39.03 30.07
CA GLU H 46 -22.06 -38.26 28.84
C GLU H 46 -20.65 -37.93 28.37
N ARG H 47 -20.53 -37.65 27.07
CA ARG H 47 -19.26 -37.21 26.49
C ARG H 47 -18.80 -35.93 27.15
N GLU H 48 -17.55 -35.92 27.61
CA GLU H 48 -16.99 -34.79 28.33
C GLU H 48 -15.77 -34.24 27.60
N PHE H 49 -15.67 -32.91 27.55
CA PHE H 49 -14.49 -32.25 27.00
C PHE H 49 -13.30 -32.49 27.92
N VAL H 50 -12.13 -32.75 27.32
CA VAL H 50 -10.90 -32.99 28.08
C VAL H 50 -9.88 -31.88 27.86
N THR H 51 -9.44 -31.69 26.62
CA THR H 51 -8.41 -30.71 26.31
C THR H 51 -8.50 -30.32 24.86
N ALA H 52 -7.88 -29.20 24.50
CA ALA H 52 -7.85 -28.74 23.12
C ALA H 52 -6.64 -27.85 22.90
N ILE H 53 -6.27 -27.68 21.63
CA ILE H 53 -5.13 -26.84 21.25
C ILE H 53 -5.46 -26.09 19.96
N GLN H 54 -4.99 -24.84 19.87
CA GLN H 54 -5.11 -24.06 18.65
C GLN H 54 -4.12 -24.57 17.60
N TRP H 55 -4.61 -24.81 16.38
CA TRP H 55 -3.75 -25.35 15.34
C TRP H 55 -2.65 -24.39 14.91
N ARG H 56 -2.90 -23.09 14.98
CA ARG H 56 -1.88 -22.12 14.53
C ARG H 56 -1.10 -21.59 15.72
N GLY H 57 -1.74 -20.78 16.56
CA GLY H 57 -1.01 -20.21 17.67
C GLY H 57 -0.46 -21.20 18.69
N GLY H 58 -1.19 -22.28 18.96
CA GLY H 58 -0.81 -23.25 19.97
C GLY H 58 -1.37 -23.08 21.38
N GLY H 59 -2.28 -22.15 21.62
CA GLY H 59 -2.86 -22.03 22.94
C GLY H 59 -3.63 -23.29 23.33
N THR H 60 -3.55 -23.65 24.61
CA THR H 60 -4.13 -24.90 25.11
C THR H 60 -5.26 -24.64 26.11
N SER H 61 -6.15 -25.62 26.24
CA SER H 61 -7.26 -25.57 27.18
C SER H 61 -7.42 -26.93 27.85
N TYR H 62 -7.94 -26.93 29.08
CA TYR H 62 -8.11 -28.16 29.85
C TYR H 62 -9.34 -28.05 30.72
N THR H 63 -10.02 -29.17 30.92
CA THR H 63 -11.05 -29.27 31.94
C THR H 63 -10.39 -29.35 33.32
N ASP H 64 -11.11 -28.91 34.35
CA ASP H 64 -10.53 -28.79 35.68
C ASP H 64 -9.95 -30.12 36.18
N SER H 65 -10.64 -31.23 35.93
CA SER H 65 -10.24 -32.51 36.51
C SER H 65 -8.88 -33.01 36.01
N VAL H 66 -8.38 -32.48 34.89
CA VAL H 66 -7.14 -32.96 34.30
C VAL H 66 -6.03 -31.92 34.34
N LYS H 67 -6.30 -30.72 34.86
CA LYS H 67 -5.29 -29.67 34.90
C LYS H 67 -4.08 -30.12 35.72
N GLY H 68 -2.89 -29.95 35.14
CA GLY H 68 -1.65 -30.34 35.79
C GLY H 68 -1.23 -31.76 35.50
N ARG H 69 -2.18 -32.67 35.31
CA ARG H 69 -1.88 -34.06 35.01
C ARG H 69 -1.81 -34.33 33.52
N PHE H 70 -2.61 -33.63 32.72
CA PHE H 70 -2.65 -33.81 31.27
C PHE H 70 -1.99 -32.61 30.59
N THR H 71 -1.22 -32.87 29.55
CA THR H 71 -0.59 -31.80 28.77
C THR H 71 -0.70 -32.11 27.28
N ILE H 72 -1.35 -31.22 26.53
CA ILE H 72 -1.50 -31.34 25.09
C ILE H 72 -0.44 -30.48 24.40
N SER H 73 0.11 -30.97 23.29
CA SER H 73 1.20 -30.27 22.62
C SER H 73 1.21 -30.61 21.14
N ARG H 74 1.83 -29.72 20.36
CA ARG H 74 2.02 -29.95 18.92
C ARG H 74 3.23 -29.17 18.44
N ASP H 75 4.20 -29.85 17.85
CA ASP H 75 5.24 -29.15 17.12
C ASP H 75 4.66 -28.60 15.81
N ASN H 76 4.83 -27.30 15.60
CA ASN H 76 4.13 -26.58 14.53
C ASN H 76 4.38 -27.12 13.13
N ALA H 77 5.46 -27.86 12.90
CA ALA H 77 5.80 -28.30 11.56
C ALA H 77 5.11 -29.59 11.14
N LYS H 78 4.82 -30.49 12.09
CA LYS H 78 4.12 -31.71 11.76
C LYS H 78 2.68 -31.64 12.27
N ASN H 79 1.83 -32.49 11.68
CA ASN H 79 0.40 -32.46 11.91
C ASN H 79 -0.05 -33.50 12.93
N THR H 80 0.80 -33.87 13.88
CA THR H 80 0.47 -34.83 14.91
C THR H 80 0.48 -34.13 16.27
N VAL H 81 -0.60 -34.28 17.02
CA VAL H 81 -0.77 -33.69 18.35
C VAL H 81 -0.72 -34.79 19.38
N TYR H 82 -0.08 -34.52 20.52
CA TYR H 82 0.09 -35.50 21.58
C TYR H 82 -0.61 -35.04 22.85
N LEU H 83 -1.19 -35.98 23.58
CA LEU H 83 -1.80 -35.73 24.89
C LEU H 83 -1.08 -36.59 25.91
N GLU H 84 -0.21 -35.98 26.70
CA GLU H 84 0.52 -36.69 27.76
C GLU H 84 -0.33 -36.75 29.01
N MET H 85 -0.61 -37.98 29.48
CA MET H 85 -1.47 -38.25 30.62
C MET H 85 -0.66 -38.87 31.75
N ASN H 86 -0.38 -38.07 32.79
CA ASN H 86 0.32 -38.52 33.98
C ASN H 86 -0.64 -38.61 35.16
N SER H 87 -0.22 -39.34 36.19
CA SER H 87 -0.98 -39.51 37.43
C SER H 87 -2.42 -39.90 37.14
N LEU H 88 -2.57 -40.94 36.32
CA LEU H 88 -3.90 -41.36 35.88
C LEU H 88 -4.71 -41.91 37.06
N LYS H 89 -5.99 -41.56 37.09
CA LYS H 89 -6.92 -41.94 38.15
C LYS H 89 -8.01 -42.83 37.58
N PRO H 90 -8.70 -43.60 38.42
CA PRO H 90 -9.81 -44.43 37.91
C PRO H 90 -10.90 -43.62 37.22
N GLU H 91 -11.07 -42.35 37.58
CA GLU H 91 -12.06 -41.51 36.93
C GLU H 91 -11.68 -41.13 35.51
N ASP H 92 -10.44 -41.39 35.10
CA ASP H 92 -10.01 -41.13 33.73
C ASP H 92 -10.30 -42.29 32.79
N THR H 93 -10.74 -43.43 33.32
CA THR H 93 -11.10 -44.56 32.49
C THR H 93 -12.28 -44.20 31.59
N ALA H 94 -12.06 -44.22 30.28
CA ALA H 94 -13.07 -43.81 29.30
C ALA H 94 -12.52 -44.09 27.91
N VAL H 95 -13.40 -43.93 26.91
CA VAL H 95 -13.01 -43.96 25.51
C VAL H 95 -12.71 -42.54 25.07
N TYR H 96 -11.49 -42.32 24.56
CA TYR H 96 -11.03 -40.99 24.18
C TYR H 96 -11.13 -40.80 22.67
N TYR H 97 -11.61 -39.62 22.26
CA TYR H 97 -11.84 -39.27 20.86
C TYR H 97 -11.18 -37.93 20.54
N CYS H 98 -10.36 -37.89 19.49
CA CYS H 98 -9.83 -36.60 19.02
C CYS H 98 -10.67 -36.07 17.87
N ALA H 99 -10.80 -34.75 17.81
CA ALA H 99 -11.64 -34.08 16.82
C ALA H 99 -11.00 -32.77 16.37
N THR H 100 -11.34 -32.34 15.15
CA THR H 100 -10.90 -31.07 14.59
C THR H 100 -12.10 -30.30 14.06
N ASN H 101 -11.91 -28.99 13.91
CA ASN H 101 -12.94 -28.11 13.33
C ASN H 101 -12.29 -27.19 12.29
N THR H 102 -13.11 -26.33 11.69
CA THR H 102 -12.65 -25.44 10.61
C THR H 102 -13.04 -23.99 10.80
N ARG H 103 -13.99 -23.67 11.68
CA ARG H 103 -14.35 -22.30 11.96
C ARG H 103 -13.34 -21.67 12.91
N TRP H 104 -12.84 -20.48 12.57
CA TRP H 104 -11.87 -19.85 13.43
C TRP H 104 -12.54 -19.26 14.66
N THR H 105 -12.03 -19.62 15.83
CA THR H 105 -12.35 -18.98 17.09
C THR H 105 -11.07 -18.92 17.89
N TYR H 106 -10.97 -17.94 18.80
CA TYR H 106 -9.80 -17.92 19.67
C TYR H 106 -9.89 -19.04 20.70
N PHE H 107 -11.01 -19.11 21.42
CA PHE H 107 -11.20 -20.16 22.41
C PHE H 107 -11.66 -21.45 21.73
N SER H 108 -11.04 -22.55 22.09
CA SER H 108 -11.43 -23.84 21.54
C SER H 108 -12.83 -24.20 22.02
N PRO H 109 -13.75 -24.56 21.13
CA PRO H 109 -15.09 -24.98 21.58
C PRO H 109 -15.01 -26.25 22.42
N THR H 110 -15.98 -26.40 23.32
CA THR H 110 -16.02 -27.51 24.27
C THR H 110 -17.21 -28.43 24.07
N VAL H 111 -18.00 -28.24 23.00
CA VAL H 111 -19.14 -29.11 22.74
C VAL H 111 -18.88 -29.88 21.44
N PRO H 112 -19.25 -31.17 21.39
CA PRO H 112 -18.95 -31.98 20.20
C PRO H 112 -19.50 -31.42 18.90
N ASP H 113 -20.66 -30.75 18.93
CA ASP H 113 -21.29 -30.30 17.70
C ASP H 113 -20.49 -29.20 16.98
N ARG H 114 -19.54 -28.56 17.66
CA ARG H 114 -18.73 -27.54 17.02
C ARG H 114 -17.48 -28.10 16.35
N TYR H 115 -17.31 -29.41 16.35
CA TYR H 115 -16.20 -30.05 15.68
C TYR H 115 -16.72 -30.84 14.49
N ASP H 116 -15.94 -30.85 13.40
CA ASP H 116 -16.41 -31.39 12.13
C ASP H 116 -15.82 -32.75 11.78
N TYR H 117 -14.60 -33.03 12.21
CA TYR H 117 -13.91 -34.28 11.87
C TYR H 117 -13.53 -35.02 13.14
N TRP H 118 -13.61 -36.35 13.10
CA TRP H 118 -13.43 -37.19 14.28
C TRP H 118 -12.55 -38.38 13.98
N GLY H 119 -11.71 -38.76 14.97
CA GLY H 119 -10.89 -39.95 14.90
C GLY H 119 -11.49 -41.14 15.62
N GLN H 120 -10.85 -42.30 15.43
CA GLN H 120 -11.26 -43.53 16.10
C GLN H 120 -11.10 -43.41 17.61
N GLY H 121 -12.00 -44.04 18.35
CA GLY H 121 -11.91 -44.00 19.80
C GLY H 121 -10.75 -44.84 20.31
N THR H 122 -10.04 -44.31 21.30
CA THR H 122 -8.95 -45.02 21.97
C THR H 122 -9.34 -45.30 23.42
N GLN H 123 -9.30 -46.57 23.81
CA GLN H 123 -9.71 -46.98 25.15
C GLN H 123 -8.59 -46.75 26.16
N VAL H 124 -8.92 -46.11 27.27
CA VAL H 124 -8.00 -45.91 28.38
C VAL H 124 -8.63 -46.49 29.64
N THR H 125 -7.93 -47.42 30.28
CA THR H 125 -8.42 -48.07 31.51
C THR H 125 -7.38 -47.96 32.61
N VAL H 126 -7.79 -47.43 33.75
CA VAL H 126 -6.95 -47.33 34.94
C VAL H 126 -7.49 -48.34 35.95
N SER H 127 -6.69 -49.36 36.25
CA SER H 127 -7.12 -50.52 37.03
C SER H 127 -6.28 -50.70 38.28
N SER H 128 -6.95 -51.03 39.39
CA SER H 128 -6.29 -51.21 40.69
C SER H 128 -5.76 -52.63 40.78
N ALA H 129 -4.46 -52.79 40.50
CA ALA H 129 -3.76 -54.07 40.57
C ALA H 129 -4.58 -55.19 39.92
N ALA H 130 -5.04 -54.91 38.70
CA ALA H 130 -5.80 -55.89 37.92
C ALA H 130 -5.21 -56.13 36.54
N ALA H 131 -4.18 -55.38 36.15
CA ALA H 131 -3.48 -55.65 34.91
C ALA H 131 -2.68 -56.96 34.99
N LEU H 132 -2.39 -57.44 36.20
CA LEU H 132 -1.64 -58.68 36.35
C LEU H 132 -2.30 -59.83 35.60
N GLU H 133 -3.63 -59.95 35.71
CA GLU H 133 -4.33 -61.01 34.99
C GLU H 133 -4.20 -60.83 33.48
N HIS H 134 -4.25 -59.58 33.02
CA HIS H 134 -4.08 -59.32 31.59
C HIS H 134 -2.67 -59.64 31.14
N HIS H 135 -1.66 -59.28 31.94
CA HIS H 135 -0.29 -59.65 31.62
C HIS H 135 -0.14 -61.15 31.44
N HIS H 136 -0.78 -61.94 32.31
CA HIS H 136 -0.67 -63.38 32.19
C HIS H 136 -1.31 -63.89 30.90
N HIS H 137 -2.55 -63.46 30.63
CA HIS H 137 -3.28 -63.93 29.46
C HIS H 137 -2.61 -63.49 28.15
N ALA I 2 0.02 -40.67 -32.11
CA ALA I 2 0.68 -40.07 -30.96
C ALA I 2 2.04 -39.49 -31.36
N GLU I 3 2.19 -38.17 -31.20
CA GLU I 3 3.43 -37.52 -31.60
C GLU I 3 4.58 -37.80 -30.63
N VAL I 4 4.27 -37.99 -29.35
CA VAL I 4 5.27 -38.21 -28.31
C VAL I 4 5.02 -39.56 -27.66
N GLN I 5 6.07 -40.36 -27.50
CA GLN I 5 6.00 -41.67 -26.85
C GLN I 5 6.80 -41.65 -25.56
N LEU I 6 6.23 -42.24 -24.50
CA LEU I 6 6.85 -42.27 -23.19
C LEU I 6 7.14 -43.72 -22.78
N GLN I 7 8.38 -43.96 -22.35
CA GLN I 7 8.82 -45.26 -21.86
C GLN I 7 9.19 -45.14 -20.38
N ALA I 8 8.47 -45.87 -19.54
CA ALA I 8 8.66 -45.84 -18.10
C ALA I 8 9.26 -47.15 -17.62
N SER I 9 10.11 -47.07 -16.61
CA SER I 9 10.76 -48.24 -16.04
C SER I 9 11.26 -47.91 -14.64
N GLY I 10 11.88 -48.90 -13.99
CA GLY I 10 12.51 -48.70 -12.70
C GLY I 10 11.75 -49.19 -11.48
N GLY I 11 10.56 -49.76 -11.66
CA GLY I 11 9.83 -50.30 -10.54
C GLY I 11 10.46 -51.56 -9.99
N GLY I 12 10.11 -51.88 -8.75
CA GLY I 12 10.63 -53.09 -8.14
C GLY I 12 10.05 -53.29 -6.76
N LEU I 13 10.61 -54.27 -6.05
CA LEU I 13 10.19 -54.64 -4.71
C LEU I 13 11.35 -54.41 -3.75
N VAL I 14 11.13 -53.55 -2.75
CA VAL I 14 12.16 -53.22 -1.76
C VAL I 14 11.54 -53.25 -0.37
N GLN I 15 12.40 -53.31 0.64
CA GLN I 15 11.93 -53.20 2.02
C GLN I 15 11.85 -51.73 2.43
N ALA I 16 11.12 -51.48 3.52
CA ALA I 16 11.00 -50.13 4.03
C ALA I 16 12.37 -49.52 4.30
N GLY I 17 12.56 -48.28 3.86
CA GLY I 17 13.83 -47.61 3.94
C GLY I 17 14.70 -47.79 2.72
N GLY I 18 14.32 -48.65 1.79
CA GLY I 18 15.08 -48.89 0.58
C GLY I 18 14.91 -47.77 -0.43
N SER I 19 15.56 -47.95 -1.58
CA SER I 19 15.56 -46.92 -2.62
C SER I 19 15.24 -47.54 -3.98
N LEU I 20 14.66 -46.71 -4.85
CA LEU I 20 14.37 -47.07 -6.23
C LEU I 20 14.56 -45.82 -7.07
N ARG I 21 14.74 -46.00 -8.38
CA ARG I 21 14.81 -44.88 -9.31
C ARG I 21 13.92 -45.17 -10.52
N LEU I 22 12.84 -44.40 -10.66
CA LEU I 22 11.99 -44.47 -11.82
C LEU I 22 12.54 -43.59 -12.94
N SER I 23 12.35 -44.03 -14.18
CA SER I 23 12.78 -43.28 -15.36
C SER I 23 11.63 -43.21 -16.35
N CYS I 24 11.51 -42.06 -17.03
CA CYS I 24 10.50 -41.83 -18.05
C CYS I 24 11.22 -41.20 -19.24
N ALA I 25 11.46 -41.99 -20.28
CA ALA I 25 12.15 -41.51 -21.47
C ALA I 25 11.15 -41.08 -22.55
N ALA I 26 11.29 -39.84 -23.01
CA ALA I 26 10.40 -39.27 -24.01
C ALA I 26 11.03 -39.36 -25.39
N SER I 27 10.23 -39.73 -26.39
CA SER I 27 10.69 -39.82 -27.76
C SER I 27 9.71 -39.12 -28.69
N GLY I 28 10.20 -38.72 -29.86
CA GLY I 28 9.41 -38.03 -30.87
C GLY I 28 9.67 -36.53 -30.87
N ARG I 29 8.62 -35.72 -31.01
CA ARG I 29 8.77 -34.26 -30.97
C ARG I 29 8.73 -33.78 -29.51
N THR I 30 9.84 -34.06 -28.81
CA THR I 30 9.94 -33.71 -27.39
C THR I 30 9.97 -32.20 -27.13
N ASP I 31 10.21 -31.36 -28.15
CA ASP I 31 10.26 -29.92 -27.90
C ASP I 31 8.92 -29.37 -27.46
N SER I 32 7.82 -30.02 -27.85
CA SER I 32 6.50 -29.52 -27.49
C SER I 32 6.15 -29.82 -26.03
N THR I 33 6.96 -30.63 -25.35
CA THR I 33 6.68 -30.95 -23.95
C THR I 33 6.84 -29.71 -23.09
N GLN I 34 5.87 -29.48 -22.21
CA GLN I 34 5.92 -28.37 -21.27
C GLN I 34 6.12 -28.83 -19.83
N HIS I 35 5.49 -29.94 -19.45
CA HIS I 35 5.62 -30.51 -18.11
C HIS I 35 5.64 -32.03 -18.22
N MET I 36 6.45 -32.65 -17.36
CA MET I 36 6.40 -34.09 -17.15
C MET I 36 6.07 -34.34 -15.69
N ALA I 37 5.10 -35.23 -15.45
CA ALA I 37 4.64 -35.49 -14.10
C ALA I 37 4.60 -36.98 -13.85
N TRP I 38 4.60 -37.33 -12.57
CA TRP I 38 4.41 -38.70 -12.11
C TRP I 38 3.16 -38.76 -11.26
N PHE I 39 2.26 -39.67 -11.59
CA PHE I 39 1.08 -39.98 -10.80
C PHE I 39 1.21 -41.40 -10.25
N ARG I 40 0.49 -41.70 -9.17
CA ARG I 40 0.50 -43.04 -8.61
C ARG I 40 -0.90 -43.43 -8.16
N GLN I 41 -1.20 -44.73 -8.20
CA GLN I 41 -2.48 -45.27 -7.74
C GLN I 41 -2.26 -46.48 -6.85
N ALA I 42 -2.56 -46.34 -5.56
CA ALA I 42 -2.50 -47.45 -4.61
C ALA I 42 -3.79 -48.26 -4.66
N PRO I 43 -3.75 -49.51 -4.16
CA PRO I 43 -4.96 -50.35 -4.12
C PRO I 43 -6.17 -49.65 -3.51
N GLY I 44 -7.27 -49.64 -4.26
CA GLY I 44 -8.52 -49.11 -3.75
C GLY I 44 -8.56 -47.62 -3.50
N LYS I 45 -7.59 -46.88 -4.02
CA LYS I 45 -7.48 -45.44 -3.80
C LYS I 45 -7.43 -44.72 -5.14
N GLU I 46 -7.62 -43.41 -5.10
CA GLU I 46 -7.64 -42.61 -6.32
C GLU I 46 -6.22 -42.27 -6.76
N ARG I 47 -6.08 -42.01 -8.06
CA ARG I 47 -4.81 -41.56 -8.63
C ARG I 47 -4.41 -40.22 -8.00
N GLU I 48 -3.19 -40.15 -7.47
CA GLU I 48 -2.73 -38.93 -6.80
C GLU I 48 -1.46 -38.42 -7.45
N PHE I 49 -1.35 -37.10 -7.56
CA PHE I 49 -0.15 -36.45 -8.06
C PHE I 49 1.01 -36.69 -7.11
N VAL I 50 2.19 -36.97 -7.66
CA VAL I 50 3.41 -37.22 -6.88
C VAL I 50 4.43 -36.11 -7.09
N THR I 51 4.89 -35.91 -8.32
CA THR I 51 5.93 -34.93 -8.60
C THR I 51 5.85 -34.53 -10.07
N ALA I 52 6.45 -33.38 -10.37
CA ALA I 52 6.48 -32.89 -11.75
C ALA I 52 7.67 -31.96 -11.92
N ILE I 53 8.05 -31.74 -13.18
CA ILE I 53 9.16 -30.84 -13.52
C ILE I 53 8.82 -30.06 -14.78
N GLN I 54 9.24 -28.80 -14.82
CA GLN I 54 9.13 -28.00 -16.02
C GLN I 54 10.17 -28.49 -17.03
N TRP I 55 9.73 -28.73 -18.27
CA TRP I 55 10.65 -29.23 -19.29
C TRP I 55 11.74 -28.23 -19.64
N ARG I 56 11.43 -26.93 -19.57
CA ARG I 56 12.37 -25.84 -19.87
C ARG I 56 12.97 -25.27 -18.59
N GLY I 57 12.16 -24.56 -17.80
CA GLY I 57 12.70 -23.87 -16.63
C GLY I 57 13.37 -24.80 -15.64
N GLY I 58 12.89 -26.03 -15.52
CA GLY I 58 13.43 -27.00 -14.59
C GLY I 58 12.84 -26.95 -13.22
N GLY I 59 11.85 -26.10 -12.99
CA GLY I 59 11.21 -26.05 -11.68
C GLY I 59 10.53 -27.36 -11.37
N THR I 60 10.63 -27.77 -10.10
CA THR I 60 10.09 -29.04 -9.65
C THR I 60 8.96 -28.80 -8.66
N SER I 61 8.07 -29.78 -8.57
CA SER I 61 6.95 -29.77 -7.63
C SER I 61 6.82 -31.16 -7.04
N TYR I 62 6.30 -31.22 -5.81
CA TYR I 62 6.14 -32.48 -5.10
C TYR I 62 4.91 -32.40 -4.21
N THR I 63 4.25 -33.55 -4.04
CA THR I 63 3.22 -33.64 -3.01
C THR I 63 3.89 -33.71 -1.65
N ASP I 64 3.18 -33.26 -0.62
CA ASP I 64 3.79 -33.11 0.71
C ASP I 64 4.37 -34.41 1.23
N SER I 65 3.68 -35.53 1.02
CA SER I 65 4.09 -36.80 1.61
C SER I 65 5.43 -37.31 1.10
N VAL I 66 5.92 -36.80 -0.02
CA VAL I 66 7.15 -37.30 -0.64
C VAL I 66 8.28 -36.28 -0.59
N LYS I 67 8.05 -35.11 -0.02
CA LYS I 67 9.07 -34.06 0.03
C LYS I 67 10.28 -34.51 0.85
N GLY I 68 11.46 -34.33 0.27
CA GLY I 68 12.71 -34.71 0.90
C GLY I 68 13.15 -36.12 0.58
N ARG I 69 12.18 -37.02 0.37
CA ARG I 69 12.49 -38.42 0.04
C ARG I 69 12.56 -38.66 -1.45
N PHE I 70 11.76 -37.93 -2.24
CA PHE I 70 11.70 -38.07 -3.69
C PHE I 70 12.37 -36.87 -4.33
N THR I 71 13.15 -37.12 -5.39
CA THR I 71 13.80 -36.04 -6.14
C THR I 71 13.65 -36.33 -7.62
N ILE I 72 13.01 -35.41 -8.34
CA ILE I 72 12.85 -35.51 -9.79
C ILE I 72 13.90 -34.61 -10.44
N SER I 73 14.46 -35.06 -11.57
CA SER I 73 15.53 -34.32 -12.22
C SER I 73 15.54 -34.61 -13.72
N ARG I 74 16.13 -33.68 -14.47
CA ARG I 74 16.31 -33.85 -15.91
C ARG I 74 17.46 -32.98 -16.37
N ASP I 75 18.44 -33.59 -17.02
CA ASP I 75 19.47 -32.84 -17.73
C ASP I 75 18.85 -32.21 -18.97
N ASN I 76 18.93 -30.89 -19.12
CA ASN I 76 18.24 -30.22 -20.23
C ASN I 76 18.64 -30.78 -21.59
N ALA I 77 19.76 -31.49 -21.66
CA ALA I 77 20.21 -32.07 -22.92
C ALA I 77 19.51 -33.38 -23.25
N LYS I 78 19.04 -34.11 -22.23
CA LYS I 78 18.46 -35.42 -22.42
C LYS I 78 16.94 -35.38 -22.32
N ASN I 79 16.29 -36.37 -22.93
CA ASN I 79 14.84 -36.50 -22.92
C ASN I 79 14.38 -37.58 -21.95
N THR I 80 15.18 -37.86 -20.93
CA THR I 80 14.85 -38.84 -19.89
C THR I 80 14.82 -38.13 -18.55
N VAL I 81 13.73 -38.32 -17.80
CA VAL I 81 13.57 -37.72 -16.48
C VAL I 81 13.65 -38.83 -15.44
N TYR I 82 14.29 -38.54 -14.31
CA TYR I 82 14.50 -39.54 -13.27
C TYR I 82 13.77 -39.13 -11.99
N LEU I 83 13.24 -40.12 -11.29
CA LEU I 83 12.62 -39.91 -9.98
C LEU I 83 13.38 -40.77 -8.99
N GLU I 84 14.22 -40.14 -8.16
CA GLU I 84 14.95 -40.83 -7.11
C GLU I 84 14.04 -41.02 -5.91
N MET I 85 13.83 -42.26 -5.51
CA MET I 85 12.92 -42.59 -4.43
C MET I 85 13.74 -43.17 -3.28
N ASN I 86 13.97 -42.37 -2.24
CA ASN I 86 14.70 -42.81 -1.05
C ASN I 86 13.75 -42.92 0.14
N SER I 87 14.20 -43.64 1.16
CA SER I 87 13.46 -43.83 2.40
C SER I 87 12.02 -44.25 2.12
N LEU I 88 11.87 -45.29 1.31
CA LEU I 88 10.54 -45.71 0.85
C LEU I 88 9.72 -46.28 2.01
N LYS I 89 8.44 -45.92 2.02
CA LYS I 89 7.48 -46.33 3.04
C LYS I 89 6.39 -47.18 2.42
N PRO I 90 5.69 -47.98 3.22
CA PRO I 90 4.56 -48.75 2.67
C PRO I 90 3.49 -47.90 2.01
N GLU I 91 3.34 -46.64 2.41
CA GLU I 91 2.37 -45.77 1.77
C GLU I 91 2.77 -45.40 0.35
N ASP I 92 4.00 -45.68 -0.05
CA ASP I 92 4.46 -45.45 -1.41
C ASP I 92 4.18 -46.63 -2.34
N THR I 93 3.73 -47.76 -1.81
CA THR I 93 3.37 -48.89 -2.64
C THR I 93 2.20 -48.52 -3.54
N ALA I 94 2.42 -48.54 -4.84
CA ALA I 94 1.41 -48.13 -5.81
C ALA I 94 1.95 -48.38 -7.22
N VAL I 95 1.07 -48.22 -8.20
CA VAL I 95 1.46 -48.23 -9.61
C VAL I 95 1.74 -46.79 -10.02
N TYR I 96 2.95 -46.53 -10.53
CA TYR I 96 3.38 -45.19 -10.87
C TYR I 96 3.27 -44.95 -12.38
N TYR I 97 2.76 -43.76 -12.75
CA TYR I 97 2.50 -43.39 -14.13
C TYR I 97 3.17 -42.06 -14.43
N CYS I 98 3.97 -42.00 -15.49
CA CYS I 98 4.50 -40.73 -15.97
C CYS I 98 3.68 -40.19 -17.14
N ALA I 99 3.57 -38.86 -17.20
CA ALA I 99 2.75 -38.20 -18.21
C ALA I 99 3.41 -36.89 -18.64
N THR I 100 3.11 -36.46 -19.87
CA THR I 100 3.58 -35.19 -20.40
C THR I 100 2.40 -34.40 -20.97
N ASN I 101 2.57 -33.09 -21.08
CA ASN I 101 1.57 -32.22 -21.69
C ASN I 101 2.24 -31.24 -22.65
N THR I 102 1.42 -30.39 -23.28
CA THR I 102 1.91 -29.45 -24.29
C THR I 102 1.45 -28.03 -24.08
N ARG I 103 0.45 -27.77 -23.23
CA ARG I 103 0.01 -26.43 -22.94
C ARG I 103 0.94 -25.79 -21.91
N TRP I 104 1.42 -24.59 -22.22
CA TRP I 104 2.37 -23.93 -21.33
C TRP I 104 1.67 -23.36 -20.11
N THR I 105 2.20 -23.69 -18.94
CA THR I 105 1.86 -23.05 -17.68
C THR I 105 3.16 -22.97 -16.88
N TYR I 106 3.23 -22.02 -15.95
CA TYR I 106 4.41 -22.01 -15.09
C TYR I 106 4.34 -23.15 -14.07
N PHE I 107 3.22 -23.25 -13.35
CA PHE I 107 3.05 -24.30 -12.36
C PHE I 107 2.61 -25.59 -13.03
N SER I 108 3.24 -26.70 -12.65
CA SER I 108 2.87 -27.99 -13.21
C SER I 108 1.46 -28.36 -12.79
N PRO I 109 0.59 -28.74 -13.73
CA PRO I 109 -0.75 -29.19 -13.35
C PRO I 109 -0.69 -30.46 -12.51
N THR I 110 -1.71 -30.66 -11.67
CA THR I 110 -1.74 -31.77 -10.73
C THR I 110 -2.89 -32.74 -10.98
N VAL I 111 -3.65 -32.57 -12.06
CA VAL I 111 -4.75 -33.48 -12.37
C VAL I 111 -4.49 -34.19 -13.69
N PRO I 112 -4.84 -35.47 -13.81
CA PRO I 112 -4.52 -36.23 -15.03
C PRO I 112 -5.09 -35.62 -16.31
N ASP I 113 -6.26 -34.97 -16.25
CA ASP I 113 -6.90 -34.47 -17.47
C ASP I 113 -6.09 -33.36 -18.14
N ARG I 114 -5.14 -32.74 -17.45
CA ARG I 114 -4.35 -31.69 -18.06
C ARG I 114 -3.09 -32.23 -18.73
N TYR I 115 -2.89 -33.54 -18.75
CA TYR I 115 -1.75 -34.16 -19.41
C TYR I 115 -2.23 -34.95 -20.62
N ASP I 116 -1.42 -34.94 -21.69
CA ASP I 116 -1.85 -35.47 -22.97
C ASP I 116 -1.26 -36.83 -23.32
N TYR I 117 -0.05 -37.13 -22.87
CA TYR I 117 0.63 -38.37 -23.21
C TYR I 117 0.95 -39.14 -21.95
N TRP I 118 0.89 -40.48 -22.03
CA TRP I 118 1.06 -41.33 -20.87
C TRP I 118 1.94 -42.53 -21.20
N GLY I 119 2.79 -42.92 -20.25
CA GLY I 119 3.57 -44.14 -20.35
C GLY I 119 2.91 -45.28 -19.58
N GLN I 120 3.41 -46.50 -19.84
CA GLN I 120 2.90 -47.66 -19.12
C GLN I 120 3.31 -47.60 -17.64
N GLY I 121 2.43 -48.13 -16.80
CA GLY I 121 2.66 -48.08 -15.35
C GLY I 121 3.78 -49.00 -14.88
N THR I 122 4.55 -48.53 -13.90
CA THR I 122 5.59 -49.31 -13.25
C THR I 122 5.21 -49.57 -11.79
N GLN I 123 5.20 -50.84 -11.40
CA GLN I 123 4.78 -51.25 -10.05
C GLN I 123 5.89 -51.02 -9.03
N VAL I 124 5.53 -50.40 -7.91
CA VAL I 124 6.43 -50.21 -6.77
C VAL I 124 5.79 -50.84 -5.54
N THR I 125 6.52 -51.75 -4.88
CA THR I 125 6.08 -52.43 -3.68
C THR I 125 7.12 -52.28 -2.58
N VAL I 126 6.70 -51.78 -1.41
CA VAL I 126 7.57 -51.63 -0.25
C VAL I 126 7.14 -52.63 0.81
N SER I 127 7.99 -53.63 1.09
CA SER I 127 7.65 -54.71 2.01
C SER I 127 8.91 -55.26 2.67
N SER I 128 8.90 -55.36 4.01
CA SER I 128 10.03 -55.82 4.80
C SER I 128 9.98 -57.34 5.07
N ALA I 129 11.14 -57.98 4.93
CA ALA I 129 11.35 -59.41 5.22
C ALA I 129 10.22 -60.28 4.67
N ALA I 130 9.75 -59.93 3.48
CA ALA I 130 8.79 -60.73 2.73
C ALA I 130 9.27 -60.97 1.32
N ALA I 131 10.23 -60.17 0.85
CA ALA I 131 10.91 -60.42 -0.42
C ALA I 131 11.90 -61.57 -0.30
N LEU I 132 12.22 -62.01 0.92
CA LEU I 132 12.99 -63.24 1.08
C LEU I 132 12.39 -64.36 0.25
N GLU I 133 11.09 -64.59 0.40
CA GLU I 133 10.39 -65.57 -0.44
C GLU I 133 10.52 -65.23 -1.91
N HIS I 134 10.40 -63.93 -2.25
CA HIS I 134 10.48 -63.53 -3.65
C HIS I 134 11.83 -63.86 -4.25
N HIS I 135 12.91 -63.71 -3.47
CA HIS I 135 14.25 -63.97 -3.98
C HIS I 135 14.44 -65.41 -4.42
N HIS I 136 13.54 -66.32 -4.03
CA HIS I 136 13.53 -67.66 -4.59
C HIS I 136 12.25 -67.89 -5.40
N MET J 1 1.98 -1.67 3.99
CA MET J 1 2.57 -0.66 4.87
C MET J 1 1.55 0.44 5.17
N ALA J 2 1.86 1.28 6.16
CA ALA J 2 0.98 2.37 6.55
C ALA J 2 1.00 3.48 5.51
N GLU J 3 -0.14 4.15 5.34
CA GLU J 3 -0.26 5.20 4.34
C GLU J 3 0.54 6.45 4.72
N VAL J 4 0.71 6.70 6.01
CA VAL J 4 1.45 7.87 6.53
C VAL J 4 2.60 7.38 7.38
N GLN J 5 3.80 7.94 7.15
CA GLN J 5 4.98 7.64 7.94
C GLN J 5 5.41 8.89 8.71
N LEU J 6 5.79 8.70 9.97
CA LEU J 6 6.22 9.80 10.84
C LEU J 6 7.66 9.59 11.26
N GLN J 7 8.48 10.64 11.10
CA GLN J 7 9.89 10.63 11.46
C GLN J 7 10.13 11.64 12.58
N ALA J 8 10.62 11.17 13.72
CA ALA J 8 10.85 12.01 14.89
C ALA J 8 12.35 12.19 15.13
N SER J 9 12.72 13.35 15.67
CA SER J 9 14.11 13.64 16.00
C SER J 9 14.14 14.75 17.06
N GLY J 10 15.36 15.07 17.51
CA GLY J 10 15.57 16.17 18.42
C GLY J 10 15.73 15.79 19.88
N GLY J 11 15.64 14.52 20.22
CA GLY J 11 15.81 14.10 21.60
C GLY J 11 17.26 14.18 22.05
N GLY J 12 17.44 14.25 23.37
CA GLY J 12 18.79 14.31 23.90
C GLY J 12 18.76 14.33 25.42
N LEU J 13 19.93 14.60 25.99
CA LEU J 13 20.13 14.66 27.43
C LEU J 13 20.51 16.08 27.82
N VAL J 14 19.72 16.70 28.70
CA VAL J 14 19.99 18.06 29.16
C VAL J 14 19.82 18.11 30.68
N GLN J 15 20.36 19.16 31.27
CA GLN J 15 20.15 19.40 32.69
C GLN J 15 18.87 20.20 32.91
N ALA J 16 18.40 20.19 34.16
CA ALA J 16 17.20 20.96 34.50
C ALA J 16 17.35 22.42 34.10
N GLY J 17 16.30 22.96 33.48
CA GLY J 17 16.32 24.30 32.95
C GLY J 17 16.76 24.39 31.51
N GLY J 18 17.29 23.31 30.94
CA GLY J 18 17.75 23.30 29.57
C GLY J 18 16.61 23.21 28.57
N SER J 19 16.98 23.19 27.28
CA SER J 19 16.00 23.20 26.21
C SER J 19 16.31 22.15 25.16
N LEU J 20 15.27 21.70 24.48
CA LEU J 20 15.35 20.76 23.37
C LEU J 20 14.26 21.12 22.38
N ARG J 21 14.41 20.63 21.13
CA ARG J 21 13.38 20.82 20.12
C ARG J 21 13.13 19.50 19.39
N LEU J 22 11.95 18.92 19.61
CA LEU J 22 11.54 17.72 18.89
C LEU J 22 10.91 18.10 17.56
N SER J 23 11.10 17.26 16.56
CA SER J 23 10.53 17.44 15.24
C SER J 23 9.85 16.16 14.81
N CYS J 24 8.73 16.29 14.10
CA CYS J 24 7.98 15.14 13.57
C CYS J 24 7.64 15.43 12.12
N ALA J 25 8.35 14.77 11.20
CA ALA J 25 8.16 14.94 9.76
C ALA J 25 7.21 13.87 9.23
N ALA J 26 6.13 14.29 8.59
CA ALA J 26 5.12 13.40 8.06
C ALA J 26 5.29 13.23 6.56
N SER J 27 5.17 11.98 6.10
CA SER J 27 5.26 11.64 4.69
C SER J 27 4.11 10.69 4.34
N GLY J 28 3.76 10.67 3.06
CA GLY J 28 2.66 9.84 2.61
C GLY J 28 1.36 10.60 2.42
N ARG J 29 0.27 10.03 2.92
CA ARG J 29 -1.07 10.63 2.80
C ARG J 29 -1.26 11.72 3.87
N THR J 30 -0.44 12.76 3.77
CA THR J 30 -0.52 13.85 4.74
C THR J 30 -1.77 14.70 4.58
N ASP J 31 -2.45 14.63 3.44
CA ASP J 31 -3.61 15.49 3.19
C ASP J 31 -4.77 15.19 4.13
N SER J 32 -4.95 13.93 4.52
CA SER J 32 -6.06 13.56 5.39
C SER J 32 -5.79 13.89 6.85
N THR J 33 -4.58 14.32 7.19
CA THR J 33 -4.21 14.58 8.58
C THR J 33 -5.08 15.69 9.15
N GLN J 34 -5.61 15.45 10.35
CA GLN J 34 -6.42 16.41 11.07
C GLN J 34 -5.75 16.93 12.34
N HIS J 35 -5.04 16.08 13.06
CA HIS J 35 -4.32 16.48 14.26
C HIS J 35 -3.00 15.73 14.34
N MET J 36 -1.96 16.42 14.79
CA MET J 36 -0.69 15.81 15.13
C MET J 36 -0.44 16.08 16.61
N ALA J 37 -0.09 15.03 17.35
CA ALA J 37 0.08 15.15 18.79
C ALA J 37 1.39 14.51 19.22
N TRP J 38 1.81 14.87 20.42
CA TRP J 38 2.95 14.26 21.08
C TRP J 38 2.47 13.60 22.36
N PHE J 39 2.81 12.32 22.51
CA PHE J 39 2.60 11.59 23.75
C PHE J 39 3.96 11.25 24.34
N ARG J 40 4.00 11.00 25.65
CA ARG J 40 5.23 10.64 26.30
C ARG J 40 4.96 9.54 27.32
N GLN J 41 5.97 8.68 27.53
CA GLN J 41 5.88 7.60 28.51
C GLN J 41 7.08 7.69 29.43
N ALA J 42 6.84 8.11 30.65
CA ALA J 42 7.86 8.20 31.68
C ALA J 42 8.04 6.84 32.35
N PRO J 43 9.18 6.64 33.04
CA PRO J 43 9.38 5.37 33.76
C PRO J 43 8.22 5.03 34.68
N GLY J 44 7.69 3.82 34.52
CA GLY J 44 6.63 3.31 35.36
C GLY J 44 5.29 3.97 35.16
N LYS J 45 5.11 4.71 34.07
CA LYS J 45 3.86 5.40 33.82
C LYS J 45 3.38 5.05 32.41
N GLU J 46 2.11 5.29 32.15
CA GLU J 46 1.52 5.04 30.85
C GLU J 46 1.73 6.25 29.93
N ARG J 47 1.57 6.03 28.62
CA ARG J 47 1.68 7.14 27.68
C ARG J 47 0.68 8.23 28.02
N GLU J 48 1.17 9.45 28.15
CA GLU J 48 0.39 10.61 28.55
C GLU J 48 0.42 11.65 27.44
N PHE J 49 -0.73 12.30 27.21
CA PHE J 49 -0.80 13.37 26.23
C PHE J 49 0.06 14.55 26.68
N VAL J 50 0.77 15.13 25.72
CA VAL J 50 1.64 16.28 25.98
C VAL J 50 1.12 17.53 25.30
N THR J 51 1.03 17.50 23.97
CA THR J 51 0.62 18.65 23.18
C THR J 51 0.08 18.17 21.85
N ALA J 52 -0.69 19.02 21.18
CA ALA J 52 -1.22 18.70 19.87
C ALA J 52 -1.51 20.00 19.13
N ILE J 53 -1.64 19.87 17.81
CA ILE J 53 -1.93 21.01 16.94
C ILE J 53 -2.90 20.57 15.85
N GLN J 54 -3.84 21.45 15.51
CA GLN J 54 -4.71 21.19 14.39
C GLN J 54 -3.93 21.30 13.08
N TRP J 55 -4.05 20.29 12.23
CA TRP J 55 -3.35 20.33 10.95
C TRP J 55 -3.88 21.47 10.10
N ARG J 56 -5.14 21.88 10.32
CA ARG J 56 -5.75 22.95 9.56
C ARG J 56 -5.73 24.28 10.30
N GLY J 57 -6.56 24.39 11.33
CA GLY J 57 -6.73 25.65 12.02
C GLY J 57 -5.46 26.18 12.66
N GLY J 58 -4.60 25.29 13.13
CA GLY J 58 -3.38 25.69 13.81
C GLY J 58 -3.56 25.86 15.30
N GLY J 59 -4.75 25.57 15.82
CA GLY J 59 -4.98 25.65 17.24
C GLY J 59 -4.12 24.62 17.97
N THR J 60 -3.62 25.02 19.13
CA THR J 60 -2.71 24.20 19.91
C THR J 60 -3.36 23.82 21.24
N SER J 61 -2.91 22.71 21.80
CA SER J 61 -3.36 22.24 23.09
C SER J 61 -2.15 21.73 23.87
N TYR J 62 -2.23 21.80 25.19
CA TYR J 62 -1.14 21.40 26.05
C TYR J 62 -1.70 20.81 27.34
N THR J 63 -1.00 19.84 27.89
CA THR J 63 -1.32 19.39 29.24
C THR J 63 -0.83 20.43 30.24
N ASP J 64 -1.49 20.48 31.40
CA ASP J 64 -1.23 21.55 32.36
C ASP J 64 0.24 21.61 32.78
N SER J 65 0.88 20.45 32.96
CA SER J 65 2.24 20.43 33.49
C SER J 65 3.27 21.06 32.55
N VAL J 66 2.95 21.24 31.27
CA VAL J 66 3.89 21.75 30.30
C VAL J 66 3.48 23.10 29.73
N LYS J 67 2.34 23.64 30.13
CA LYS J 67 1.89 24.93 29.61
C LYS J 67 2.90 26.02 29.94
N GLY J 68 3.26 26.81 28.93
CA GLY J 68 4.23 27.87 29.08
C GLY J 68 5.67 27.45 28.79
N ARG J 69 6.01 26.20 29.06
CA ARG J 69 7.36 25.70 28.81
C ARG J 69 7.49 25.05 27.43
N PHE J 70 6.42 24.43 26.94
CA PHE J 70 6.43 23.76 25.65
C PHE J 70 5.61 24.57 24.65
N THR J 71 6.10 24.64 23.41
CA THR J 71 5.40 25.31 22.33
C THR J 71 5.46 24.44 21.08
N ILE J 72 4.29 24.05 20.58
CA ILE J 72 4.18 23.28 19.35
C ILE J 72 3.81 24.23 18.22
N SER J 73 4.38 23.99 17.04
CA SER J 73 4.20 24.90 15.92
C SER J 73 4.34 24.11 14.62
N ARG J 74 3.80 24.68 13.55
CA ARG J 74 3.91 24.08 12.23
C ARG J 74 3.85 25.15 11.16
N ASP J 75 4.86 25.22 10.31
CA ASP J 75 4.73 26.02 9.10
C ASP J 75 3.76 25.26 8.18
N ASN J 76 2.63 25.90 7.87
CA ASN J 76 1.57 25.22 7.13
C ASN J 76 2.02 24.78 5.73
N ALA J 77 3.13 25.32 5.23
CA ALA J 77 3.59 24.97 3.88
C ALA J 77 4.38 23.67 3.86
N LYS J 78 5.06 23.33 4.97
CA LYS J 78 5.79 22.06 5.08
C LYS J 78 5.06 21.14 6.03
N ASN J 79 5.40 19.84 5.95
CA ASN J 79 4.74 18.80 6.74
C ASN J 79 5.55 18.40 7.98
N THR J 80 6.32 19.32 8.55
CA THR J 80 7.10 19.07 9.75
C THR J 80 6.60 19.96 10.88
N VAL J 81 6.34 19.36 12.04
CA VAL J 81 5.87 20.05 13.23
C VAL J 81 6.99 20.06 14.25
N TYR J 82 7.13 21.17 14.98
CA TYR J 82 8.18 21.33 15.97
C TYR J 82 7.61 21.46 17.37
N LEU J 83 8.31 20.87 18.33
CA LEU J 83 7.97 20.97 19.75
C LEU J 83 9.17 21.59 20.48
N GLU J 84 9.06 22.87 20.80
CA GLU J 84 10.09 23.56 21.56
C GLU J 84 9.88 23.33 23.04
N MET J 85 10.87 22.75 23.71
CA MET J 85 10.80 22.40 25.13
C MET J 85 11.80 23.24 25.89
N ASN J 86 11.30 24.25 26.62
CA ASN J 86 12.11 25.10 27.46
C ASN J 86 11.86 24.79 28.93
N SER J 87 12.79 25.24 29.77
CA SER J 87 12.69 25.08 31.22
C SER J 87 12.36 23.63 31.59
N LEU J 88 13.14 22.71 31.00
CA LEU J 88 12.88 21.29 31.18
C LEU J 88 13.11 20.86 32.62
N LYS J 89 12.23 19.99 33.11
CA LYS J 89 12.25 19.50 34.47
C LYS J 89 12.54 18.01 34.47
N PRO J 90 13.05 17.46 35.58
CA PRO J 90 13.34 16.01 35.61
C PRO J 90 12.12 15.13 35.32
N GLU J 91 10.91 15.60 35.63
CA GLU J 91 9.70 14.86 35.34
C GLU J 91 9.35 14.82 33.86
N ASP J 92 10.06 15.57 33.01
CA ASP J 92 9.85 15.49 31.57
C ASP J 92 10.63 14.35 30.93
N THR J 93 11.50 13.68 31.70
CA THR J 93 12.23 12.53 31.19
C THR J 93 11.26 11.42 30.80
N ALA J 94 11.27 11.06 29.52
CA ALA J 94 10.35 10.06 28.99
C ALA J 94 10.72 9.75 27.55
N VAL J 95 10.09 8.72 27.01
CA VAL J 95 10.16 8.41 25.59
C VAL J 95 8.98 9.10 24.91
N TYR J 96 9.27 9.96 23.95
CA TYR J 96 8.25 10.77 23.29
C TYR J 96 7.87 10.14 21.96
N TYR J 97 6.57 10.10 21.69
CA TYR J 97 6.01 9.52 20.47
C TYR J 97 5.12 10.57 19.82
N CYS J 98 5.37 10.87 18.55
CA CYS J 98 4.47 11.75 17.80
C CYS J 98 3.48 10.89 17.01
N ALA J 99 2.25 11.39 16.89
CA ALA J 99 1.18 10.65 16.25
C ALA J 99 0.28 11.60 15.47
N THR J 100 -0.39 11.05 14.46
CA THR J 100 -1.37 11.79 13.67
C THR J 100 -2.66 10.98 13.56
N ASN J 101 -3.77 11.68 13.31
CA ASN J 101 -5.05 11.03 13.07
C ASN J 101 -5.72 11.68 11.87
N THR J 102 -6.90 11.17 11.52
CA THR J 102 -7.63 11.59 10.33
C THR J 102 -9.09 11.94 10.57
N ARG J 103 -9.66 11.63 11.74
CA ARG J 103 -11.03 11.97 12.04
C ARG J 103 -11.13 13.45 12.35
N TRP J 104 -12.06 14.15 11.67
CA TRP J 104 -12.16 15.59 11.92
C TRP J 104 -12.82 15.87 13.25
N THR J 105 -12.13 16.64 14.08
CA THR J 105 -12.67 17.22 15.30
C THR J 105 -12.04 18.60 15.45
N TYR J 106 -12.72 19.51 16.14
CA TYR J 106 -12.08 20.78 16.44
C TYR J 106 -11.00 20.59 17.49
N PHE J 107 -11.37 19.98 18.63
CA PHE J 107 -10.42 19.75 19.71
C PHE J 107 -9.59 18.51 19.44
N SER J 108 -8.27 18.62 19.64
CA SER J 108 -7.38 17.48 19.46
C SER J 108 -7.67 16.42 20.51
N PRO J 109 -7.87 15.16 20.12
CA PRO J 109 -8.07 14.10 21.11
C PRO J 109 -6.81 13.88 21.94
N THR J 110 -7.01 13.37 23.16
CA THR J 110 -5.92 13.21 24.12
C THR J 110 -5.66 11.74 24.50
N VAL J 111 -6.30 10.79 23.83
CA VAL J 111 -6.07 9.37 24.13
C VAL J 111 -5.44 8.67 22.93
N PRO J 112 -4.51 7.74 23.16
CA PRO J 112 -3.76 7.12 22.04
C PRO J 112 -4.61 6.43 20.99
N ASP J 113 -5.73 5.77 21.37
CA ASP J 113 -6.48 5.04 20.35
C ASP J 113 -7.17 5.96 19.34
N ARG J 114 -7.22 7.26 19.60
CA ARG J 114 -7.79 8.19 18.64
C ARG J 114 -6.78 8.64 17.59
N TYR J 115 -5.56 8.14 17.64
CA TYR J 115 -4.53 8.45 16.66
C TYR J 115 -4.19 7.19 15.87
N ASP J 116 -3.92 7.38 14.57
CA ASP J 116 -3.81 6.25 13.66
C ASP J 116 -2.38 5.90 13.28
N TYR J 117 -1.48 6.88 13.25
CA TYR J 117 -0.11 6.66 12.85
C TYR J 117 0.81 7.10 13.97
N TRP J 118 1.90 6.36 14.16
CA TRP J 118 2.80 6.64 15.28
C TRP J 118 4.24 6.60 14.78
N GLY J 119 5.07 7.48 15.33
CA GLY J 119 6.48 7.48 15.05
C GLY J 119 7.24 6.72 16.12
N GLN J 120 8.49 6.41 15.80
CA GLN J 120 9.36 5.76 16.75
C GLN J 120 9.65 6.69 17.93
N GLY J 121 9.78 6.09 19.11
CA GLY J 121 9.97 6.90 20.31
C GLY J 121 11.30 7.62 20.31
N THR J 122 11.28 8.86 20.79
CA THR J 122 12.46 9.68 20.95
C THR J 122 12.70 9.87 22.44
N GLN J 123 13.89 9.48 22.90
CA GLN J 123 14.19 9.55 24.33
C GLN J 123 14.60 10.96 24.70
N VAL J 124 13.99 11.48 25.77
CA VAL J 124 14.36 12.77 26.34
C VAL J 124 14.72 12.52 27.80
N THR J 125 15.91 12.95 28.19
CA THR J 125 16.37 12.78 29.57
C THR J 125 16.78 14.13 30.12
N VAL J 126 16.15 14.54 31.21
CA VAL J 126 16.49 15.75 31.92
C VAL J 126 17.10 15.31 33.24
N SER J 127 18.38 15.60 33.43
CA SER J 127 19.11 15.08 34.57
C SER J 127 19.45 16.25 35.47
N SER J 128 19.18 16.09 36.76
CA SER J 128 19.45 17.16 37.70
C SER J 128 20.92 17.04 38.09
N ALA J 129 21.75 17.84 37.44
CA ALA J 129 23.18 17.89 37.72
C ALA J 129 23.82 16.49 37.70
N ALA J 130 23.75 15.85 36.53
CA ALA J 130 24.37 14.54 36.34
C ALA J 130 25.37 14.57 35.18
N MET K 1 16.96 -5.59 -31.77
CA MET K 1 17.37 -4.82 -30.60
C MET K 1 16.25 -3.88 -30.15
N ALA K 2 16.50 -3.15 -29.07
CA ALA K 2 15.56 -2.14 -28.61
C ALA K 2 15.52 -0.97 -29.59
N GLU K 3 14.38 -0.28 -29.63
CA GLU K 3 14.18 0.80 -30.58
C GLU K 3 15.00 2.03 -30.23
N VAL K 4 15.24 2.27 -28.95
CA VAL K 4 16.01 3.43 -28.47
C VAL K 4 17.17 2.93 -27.63
N GLN K 5 18.36 3.47 -27.89
CA GLN K 5 19.55 3.18 -27.10
C GLN K 5 20.00 4.44 -26.38
N LEU K 6 20.35 4.29 -25.11
CA LEU K 6 20.78 5.40 -24.26
C LEU K 6 22.21 5.15 -23.81
N GLN K 7 23.07 6.16 -23.96
CA GLN K 7 24.46 6.09 -23.56
C GLN K 7 24.71 7.14 -22.48
N ALA K 8 25.17 6.69 -21.31
CA ALA K 8 25.41 7.57 -20.18
C ALA K 8 26.90 7.72 -19.90
N SER K 9 27.29 8.89 -19.40
CA SER K 9 28.67 9.17 -19.07
C SER K 9 28.71 10.32 -18.06
N GLY K 10 29.91 10.64 -17.58
CA GLY K 10 30.12 11.77 -16.71
C GLY K 10 30.23 11.46 -15.23
N GLY K 11 30.12 10.19 -14.84
CA GLY K 11 30.25 9.84 -13.44
C GLY K 11 31.69 9.94 -12.95
N GLY K 12 31.84 10.03 -11.63
CA GLY K 12 33.17 10.11 -11.05
C GLY K 12 33.10 10.14 -9.55
N LEU K 13 34.26 10.42 -8.95
CA LEU K 13 34.42 10.52 -7.50
C LEU K 13 34.83 11.95 -7.17
N VAL K 14 34.04 12.61 -6.31
CA VAL K 14 34.31 13.99 -5.93
C VAL K 14 34.17 14.13 -4.42
N GLN K 15 34.69 15.23 -3.90
CA GLN K 15 34.54 15.56 -2.49
C GLN K 15 33.20 16.26 -2.25
N ALA K 16 32.79 16.26 -0.98
CA ALA K 16 31.58 16.97 -0.61
C ALA K 16 31.69 18.41 -1.06
N GLY K 17 30.62 18.92 -1.69
CA GLY K 17 30.62 20.25 -2.24
C GLY K 17 31.10 20.33 -3.67
N GLY K 18 31.62 19.24 -4.23
CA GLY K 18 32.10 19.23 -5.60
C GLY K 18 30.97 19.16 -6.60
N SER K 19 31.35 19.10 -7.88
CA SER K 19 30.39 19.11 -8.97
C SER K 19 30.71 18.04 -10.01
N LEU K 20 29.66 17.59 -10.70
CA LEU K 20 29.76 16.63 -11.79
C LEU K 20 28.69 16.96 -12.82
N ARG K 21 28.86 16.45 -14.04
CA ARG K 21 27.83 16.60 -15.07
C ARG K 21 27.61 15.25 -15.75
N LEU K 22 26.44 14.67 -15.52
CA LEU K 22 26.05 13.44 -16.20
C LEU K 22 25.41 13.79 -17.54
N SER K 23 25.64 12.92 -18.53
CA SER K 23 25.07 13.08 -19.87
C SER K 23 24.43 11.78 -20.30
N CYS K 24 23.31 11.89 -21.03
CA CYS K 24 22.59 10.74 -21.57
C CYS K 24 22.27 11.03 -23.03
N ALA K 25 22.98 10.36 -23.94
CA ALA K 25 22.78 10.54 -25.37
C ALA K 25 21.82 9.47 -25.88
N ALA K 26 20.74 9.89 -26.51
CA ALA K 26 19.72 8.99 -27.02
C ALA K 26 19.90 8.75 -28.51
N SER K 27 19.79 7.49 -28.91
CA SER K 27 19.89 7.10 -30.31
C SER K 27 18.74 6.15 -30.65
N GLY K 28 18.42 6.07 -31.93
CA GLY K 28 17.34 5.20 -32.39
C GLY K 28 16.07 6.00 -32.67
N ARG K 29 14.93 5.48 -32.21
CA ARG K 29 13.65 6.13 -32.43
C ARG K 29 13.43 7.23 -31.38
N THR K 30 14.29 8.24 -31.44
CA THR K 30 14.22 9.36 -30.51
C THR K 30 12.99 10.23 -30.74
N ASP K 31 12.38 10.12 -31.93
CA ASP K 31 11.22 10.93 -32.24
C ASP K 31 10.04 10.61 -31.34
N SER K 32 9.94 9.36 -30.88
CA SER K 32 8.83 8.93 -30.04
C SER K 32 9.02 9.29 -28.56
N THR K 33 10.20 9.79 -28.18
CA THR K 33 10.47 10.07 -26.77
C THR K 33 9.57 11.18 -26.23
N GLN K 34 9.02 10.95 -25.03
CA GLN K 34 8.20 11.92 -24.33
C GLN K 34 8.85 12.46 -23.07
N HIS K 35 9.56 11.62 -22.32
CA HIS K 35 10.25 12.06 -21.12
C HIS K 35 11.58 11.33 -21.01
N MET K 36 12.60 12.04 -20.55
CA MET K 36 13.87 11.44 -20.15
C MET K 36 14.09 11.74 -18.68
N ALA K 37 14.44 10.71 -17.91
CA ALA K 37 14.58 10.83 -16.47
C ALA K 37 15.88 10.20 -16.02
N TRP K 38 16.29 10.58 -14.81
CA TRP K 38 17.41 9.98 -14.11
C TRP K 38 16.90 9.35 -12.83
N PHE K 39 17.23 8.08 -12.63
CA PHE K 39 16.99 7.39 -11.37
C PHE K 39 18.34 7.07 -10.75
N ARG K 40 18.35 6.86 -9.43
CA ARG K 40 19.57 6.50 -8.74
C ARG K 40 19.26 5.44 -7.71
N GLN K 41 20.26 4.60 -7.42
CA GLN K 41 20.13 3.56 -6.41
C GLN K 41 21.32 3.71 -5.46
N ALA K 42 21.02 4.20 -4.26
CA ALA K 42 22.01 4.36 -3.22
C ALA K 42 22.19 3.04 -2.48
N PRO K 43 23.32 2.87 -1.75
CA PRO K 43 23.52 1.64 -0.98
C PRO K 43 22.33 1.30 -0.10
N GLY K 44 21.81 0.08 -0.26
CA GLY K 44 20.71 -0.40 0.56
C GLY K 44 19.37 0.23 0.27
N LYS K 45 19.24 0.92 -0.87
CA LYS K 45 17.99 1.57 -1.24
C LYS K 45 17.57 1.15 -2.65
N GLU K 46 16.32 1.47 -2.97
CA GLU K 46 15.69 1.17 -4.25
C GLU K 46 16.03 2.25 -5.26
N ARG K 47 15.85 1.92 -6.54
CA ARG K 47 16.00 2.95 -7.58
C ARG K 47 15.00 4.05 -7.27
N GLU K 48 15.49 5.27 -7.10
CA GLU K 48 14.65 6.40 -6.71
C GLU K 48 14.73 7.50 -7.75
N PHE K 49 13.59 8.15 -7.99
CA PHE K 49 13.53 9.25 -8.95
C PHE K 49 14.41 10.42 -8.51
N VAL K 50 15.11 11.00 -9.49
CA VAL K 50 15.99 12.14 -9.24
C VAL K 50 15.47 13.37 -9.97
N THR K 51 15.40 13.28 -11.31
CA THR K 51 15.00 14.41 -12.13
C THR K 51 14.50 13.90 -13.46
N ALA K 52 13.76 14.75 -14.16
CA ALA K 52 13.25 14.40 -15.49
C ALA K 52 12.98 15.68 -16.27
N ILE K 53 12.88 15.53 -17.58
CA ILE K 53 12.62 16.65 -18.49
C ILE K 53 11.67 16.19 -19.59
N GLN K 54 10.76 17.06 -20.00
CA GLN K 54 9.90 16.77 -21.14
C GLN K 54 10.71 16.87 -22.42
N TRP K 55 10.59 15.85 -23.27
CA TRP K 55 11.29 15.86 -24.54
C TRP K 55 10.78 16.97 -25.44
N ARG K 56 9.52 17.41 -25.25
CA ARG K 56 8.94 18.45 -26.08
C ARG K 56 9.02 19.81 -25.41
N GLY K 57 8.17 20.01 -24.40
CA GLY K 57 8.05 21.31 -23.78
C GLY K 57 9.32 21.80 -23.12
N GLY K 58 10.13 20.89 -22.58
CA GLY K 58 11.31 21.25 -21.85
C GLY K 58 11.09 21.46 -20.37
N GLY K 59 9.88 21.20 -19.89
CA GLY K 59 9.62 21.32 -18.47
C GLY K 59 10.44 20.31 -17.68
N THR K 60 10.93 20.74 -16.53
CA THR K 60 11.81 19.93 -15.71
C THR K 60 11.14 19.62 -14.37
N SER K 61 11.57 18.51 -13.76
CA SER K 61 11.11 18.10 -12.46
C SER K 61 12.30 17.59 -11.65
N TYR K 62 12.19 17.71 -10.33
CA TYR K 62 13.28 17.32 -9.43
C TYR K 62 12.68 16.78 -8.15
N THR K 63 13.37 15.80 -7.56
CA THR K 63 13.04 15.39 -6.21
C THR K 63 13.52 16.45 -5.24
N ASP K 64 12.84 16.54 -4.09
CA ASP K 64 13.10 17.63 -3.14
C ASP K 64 14.58 17.69 -2.73
N SER K 65 15.20 16.53 -2.51
CA SER K 65 16.56 16.51 -1.97
C SER K 65 17.59 17.14 -2.91
N VAL K 66 17.27 17.29 -4.20
CA VAL K 66 18.22 17.81 -5.18
C VAL K 66 17.80 19.14 -5.75
N LYS K 67 16.64 19.68 -5.34
CA LYS K 67 16.19 20.96 -5.86
C LYS K 67 17.20 22.05 -5.53
N GLY K 68 17.57 22.84 -6.54
CA GLY K 68 18.54 23.90 -6.39
C GLY K 68 19.97 23.48 -6.65
N ARG K 69 20.30 22.22 -6.36
CA ARG K 69 21.66 21.72 -6.58
C ARG K 69 21.83 21.05 -7.93
N PHE K 70 20.79 20.39 -8.44
CA PHE K 70 20.83 19.68 -9.71
C PHE K 70 20.02 20.45 -10.77
N THR K 71 20.53 20.48 -12.00
CA THR K 71 19.83 21.12 -13.11
C THR K 71 19.92 20.24 -14.34
N ILE K 72 18.75 19.82 -14.88
CA ILE K 72 18.67 19.02 -16.10
C ILE K 72 18.35 19.94 -17.27
N SER K 73 18.94 19.67 -18.44
CA SER K 73 18.78 20.54 -19.60
C SER K 73 18.98 19.73 -20.88
N ARG K 74 18.46 20.28 -21.98
CA ARG K 74 18.62 19.67 -23.30
C ARG K 74 18.50 20.73 -24.38
N ASP K 75 19.49 20.78 -25.26
CA ASP K 75 19.35 21.55 -26.48
C ASP K 75 18.38 20.83 -27.42
N ASN K 76 17.29 21.52 -27.79
CA ASN K 76 16.20 20.90 -28.55
C ASN K 76 16.67 20.33 -29.88
N ALA K 77 17.80 20.80 -30.42
CA ALA K 77 18.22 20.33 -31.72
C ALA K 77 18.95 18.99 -31.62
N LYS K 78 19.56 18.69 -30.49
CA LYS K 78 20.37 17.51 -30.27
C LYS K 78 19.65 16.54 -29.33
N ASN K 79 20.06 15.28 -29.39
CA ASN K 79 19.43 14.22 -28.60
C ASN K 79 20.24 13.85 -27.35
N THR K 80 20.98 14.80 -26.79
CA THR K 80 21.74 14.58 -25.56
C THR K 80 21.22 15.48 -24.45
N VAL K 81 20.94 14.90 -23.28
CA VAL K 81 20.49 15.62 -22.11
C VAL K 81 21.61 15.65 -21.09
N TYR K 82 21.77 16.77 -20.40
CA TYR K 82 22.82 16.96 -19.41
C TYR K 82 22.21 17.15 -18.03
N LEU K 83 22.87 16.58 -17.02
CA LEU K 83 22.49 16.74 -15.62
C LEU K 83 23.66 17.37 -14.88
N GLU K 84 23.57 18.65 -14.58
CA GLU K 84 24.59 19.37 -13.82
C GLU K 84 24.32 19.19 -12.33
N MET K 85 25.30 18.62 -11.62
CA MET K 85 25.17 18.32 -10.20
C MET K 85 26.18 19.16 -9.42
N ASN K 86 25.72 20.19 -8.74
CA ASN K 86 26.55 21.03 -7.90
C ASN K 86 26.24 20.76 -6.43
N SER K 87 27.16 21.19 -5.56
CA SER K 87 27.03 21.06 -4.10
C SER K 87 26.67 19.62 -3.70
N LEU K 88 27.45 18.68 -4.22
CA LEU K 88 27.18 17.26 -4.01
C LEU K 88 27.38 16.86 -2.56
N LYS K 89 26.49 16.01 -2.06
CA LYS K 89 26.48 15.52 -0.69
C LYS K 89 26.73 14.02 -0.67
N PRO K 90 27.18 13.47 0.47
CA PRO K 90 27.36 12.01 0.55
C PRO K 90 26.09 11.22 0.27
N GLU K 91 24.92 11.81 0.48
CA GLU K 91 23.66 11.12 0.17
C GLU K 91 23.44 10.99 -1.33
N ASP K 92 24.24 11.67 -2.15
CA ASP K 92 24.16 11.56 -3.60
C ASP K 92 24.99 10.41 -4.15
N THR K 93 25.81 9.77 -3.31
CA THR K 93 26.57 8.61 -3.75
C THR K 93 25.62 7.49 -4.14
N ALA K 94 25.65 7.10 -5.42
CA ALA K 94 24.73 6.09 -5.93
C ALA K 94 25.10 5.75 -7.37
N VAL K 95 24.46 4.70 -7.87
CA VAL K 95 24.51 4.36 -9.29
C VAL K 95 23.34 5.05 -9.97
N TYR K 96 23.64 5.88 -10.96
CA TYR K 96 22.63 6.67 -11.66
C TYR K 96 22.27 6.02 -12.99
N TYR K 97 20.97 5.98 -13.29
CA TYR K 97 20.43 5.36 -14.49
C TYR K 97 19.56 6.37 -15.22
N CYS K 98 19.84 6.61 -16.50
CA CYS K 98 18.95 7.43 -17.31
C CYS K 98 17.97 6.55 -18.07
N ALA K 99 16.76 7.06 -18.26
CA ALA K 99 15.68 6.30 -18.87
C ALA K 99 14.82 7.21 -19.73
N THR K 100 14.18 6.62 -20.74
CA THR K 100 13.22 7.33 -21.58
C THR K 100 11.93 6.53 -21.66
N ASN K 101 10.84 7.23 -21.99
CA ASN K 101 9.55 6.60 -22.22
C ASN K 101 8.91 7.18 -23.48
N THR K 102 7.70 6.71 -23.81
CA THR K 102 6.99 7.10 -25.01
C THR K 102 5.53 7.49 -24.77
N ARG K 103 4.97 7.20 -23.60
CA ARG K 103 3.58 7.54 -23.33
C ARG K 103 3.45 9.04 -23.07
N TRP K 104 2.51 9.69 -23.74
CA TRP K 104 2.38 11.12 -23.56
C TRP K 104 1.72 11.43 -22.22
N THR K 105 2.40 12.22 -21.41
CA THR K 105 1.86 12.84 -20.21
C THR K 105 2.51 14.21 -20.12
N TYR K 106 1.83 15.14 -19.47
CA TYR K 106 2.47 16.43 -19.23
C TYR K 106 3.53 16.31 -18.14
N PHE K 107 3.16 15.75 -17.01
CA PHE K 107 4.07 15.57 -15.88
C PHE K 107 4.93 14.33 -16.09
N SER K 108 6.23 14.46 -15.84
CA SER K 108 7.13 13.32 -15.96
C SER K 108 6.81 12.27 -14.90
N PRO K 109 6.63 11.01 -15.28
CA PRO K 109 6.43 9.95 -14.27
C PRO K 109 7.66 9.77 -13.40
N THR K 110 7.42 9.31 -12.17
CA THR K 110 8.48 9.16 -11.17
C THR K 110 8.72 7.71 -10.72
N VAL K 111 8.07 6.73 -11.36
CA VAL K 111 8.30 5.33 -10.99
C VAL K 111 8.93 4.60 -12.16
N PRO K 112 9.88 3.67 -11.90
CA PRO K 112 10.61 3.01 -12.99
C PRO K 112 9.75 2.29 -14.02
N ASP K 113 8.62 1.68 -13.63
CA ASP K 113 7.84 0.90 -14.58
C ASP K 113 7.20 1.76 -15.68
N ARG K 114 7.21 3.08 -15.54
CA ARG K 114 6.66 3.98 -16.55
C ARG K 114 7.68 4.36 -17.61
N TYR K 115 8.90 3.83 -17.55
CA TYR K 115 9.94 4.10 -18.54
C TYR K 115 10.28 2.83 -19.31
N ASP K 116 10.60 3.00 -20.60
CA ASP K 116 10.75 1.87 -21.52
C ASP K 116 12.19 1.52 -21.84
N TYR K 117 13.10 2.49 -21.87
CA TYR K 117 14.49 2.27 -22.23
C TYR K 117 15.39 2.74 -21.10
N TRP K 118 16.50 2.03 -20.90
CA TRP K 118 17.40 2.31 -19.79
C TRP K 118 18.84 2.29 -20.30
N GLY K 119 19.66 3.19 -19.77
CA GLY K 119 21.09 3.16 -20.05
C GLY K 119 21.82 2.43 -18.94
N GLN K 120 23.08 2.12 -19.21
CA GLN K 120 23.91 1.49 -18.19
C GLN K 120 24.15 2.44 -17.03
N GLY K 121 24.25 1.87 -15.83
CA GLY K 121 24.39 2.69 -14.64
C GLY K 121 25.73 3.41 -14.63
N THR K 122 25.69 4.67 -14.18
CA THR K 122 26.87 5.48 -14.01
C THR K 122 27.09 5.69 -12.52
N GLN K 123 28.25 5.29 -12.02
CA GLN K 123 28.54 5.39 -10.59
C GLN K 123 28.99 6.80 -10.24
N VAL K 124 28.40 7.36 -9.20
CA VAL K 124 28.78 8.64 -8.63
C VAL K 124 29.11 8.41 -7.16
N THR K 125 30.30 8.83 -6.76
CA THR K 125 30.75 8.66 -5.37
C THR K 125 31.16 10.01 -4.81
N VAL K 126 30.55 10.39 -3.70
CA VAL K 126 30.87 11.62 -2.97
C VAL K 126 31.53 11.19 -1.67
N SER K 127 32.81 11.53 -1.52
CA SER K 127 33.61 11.06 -0.41
C SER K 127 34.10 12.24 0.41
N SER K 128 34.02 12.13 1.74
CA SER K 128 34.42 13.23 2.60
C SER K 128 35.93 13.16 2.77
N ALA K 129 36.64 13.87 1.89
CA ALA K 129 38.10 13.97 1.90
C ALA K 129 38.75 12.60 2.12
N ALA K 130 38.30 11.61 1.36
CA ALA K 130 38.82 10.26 1.39
C ALA K 130 39.20 9.78 0.00
N ALA K 131 39.82 10.66 -0.78
CA ALA K 131 40.22 10.32 -2.14
C ALA K 131 41.50 11.07 -2.53
N ASN L 1 -0.58 40.98 -12.58
CA ASN L 1 0.24 40.83 -13.77
C ASN L 1 0.47 39.34 -14.08
N VAL L 2 1.41 39.01 -14.97
CA VAL L 2 1.57 37.61 -15.39
C VAL L 2 2.01 36.73 -14.22
N THR L 3 3.00 37.19 -13.46
CA THR L 3 3.48 36.41 -12.31
C THR L 3 2.38 36.23 -11.28
N GLN L 4 1.62 37.28 -10.99
CA GLN L 4 0.57 37.19 -9.99
C GLN L 4 -0.50 36.20 -10.39
N ALA L 5 -0.83 36.15 -11.69
CA ALA L 5 -1.88 35.28 -12.15
C ALA L 5 -1.36 33.87 -12.44
N PHE L 6 -0.23 33.76 -13.09
CA PHE L 6 0.25 32.46 -13.56
C PHE L 6 1.54 32.00 -12.91
N GLY L 7 2.34 32.91 -12.37
CA GLY L 7 3.57 32.56 -11.69
C GLY L 7 4.78 33.02 -12.48
N ARG L 8 5.95 32.81 -11.86
CA ARG L 8 7.23 33.20 -12.47
C ARG L 8 7.54 32.34 -13.70
N ARG L 9 8.12 32.98 -14.71
CA ARG L 9 8.56 32.24 -15.90
C ARG L 9 9.80 31.42 -15.57
N GLY L 10 9.79 30.16 -15.99
CA GLY L 10 10.86 29.25 -15.65
C GLY L 10 10.89 27.98 -16.48
N PRO L 11 11.83 27.09 -16.16
CA PRO L 11 12.00 25.85 -16.92
C PRO L 11 11.25 24.63 -16.39
N GLU L 12 10.57 24.72 -15.25
CA GLU L 12 9.96 23.54 -14.64
C GLU L 12 8.57 23.27 -15.23
N GLN L 13 8.12 22.03 -15.05
CA GLN L 13 6.83 21.62 -15.58
C GLN L 13 5.66 22.35 -14.93
N THR L 14 5.85 22.90 -13.73
CA THR L 14 4.82 23.67 -13.05
C THR L 14 4.84 25.14 -13.45
N GLN L 15 5.59 25.51 -14.49
CA GLN L 15 5.79 26.91 -14.85
C GLN L 15 5.59 27.11 -16.35
N GLY L 16 5.13 28.31 -16.71
CA GLY L 16 5.13 28.73 -18.09
C GLY L 16 6.46 29.35 -18.47
N ASN L 17 6.72 29.44 -19.76
CA ASN L 17 8.01 29.93 -20.25
C ASN L 17 7.86 31.11 -21.19
N PHE L 18 6.65 31.66 -21.34
CA PHE L 18 6.37 32.68 -22.32
C PHE L 18 6.26 34.04 -21.62
N GLY L 19 6.97 35.04 -22.15
CA GLY L 19 6.81 36.39 -21.64
C GLY L 19 8.10 37.08 -21.24
N ASP L 20 8.35 38.26 -21.82
CA ASP L 20 9.48 39.08 -21.41
C ASP L 20 9.08 39.98 -20.24
N GLN L 21 10.04 40.81 -19.81
CA GLN L 21 9.81 41.71 -18.68
C GLN L 21 8.63 42.65 -18.95
N GLU L 22 8.48 43.11 -20.19
CA GLU L 22 7.38 44.01 -20.52
C GLU L 22 6.03 43.31 -20.38
N LEU L 23 5.90 42.13 -20.99
CA LEU L 23 4.64 41.39 -20.94
C LEU L 23 4.28 40.97 -19.53
N ILE L 24 5.28 40.54 -18.74
CA ILE L 24 5.01 40.12 -17.36
C ILE L 24 4.37 41.25 -16.57
N ARG L 25 4.93 42.46 -16.69
CA ARG L 25 4.45 43.58 -15.90
C ARG L 25 3.06 44.03 -16.31
N GLN L 26 2.78 44.08 -17.62
CA GLN L 26 1.52 44.64 -18.10
C GLN L 26 0.42 43.60 -18.31
N GLY L 27 0.74 42.52 -19.02
CA GLY L 27 -0.29 41.54 -19.33
C GLY L 27 -1.08 41.98 -20.55
N THR L 28 -2.40 42.13 -20.41
CA THR L 28 -3.21 42.59 -21.54
C THR L 28 -2.91 44.03 -21.92
N ASP L 29 -2.34 44.82 -21.00
CA ASP L 29 -1.95 46.19 -21.30
C ASP L 29 -0.64 46.24 -22.09
N TYR L 30 0.01 45.11 -22.29
CA TYR L 30 1.19 45.05 -23.14
C TYR L 30 0.85 45.51 -24.54
N LYS L 31 1.76 46.29 -25.12
CA LYS L 31 1.49 46.92 -26.42
C LYS L 31 1.23 45.90 -27.53
N HIS L 32 1.89 44.74 -27.49
CA HIS L 32 1.78 43.82 -28.61
C HIS L 32 0.88 42.63 -28.29
N TRP L 33 0.04 42.73 -27.27
CA TRP L 33 -0.82 41.60 -26.91
C TRP L 33 -1.81 41.23 -28.01
N PRO L 34 -2.48 42.17 -28.70
CA PRO L 34 -3.36 41.76 -29.82
C PRO L 34 -2.64 40.89 -30.84
N GLN L 35 -1.37 41.17 -31.11
CA GLN L 35 -0.60 40.36 -32.05
C GLN L 35 -0.34 38.96 -31.51
N ILE L 36 -0.24 38.82 -30.18
CA ILE L 36 -0.04 37.51 -29.57
C ILE L 36 -1.36 36.75 -29.44
N ALA L 37 -2.42 37.43 -28.99
CA ALA L 37 -3.69 36.77 -28.71
C ALA L 37 -4.33 36.13 -29.95
N GLN L 38 -3.95 36.57 -31.15
CA GLN L 38 -4.57 36.01 -32.36
C GLN L 38 -4.28 34.52 -32.50
N PHE L 39 -3.16 34.06 -31.97
CA PHE L 39 -2.77 32.66 -32.09
C PHE L 39 -3.36 31.78 -30.99
N ALA L 40 -3.84 32.37 -29.90
CA ALA L 40 -4.44 31.58 -28.83
C ALA L 40 -5.73 30.92 -29.33
N PRO L 41 -5.90 29.62 -29.13
CA PRO L 41 -7.08 28.93 -29.66
C PRO L 41 -8.32 29.20 -28.81
N SER L 42 -9.46 29.22 -29.48
CA SER L 42 -10.74 29.29 -28.80
C SER L 42 -11.04 27.97 -28.08
N ALA L 43 -12.11 27.99 -27.28
CA ALA L 43 -12.51 26.80 -26.55
C ALA L 43 -12.74 25.62 -27.49
N SER L 44 -13.49 25.86 -28.58
CA SER L 44 -13.75 24.80 -29.56
C SER L 44 -12.46 24.33 -30.22
N ALA L 45 -11.58 25.27 -30.59
CA ALA L 45 -10.31 24.89 -31.21
C ALA L 45 -9.41 24.16 -30.22
N PHE L 46 -9.37 24.61 -28.97
CA PHE L 46 -8.51 23.97 -27.97
C PHE L 46 -8.86 22.50 -27.81
N PHE L 47 -10.14 22.19 -27.65
CA PHE L 47 -10.57 20.81 -27.48
C PHE L 47 -10.63 20.06 -28.81
N GLY L 48 -10.52 20.74 -29.95
CA GLY L 48 -10.66 20.09 -31.23
C GLY L 48 -9.39 19.57 -31.91
N MET L 49 -8.30 20.33 -31.87
CA MET L 49 -7.06 19.94 -32.53
C MET L 49 -5.98 19.48 -31.55
N SER L 50 -6.22 19.59 -30.24
CA SER L 50 -5.21 19.27 -29.25
C SER L 50 -5.40 17.86 -28.73
N ARG L 51 -4.31 17.32 -28.17
CA ARG L 51 -4.32 16.03 -27.47
C ARG L 51 -4.55 16.30 -25.98
N ILE L 52 -5.70 15.86 -25.47
CA ILE L 52 -6.12 16.18 -24.10
C ILE L 52 -5.92 14.97 -23.20
N GLY L 53 -5.61 15.24 -21.93
CA GLY L 53 -5.40 14.18 -20.97
C GLY L 53 -5.84 14.53 -19.56
N MET L 54 -6.03 13.49 -18.76
CA MET L 54 -6.39 13.61 -17.34
C MET L 54 -5.29 12.95 -16.51
N GLU L 55 -4.59 13.73 -15.70
CA GLU L 55 -3.43 13.26 -14.98
C GLU L 55 -3.59 13.52 -13.48
N VAL L 56 -3.57 12.46 -12.68
CA VAL L 56 -3.67 12.55 -11.23
C VAL L 56 -2.28 12.38 -10.65
N THR L 57 -1.80 13.42 -9.99
CA THR L 57 -0.46 13.47 -9.38
C THR L 57 -0.62 13.83 -7.92
N PRO L 58 0.45 13.75 -7.13
CA PRO L 58 0.38 14.24 -5.74
C PRO L 58 -0.12 15.67 -5.64
N SER L 59 0.14 16.51 -6.64
CA SER L 59 -0.33 17.89 -6.59
C SER L 59 -1.83 18.01 -6.84
N GLY L 60 -2.43 17.04 -7.53
CA GLY L 60 -3.87 17.05 -7.72
C GLY L 60 -4.24 16.45 -9.06
N THR L 61 -5.46 16.73 -9.48
CA THR L 61 -6.00 16.28 -10.76
C THR L 61 -5.86 17.41 -11.79
N TRP L 62 -5.33 17.08 -12.96
CA TRP L 62 -4.98 18.07 -13.96
C TRP L 62 -5.54 17.69 -15.32
N LEU L 63 -6.10 18.68 -16.02
CA LEU L 63 -6.49 18.53 -17.42
C LEU L 63 -5.32 19.02 -18.27
N THR L 64 -4.63 18.10 -18.93
CA THR L 64 -3.42 18.39 -19.66
C THR L 64 -3.69 18.44 -21.16
N TYR L 65 -2.79 19.10 -21.90
CA TYR L 65 -2.98 19.31 -23.33
C TYR L 65 -1.65 19.48 -24.04
N THR L 66 -1.64 19.12 -25.32
CA THR L 66 -0.50 19.35 -26.21
C THR L 66 -0.99 19.50 -27.64
N GLY L 67 -0.33 20.37 -28.41
CA GLY L 67 -0.74 20.63 -29.77
C GLY L 67 0.23 21.57 -30.46
N ALA L 68 -0.12 21.95 -31.69
CA ALA L 68 0.72 22.86 -32.47
C ALA L 68 -0.15 23.68 -33.41
N ILE L 69 0.14 24.99 -33.48
CA ILE L 69 -0.59 25.94 -34.31
C ILE L 69 0.37 26.51 -35.36
N LYS L 70 0.06 26.27 -36.65
CA LYS L 70 0.87 26.80 -37.75
C LYS L 70 0.65 28.28 -37.98
N LEU L 71 1.74 29.03 -38.10
CA LEU L 71 1.67 30.42 -38.50
C LEU L 71 1.64 30.47 -40.02
N ASP L 72 0.69 31.22 -40.59
CA ASP L 72 0.52 31.26 -42.03
C ASP L 72 1.70 31.97 -42.67
N ASP L 73 2.45 31.26 -43.52
CA ASP L 73 3.57 31.88 -44.21
C ASP L 73 3.13 33.00 -45.14
N LYS L 74 1.84 33.10 -45.43
CA LYS L 74 1.30 34.10 -46.34
C LYS L 74 0.88 35.38 -45.64
N ASP L 75 1.03 35.46 -44.32
CA ASP L 75 0.70 36.69 -43.60
C ASP L 75 1.73 37.76 -43.94
N PRO L 76 1.31 38.99 -44.26
CA PRO L 76 2.28 40.03 -44.61
C PRO L 76 3.28 40.32 -43.51
N ASN L 77 2.88 40.19 -42.24
CA ASN L 77 3.75 40.41 -41.10
C ASN L 77 4.22 39.09 -40.47
N PHE L 78 4.23 38.01 -41.26
CA PHE L 78 4.70 36.72 -40.76
C PHE L 78 6.09 36.87 -40.15
N LYS L 79 6.92 37.72 -40.75
CA LYS L 79 8.25 37.97 -40.22
C LYS L 79 8.18 38.60 -38.84
N ASP L 80 7.27 39.56 -38.66
CA ASP L 80 7.11 40.21 -37.35
C ASP L 80 6.55 39.24 -36.31
N GLN L 81 5.65 38.34 -36.73
CA GLN L 81 5.07 37.40 -35.78
C GLN L 81 6.13 36.50 -35.16
N VAL L 82 7.03 35.96 -35.97
CA VAL L 82 8.09 35.10 -35.47
C VAL L 82 9.00 35.88 -34.52
N ILE L 83 9.38 37.10 -34.91
CA ILE L 83 10.26 37.92 -34.08
C ILE L 83 9.61 38.20 -32.73
N LEU L 84 8.32 38.57 -32.75
CA LEU L 84 7.62 38.89 -31.51
C LEU L 84 7.54 37.68 -30.59
N LEU L 85 7.19 36.52 -31.16
CA LEU L 85 7.07 35.32 -30.34
C LEU L 85 8.43 34.88 -29.79
N ASN L 86 9.48 34.90 -30.63
CA ASN L 86 10.81 34.55 -30.13
C ASN L 86 11.28 35.54 -29.08
N LYS L 87 10.80 36.78 -29.12
CA LYS L 87 11.16 37.76 -28.11
C LYS L 87 10.60 37.37 -26.74
N HIS L 88 9.50 36.61 -26.73
CA HIS L 88 8.87 36.20 -25.49
C HIS L 88 9.09 34.73 -25.13
N ILE L 89 9.41 33.88 -26.09
CA ILE L 89 9.65 32.47 -25.79
C ILE L 89 10.96 32.33 -25.02
N ASP L 90 10.89 31.76 -23.82
CA ASP L 90 12.06 31.50 -22.99
C ASP L 90 12.87 32.77 -22.72
N ALA L 91 12.17 33.90 -22.61
CA ALA L 91 12.86 35.16 -22.36
C ALA L 91 13.39 35.26 -20.93
N TYR L 92 12.82 34.49 -20.01
CA TYR L 92 13.25 34.54 -18.60
C TYR L 92 14.72 34.18 -18.40
N LYS L 93 15.33 33.47 -19.36
CA LYS L 93 16.73 33.09 -19.22
C LYS L 93 17.65 34.30 -19.28
N THR L 94 17.22 35.36 -19.93
CA THR L 94 18.03 36.54 -20.14
C THR L 94 17.76 37.64 -19.12
N PHE L 95 16.87 37.39 -18.17
CA PHE L 95 16.55 38.36 -17.15
C PHE L 95 17.71 38.46 -16.16
N PRO L 96 17.96 39.65 -15.60
CA PRO L 96 19.06 39.70 -14.63
C PRO L 96 18.62 39.15 -13.28
#